data_8XHK
#
_entry.id   8XHK
#
_cell.length_a   65.110
_cell.length_b   110.590
_cell.length_c   354.667
_cell.angle_alpha   90.000
_cell.angle_beta   90.000
_cell.angle_gamma   90.000
#
_symmetry.space_group_name_H-M   'P 2 21 21'
#
loop_
_entity.id
_entity.type
_entity.pdbx_description
1 polymer 'Aminotransferase class I/II-fold pyridoxal phosphate-dependent enzyme'
2 non-polymer "PYRIDOXAL-5'-PHOSPHATE"
3 non-polymer '(5-HYDROXY-4,6-DIMETHYLPYRIDIN-3-YL)METHYL DIHYDROGEN PHOSPHATE'
4 water water
#
_entity_poly.entity_id   1
_entity_poly.type   'polypeptide(L)'
_entity_poly.pdbx_seq_one_letter_code
;VKKLRHLSDGYWDSAARLGVHGAVLQAVPGGRLSAPDGRVAVNMSSYSYLGLDESPRIIDAAIAALRSNMVLNSSLGRVR
MTLPLLEEAECALGDLFGADVATLNSCSAAAWATLPVLASGLLTDGVAPVMVFDKRAHFCMASLKSLCADETRVETIRHN
DVDALADICRKNKRVAYVCDSVYSTGGTLAPLEELFALQKEFGLFLYFDEAHSTSVIGDMGRGYVLDRMGAINDSTMLIT
SLNKGFGASGGAIVFGPRDDDRKRKIIQRSSGPLMWSQRLNTPALGAIIESAKLHRSEALPELQAKLHSNIALFDGLVRA
AGQGNSVPIRYLELGSEVDTLEASAYLFDNGFYVEPDFFPIVSRGAAGLRARIRSSMSTADIEQFAHVWHKLGVDKQ
;
_entity_poly.pdbx_strand_id   C,A,B,D,E,F
#
# COMPACT_ATOMS: atom_id res chain seq x y z
N LYS A 3 2.39 1.83 -27.11
CA LYS A 3 2.02 0.62 -26.38
C LYS A 3 1.83 0.94 -24.90
N LEU A 4 2.63 1.89 -24.39
CA LEU A 4 2.57 2.28 -22.99
C LEU A 4 1.17 2.71 -22.56
N ARG A 5 0.29 3.01 -23.52
CA ARG A 5 -1.11 3.29 -23.23
C ARG A 5 -1.84 2.07 -22.68
N HIS A 6 -1.23 0.88 -22.74
CA HIS A 6 -1.90 -0.33 -22.29
C HIS A 6 -2.33 -0.22 -20.83
N LEU A 7 -1.41 0.18 -19.95
CA LEU A 7 -1.69 0.30 -18.53
C LEU A 7 -2.13 1.71 -18.13
N SER A 8 -1.74 2.73 -18.92
CA SER A 8 -2.13 4.11 -18.60
C SER A 8 -3.64 4.25 -18.56
N ASP A 9 -4.31 3.96 -19.67
CA ASP A 9 -5.77 3.97 -19.68
C ASP A 9 -6.36 2.87 -18.81
N GLY A 10 -5.56 1.87 -18.45
CA GLY A 10 -6.06 0.85 -17.53
C GLY A 10 -6.41 1.41 -16.17
N TYR A 11 -5.67 2.42 -15.71
CA TYR A 11 -6.02 3.07 -14.45
C TYR A 11 -7.27 3.94 -14.61
N TRP A 12 -7.40 4.63 -15.74
CA TRP A 12 -8.56 5.48 -15.99
C TRP A 12 -9.86 4.70 -15.84
N ASP A 13 -9.90 3.48 -16.37
CA ASP A 13 -11.10 2.67 -16.23
C ASP A 13 -11.30 2.22 -14.78
N SER A 14 -10.21 1.94 -14.07
CA SER A 14 -10.32 1.64 -12.65
C SER A 14 -10.74 2.87 -11.85
N ALA A 15 -10.40 4.07 -12.34
CA ALA A 15 -10.80 5.29 -11.66
C ALA A 15 -12.27 5.60 -11.88
N ALA A 16 -12.78 5.35 -13.08
CA ALA A 16 -14.19 5.62 -13.36
C ALA A 16 -15.10 4.57 -12.72
N ARG A 17 -14.57 3.36 -12.51
CA ARG A 17 -15.39 2.29 -11.94
C ARG A 17 -15.74 2.58 -10.48
N LEU A 18 -14.75 2.97 -9.68
CA LEU A 18 -14.98 3.22 -8.27
C LEU A 18 -15.79 4.48 -7.99
N GLY A 19 -16.02 5.31 -9.01
CA GLY A 19 -16.81 6.52 -8.83
C GLY A 19 -16.06 7.69 -8.25
N VAL A 20 -14.72 7.68 -8.30
CA VAL A 20 -13.90 8.76 -7.79
C VAL A 20 -13.22 9.53 -8.92
N HIS A 21 -13.63 9.29 -10.17
CA HIS A 21 -13.10 10.02 -11.31
C HIS A 21 -14.08 9.88 -12.46
N GLY A 22 -14.39 11.01 -13.12
CA GLY A 22 -15.34 10.98 -14.21
C GLY A 22 -16.75 10.64 -13.80
N ALA A 23 -17.18 11.05 -12.60
CA ALA A 23 -18.51 10.81 -12.09
C ALA A 23 -19.29 12.12 -12.06
N VAL A 24 -20.48 12.07 -11.46
CA VAL A 24 -21.44 13.18 -11.48
C VAL A 24 -21.87 13.48 -10.07
N LEU A 25 -21.60 14.69 -9.60
CA LEU A 25 -21.99 15.14 -8.27
C LEU A 25 -22.58 16.54 -8.36
N GLN A 26 -23.45 16.86 -7.41
CA GLN A 26 -24.16 18.14 -7.38
C GLN A 26 -23.54 19.07 -6.35
N ALA A 27 -23.51 20.36 -6.68
CA ALA A 27 -22.94 21.37 -5.78
C ALA A 27 -23.93 21.72 -4.68
N VAL A 28 -23.46 21.68 -3.43
CA VAL A 28 -24.29 21.93 -2.25
C VAL A 28 -23.60 23.02 -1.44
N PRO A 29 -24.36 23.94 -0.82
CA PRO A 29 -23.72 25.02 -0.05
C PRO A 29 -22.77 24.48 1.02
N GLY A 30 -21.69 25.21 1.24
CA GLY A 30 -20.67 24.82 2.19
C GLY A 30 -19.48 24.09 1.61
N GLY A 31 -19.22 24.25 0.31
CA GLY A 31 -18.15 23.49 -0.32
C GLY A 31 -18.39 22.00 -0.29
N ARG A 32 -19.63 21.58 -0.54
CA ARG A 32 -20.02 20.19 -0.38
C ARG A 32 -20.62 19.64 -1.66
N LEU A 33 -20.34 18.37 -1.92
CA LEU A 33 -20.83 17.65 -3.09
C LEU A 33 -21.82 16.58 -2.64
N SER A 34 -22.90 16.41 -3.41
CA SER A 34 -23.93 15.43 -3.10
C SER A 34 -24.10 14.49 -4.28
N ALA A 35 -24.10 13.19 -3.99
CA ALA A 35 -24.35 12.16 -4.99
C ALA A 35 -25.85 11.96 -5.17
N PRO A 36 -26.27 11.32 -6.26
CA PRO A 36 -27.71 11.03 -6.42
C PRO A 36 -28.29 10.20 -5.30
N ASP A 37 -27.50 9.29 -4.74
CA ASP A 37 -27.99 8.41 -3.67
C ASP A 37 -28.18 9.13 -2.34
N GLY A 38 -27.72 10.37 -2.21
CA GLY A 38 -27.91 11.15 -1.01
C GLY A 38 -26.66 11.40 -0.19
N ARG A 39 -25.53 10.81 -0.56
CA ARG A 39 -24.30 11.03 0.19
C ARG A 39 -23.81 12.45 -0.02
N VAL A 40 -23.52 13.14 1.08
CA VAL A 40 -22.97 14.49 1.06
C VAL A 40 -21.54 14.44 1.58
N ALA A 41 -20.61 15.02 0.82
CA ALA A 41 -19.20 15.04 1.19
C ALA A 41 -18.67 16.46 1.07
N VAL A 42 -17.59 16.72 1.79
CA VAL A 42 -16.91 18.01 1.72
C VAL A 42 -15.83 17.95 0.64
N ASN A 43 -15.88 18.90 -0.29
CA ASN A 43 -14.94 18.93 -1.40
C ASN A 43 -13.59 19.43 -0.92
N MET A 44 -12.57 18.58 -1.01
CA MET A 44 -11.23 18.91 -0.53
C MET A 44 -10.26 19.21 -1.68
N SER A 45 -10.78 19.49 -2.88
CA SER A 45 -9.91 19.73 -4.02
C SER A 45 -10.41 20.88 -4.90
N SER A 46 -11.31 21.72 -4.39
CA SER A 46 -11.87 22.80 -5.19
C SER A 46 -10.82 23.86 -5.48
N TYR A 47 -10.78 24.30 -6.75
CA TYR A 47 -9.87 25.36 -7.15
C TYR A 47 -10.30 26.74 -6.64
N SER A 48 -11.54 26.89 -6.18
CA SER A 48 -12.01 28.17 -5.68
C SER A 48 -11.37 28.49 -4.32
N TYR A 49 -10.17 29.06 -4.35
CA TYR A 49 -9.35 29.17 -3.15
C TYR A 49 -9.95 30.10 -2.10
N LEU A 50 -10.82 31.03 -2.48
CA LEU A 50 -11.41 31.97 -1.54
C LEU A 50 -12.88 31.68 -1.26
N GLY A 51 -13.43 30.60 -1.81
CA GLY A 51 -14.84 30.33 -1.67
C GLY A 51 -15.75 31.28 -2.42
N LEU A 52 -15.21 32.04 -3.38
CA LEU A 52 -16.02 33.01 -4.10
C LEU A 52 -16.98 32.36 -5.09
N ASP A 53 -16.84 31.06 -5.36
CA ASP A 53 -17.81 30.38 -6.20
C ASP A 53 -19.16 30.23 -5.50
N GLU A 54 -19.18 30.35 -4.17
CA GLU A 54 -20.42 30.30 -3.40
C GLU A 54 -20.80 31.67 -2.87
N SER A 55 -20.19 32.74 -3.37
CA SER A 55 -20.54 34.08 -2.93
C SER A 55 -21.92 34.46 -3.42
N PRO A 56 -22.87 34.78 -2.55
CA PRO A 56 -24.20 35.18 -3.03
C PRO A 56 -24.18 36.49 -3.79
N ARG A 57 -23.24 37.40 -3.49
CA ARG A 57 -23.13 38.64 -4.24
C ARG A 57 -22.77 38.38 -5.69
N ILE A 58 -21.81 37.48 -5.92
CA ILE A 58 -21.33 37.22 -7.27
C ILE A 58 -22.41 36.52 -8.11
N ILE A 59 -23.10 35.55 -7.51
CA ILE A 59 -24.13 34.82 -8.25
C ILE A 59 -25.27 35.75 -8.63
N ASP A 60 -25.69 36.63 -7.72
CA ASP A 60 -26.76 37.56 -8.03
C ASP A 60 -26.36 38.51 -9.14
N ALA A 61 -25.10 38.95 -9.15
CA ALA A 61 -24.65 39.88 -10.19
C ALA A 61 -24.62 39.21 -11.55
N ALA A 62 -24.27 37.93 -11.61
CA ALA A 62 -24.30 37.20 -12.88
C ALA A 62 -25.72 37.13 -13.41
N ILE A 63 -26.69 36.83 -12.55
CA ILE A 63 -28.09 36.78 -12.98
C ILE A 63 -28.60 38.16 -13.32
N ALA A 64 -28.20 39.18 -12.54
CA ALA A 64 -28.66 40.54 -12.79
C ALA A 64 -28.16 41.03 -14.15
N ALA A 65 -26.93 40.68 -14.53
CA ALA A 65 -26.42 41.09 -15.82
C ALA A 65 -27.17 40.40 -16.96
N LEU A 66 -27.56 39.14 -16.74
CA LEU A 66 -28.30 38.41 -17.78
C LEU A 66 -29.74 38.89 -17.89
N ARG A 67 -30.37 39.26 -16.77
CA ARG A 67 -31.71 39.81 -16.84
C ARG A 67 -31.74 41.18 -17.50
N SER A 68 -30.69 41.97 -17.32
CA SER A 68 -30.68 43.34 -17.83
C SER A 68 -30.43 43.37 -19.33
N ASN A 69 -29.36 42.73 -19.79
CA ASN A 69 -29.03 42.72 -21.21
C ASN A 69 -29.94 41.80 -22.02
N MET A 70 -30.53 40.79 -21.39
CA MET A 70 -31.45 39.86 -22.04
C MET A 70 -30.82 39.11 -23.19
N VAL A 71 -29.49 39.07 -23.26
CA VAL A 71 -28.76 38.34 -24.29
C VAL A 71 -27.56 37.66 -23.64
N LEU A 72 -27.16 36.52 -24.21
CA LEU A 72 -25.96 35.83 -23.76
C LEU A 72 -24.70 36.45 -24.35
N ASN A 73 -24.70 36.68 -25.66
CA ASN A 73 -23.52 37.19 -26.33
C ASN A 73 -23.27 38.65 -25.99
N SER A 74 -22.03 38.96 -25.62
CA SER A 74 -21.53 40.33 -25.46
C SER A 74 -20.90 40.83 -26.76
N SER A 75 -21.52 40.50 -27.90
CA SER A 75 -21.01 40.66 -29.26
C SER A 75 -19.93 39.64 -29.59
N LEU A 76 -19.93 38.49 -28.94
CA LEU A 76 -19.03 37.40 -29.26
C LEU A 76 -19.55 36.59 -30.44
N GLY A 77 -18.61 36.03 -31.22
CA GLY A 77 -18.97 35.35 -32.45
C GLY A 77 -19.91 36.17 -33.28
N ARG A 78 -19.74 37.50 -33.23
CA ARG A 78 -20.63 38.43 -33.89
C ARG A 78 -19.87 39.62 -34.42
N VAL A 79 -20.15 40.79 -33.85
CA VAL A 79 -19.62 42.03 -34.35
C VAL A 79 -18.42 42.46 -33.53
N ARG A 80 -17.57 43.27 -34.16
CA ARG A 80 -16.41 43.88 -33.49
C ARG A 80 -16.82 44.91 -32.45
N MET A 81 -18.08 45.31 -32.42
CA MET A 81 -18.59 46.13 -31.33
C MET A 81 -18.59 45.32 -30.04
N THR A 82 -19.04 45.95 -28.95
CA THR A 82 -19.03 45.29 -27.66
C THR A 82 -20.08 45.92 -26.76
N LEU A 83 -20.64 45.11 -25.87
CA LEU A 83 -21.60 45.61 -24.90
C LEU A 83 -20.91 46.49 -23.87
N PRO A 84 -21.63 47.47 -23.30
CA PRO A 84 -21.05 48.23 -22.17
C PRO A 84 -20.66 47.33 -21.02
N LEU A 85 -21.33 46.18 -20.86
CA LEU A 85 -20.96 45.24 -19.81
C LEU A 85 -19.52 44.78 -19.97
N LEU A 86 -19.10 44.49 -21.20
CA LEU A 86 -17.74 44.00 -21.41
C LEU A 86 -16.71 45.09 -21.13
N GLU A 87 -17.04 46.35 -21.46
CA GLU A 87 -16.13 47.43 -21.12
C GLU A 87 -16.06 47.65 -19.61
N GLU A 88 -17.22 47.68 -18.95
CA GLU A 88 -17.25 47.80 -17.51
C GLU A 88 -16.50 46.66 -16.83
N ALA A 89 -16.51 45.48 -17.44
CA ALA A 89 -15.79 44.34 -16.87
C ALA A 89 -14.28 44.52 -17.02
N GLU A 90 -13.82 44.85 -18.24
CA GLU A 90 -12.40 45.06 -18.45
C GLU A 90 -11.90 46.33 -17.78
N CYS A 91 -12.78 47.31 -17.54
CA CYS A 91 -12.38 48.48 -16.75
C CYS A 91 -12.29 48.13 -15.28
N ALA A 92 -13.16 47.24 -14.80
CA ALA A 92 -13.08 46.79 -13.41
C ALA A 92 -11.78 46.04 -13.15
N LEU A 93 -11.44 45.09 -14.03
CA LEU A 93 -10.15 44.42 -13.90
C LEU A 93 -8.99 45.39 -14.09
N GLY A 94 -9.22 46.46 -14.86
CA GLY A 94 -8.18 47.47 -15.04
C GLY A 94 -7.90 48.24 -13.77
N ASP A 95 -8.96 48.64 -13.05
CA ASP A 95 -8.76 49.36 -11.79
C ASP A 95 -8.21 48.42 -10.71
N LEU A 96 -8.62 47.16 -10.73
CA LEU A 96 -8.13 46.20 -9.74
C LEU A 96 -6.65 45.95 -9.90
N PHE A 97 -6.22 45.59 -11.11
CA PHE A 97 -4.82 45.26 -11.35
C PHE A 97 -3.96 46.48 -11.61
N GLY A 98 -4.55 47.62 -11.95
CA GLY A 98 -3.78 48.78 -12.35
C GLY A 98 -3.07 48.53 -13.66
N ALA A 99 -3.81 48.06 -14.66
CA ALA A 99 -3.23 47.68 -15.94
C ALA A 99 -4.34 47.61 -16.98
N ASP A 100 -3.94 47.51 -18.25
CA ASP A 100 -4.89 47.31 -19.33
C ASP A 100 -5.19 45.82 -19.46
N VAL A 101 -6.45 45.44 -19.22
CA VAL A 101 -6.84 44.04 -19.15
C VAL A 101 -7.93 43.78 -20.18
N ALA A 102 -7.85 42.62 -20.85
CA ALA A 102 -8.87 42.16 -21.77
C ALA A 102 -9.33 40.78 -21.35
N THR A 103 -10.63 40.51 -21.51
CA THR A 103 -11.23 39.25 -21.10
C THR A 103 -11.30 38.28 -22.28
N LEU A 104 -11.11 37.00 -21.98
CA LEU A 104 -11.27 35.92 -22.95
C LEU A 104 -11.99 34.77 -22.28
N ASN A 105 -12.43 33.81 -23.09
CA ASN A 105 -13.23 32.70 -22.57
C ASN A 105 -12.44 31.74 -21.70
N SER A 106 -11.10 31.84 -21.69
CA SER A 106 -10.28 30.94 -20.87
C SER A 106 -8.86 31.48 -20.85
N CYS A 107 -8.12 31.10 -19.80
CA CYS A 107 -6.71 31.45 -19.74
C CYS A 107 -5.92 30.80 -20.87
N SER A 108 -6.35 29.62 -21.31
CA SER A 108 -5.69 28.97 -22.45
C SER A 108 -5.83 29.82 -23.71
N ALA A 109 -7.01 30.40 -23.94
CA ALA A 109 -7.19 31.28 -25.08
C ALA A 109 -6.32 32.52 -24.97
N ALA A 110 -5.97 32.93 -23.75
CA ALA A 110 -5.06 34.05 -23.59
C ALA A 110 -3.65 33.68 -24.04
N ALA A 111 -3.19 32.48 -23.69
CA ALA A 111 -1.87 32.04 -24.12
C ALA A 111 -1.80 31.91 -25.64
N TRP A 112 -2.86 31.39 -26.25
CA TRP A 112 -2.90 31.26 -27.70
C TRP A 112 -2.84 32.61 -28.40
N ALA A 113 -3.37 33.65 -27.76
CA ALA A 113 -3.43 34.99 -28.36
C ALA A 113 -2.21 35.84 -28.07
N THR A 114 -1.35 35.44 -27.14
CA THR A 114 -0.22 36.26 -26.71
C THR A 114 1.12 35.68 -27.10
N LEU A 115 1.38 34.41 -26.77
CA LEU A 115 2.69 33.81 -27.01
C LEU A 115 3.16 33.91 -28.46
N PRO A 116 2.36 33.60 -29.48
CA PRO A 116 2.87 33.71 -30.85
C PRO A 116 3.27 35.13 -31.23
N VAL A 117 2.40 36.12 -30.98
CA VAL A 117 2.74 37.48 -31.38
C VAL A 117 3.88 38.03 -30.53
N LEU A 118 4.05 37.50 -29.31
CA LEU A 118 5.21 37.88 -28.51
C LEU A 118 6.49 37.37 -29.15
N ALA A 119 6.45 36.17 -29.72
CA ALA A 119 7.59 35.63 -30.47
C ALA A 119 7.83 36.36 -31.78
N SER A 120 6.87 37.14 -32.26
CA SER A 120 7.02 37.87 -33.51
C SER A 120 7.76 39.18 -33.35
N GLY A 121 8.07 39.60 -32.12
CA GLY A 121 8.71 40.86 -31.88
C GLY A 121 7.79 42.07 -31.96
N LEU A 122 6.53 41.88 -32.36
CA LEU A 122 5.60 43.00 -32.39
C LEU A 122 5.39 43.63 -31.02
N LEU A 123 5.67 42.88 -29.96
CA LEU A 123 5.58 43.40 -28.60
C LEU A 123 6.91 43.89 -28.06
N THR A 124 8.01 43.66 -28.77
CA THR A 124 9.34 44.05 -28.34
C THR A 124 10.03 44.89 -29.40
N ASP A 125 9.30 45.87 -29.94
CA ASP A 125 9.85 46.86 -30.87
C ASP A 125 10.42 46.18 -32.13
N GLY A 126 9.62 45.30 -32.72
CA GLY A 126 10.01 44.62 -33.94
C GLY A 126 11.12 43.60 -33.79
N VAL A 127 11.88 43.62 -32.70
CA VAL A 127 12.97 42.68 -32.49
C VAL A 127 12.38 41.37 -31.99
N ALA A 128 12.43 40.33 -32.80
CA ALA A 128 11.93 39.02 -32.38
C ALA A 128 12.80 38.48 -31.25
N PRO A 129 12.26 38.30 -30.06
CA PRO A 129 13.07 37.87 -28.91
C PRO A 129 13.35 36.38 -28.95
N VAL A 130 14.16 35.93 -28.01
CA VAL A 130 14.43 34.50 -27.81
C VAL A 130 13.45 34.01 -26.75
N MET A 131 12.51 33.16 -27.15
CA MET A 131 11.48 32.67 -26.25
C MET A 131 12.07 31.59 -25.36
N VAL A 132 12.19 31.88 -24.07
CA VAL A 132 12.70 30.93 -23.08
C VAL A 132 11.52 30.45 -22.25
N PHE A 133 11.25 29.15 -22.32
CA PHE A 133 10.17 28.52 -21.58
C PHE A 133 10.73 27.75 -20.38
N ASP A 134 10.08 27.89 -19.23
CA ASP A 134 10.44 27.10 -18.07
C ASP A 134 9.97 25.66 -18.26
N LYS A 135 10.71 24.72 -17.67
CA LYS A 135 10.38 23.31 -17.80
C LYS A 135 9.03 22.99 -17.15
N ARG A 136 8.70 23.67 -16.05
CA ARG A 136 7.45 23.44 -15.33
C ARG A 136 6.35 24.41 -15.74
N ALA A 137 6.51 25.10 -16.87
CA ALA A 137 5.45 25.96 -17.37
C ALA A 137 4.21 25.13 -17.73
N HIS A 138 3.04 25.75 -17.59
CA HIS A 138 1.81 25.03 -17.79
C HIS A 138 1.67 24.59 -19.25
N PHE A 139 0.84 23.56 -19.45
CA PHE A 139 0.72 22.92 -20.75
C PHE A 139 0.00 23.79 -21.77
N CYS A 140 -0.84 24.72 -21.32
CA CYS A 140 -1.51 25.62 -22.25
C CYS A 140 -0.53 26.57 -22.93
N MET A 141 0.64 26.77 -22.33
CA MET A 141 1.71 27.57 -22.92
C MET A 141 2.76 26.72 -23.63
N ALA A 142 3.17 25.60 -23.02
CA ALA A 142 4.24 24.79 -23.58
C ALA A 142 3.82 24.07 -24.86
N SER A 143 2.54 23.77 -25.02
CA SER A 143 2.08 23.13 -26.24
C SER A 143 2.21 24.03 -27.45
N LEU A 144 2.34 25.34 -27.23
CA LEU A 144 2.49 26.31 -28.31
C LEU A 144 3.95 26.63 -28.61
N LYS A 145 4.89 25.83 -28.10
CA LYS A 145 6.31 26.09 -28.37
C LYS A 145 6.60 26.06 -29.86
N SER A 146 5.98 25.12 -30.58
CA SER A 146 6.20 25.04 -32.02
C SER A 146 5.60 26.23 -32.75
N LEU A 147 4.43 26.69 -32.31
CA LEU A 147 3.86 27.91 -32.87
C LEU A 147 4.77 29.11 -32.63
N CYS A 148 5.50 29.10 -31.51
CA CYS A 148 6.50 30.14 -31.27
C CYS A 148 7.76 29.91 -32.09
N ALA A 149 8.12 28.63 -32.30
CA ALA A 149 9.38 28.32 -32.98
C ALA A 149 9.37 28.76 -34.44
N ASP A 150 8.21 28.77 -35.09
CA ASP A 150 8.13 29.24 -36.46
C ASP A 150 8.41 30.73 -36.59
N GLU A 151 8.53 31.44 -35.47
CA GLU A 151 8.76 32.87 -35.49
C GLU A 151 10.12 33.29 -34.97
N THR A 152 10.72 32.49 -34.08
CA THR A 152 12.02 32.83 -33.51
C THR A 152 12.61 31.56 -32.89
N ARG A 153 13.62 31.73 -32.05
CA ARG A 153 14.30 30.61 -31.40
C ARG A 153 13.64 30.30 -30.06
N VAL A 154 13.38 29.03 -29.81
CA VAL A 154 12.77 28.57 -28.56
C VAL A 154 13.78 27.71 -27.82
N GLU A 155 13.96 27.99 -26.54
CA GLU A 155 14.88 27.25 -25.69
C GLU A 155 14.19 26.95 -24.37
N THR A 156 14.14 25.68 -24.00
CA THR A 156 13.54 25.24 -22.74
C THR A 156 14.65 25.01 -21.72
N ILE A 157 14.59 25.73 -20.61
CA ILE A 157 15.59 25.60 -19.54
C ILE A 157 14.95 24.85 -18.38
N ARG A 158 15.81 24.36 -17.50
CA ARG A 158 15.33 23.63 -16.32
C ARG A 158 14.70 24.60 -15.33
N HIS A 159 14.01 24.02 -14.33
CA HIS A 159 13.15 24.79 -13.44
C HIS A 159 13.94 25.82 -12.65
N ASN A 160 13.53 27.09 -12.76
CA ASN A 160 14.11 28.19 -11.99
C ASN A 160 15.62 28.31 -12.19
N ASP A 161 16.11 27.96 -13.38
CA ASP A 161 17.53 28.04 -13.68
C ASP A 161 17.85 29.48 -14.08
N VAL A 162 18.02 30.32 -13.07
CA VAL A 162 18.24 31.75 -13.30
C VAL A 162 19.59 31.98 -13.98
N ASP A 163 20.60 31.20 -13.63
CA ASP A 163 21.92 31.37 -14.21
C ASP A 163 21.92 31.04 -15.69
N ALA A 164 21.29 29.93 -16.07
CA ALA A 164 21.20 29.58 -17.48
C ALA A 164 20.38 30.59 -18.27
N LEU A 165 19.39 31.21 -17.64
CA LEU A 165 18.60 32.24 -18.32
C LEU A 165 19.43 33.50 -18.53
N ALA A 166 20.23 33.89 -17.54
CA ALA A 166 21.05 35.08 -17.67
C ALA A 166 22.09 34.92 -18.79
N ASP A 167 22.55 33.69 -19.02
CA ASP A 167 23.55 33.46 -20.05
C ASP A 167 22.98 33.74 -21.45
N ILE A 168 21.73 33.35 -21.68
CA ILE A 168 21.10 33.63 -22.96
C ILE A 168 20.86 35.13 -23.12
N CYS A 169 20.62 35.84 -22.01
CA CYS A 169 20.42 37.28 -22.07
C CYS A 169 21.69 38.03 -22.46
N ARG A 170 22.86 37.43 -22.24
CA ARG A 170 24.10 38.07 -22.64
C ARG A 170 24.41 37.81 -24.11
N LYS A 171 24.05 36.65 -24.63
CA LYS A 171 24.37 36.26 -25.99
C LYS A 171 23.32 36.68 -27.01
N ASN A 172 22.25 37.34 -26.57
CA ASN A 172 21.19 37.80 -27.47
C ASN A 172 20.73 39.17 -27.05
N LYS A 173 20.21 39.93 -28.02
CA LYS A 173 19.82 41.32 -27.75
C LYS A 173 18.49 41.40 -27.00
N ARG A 174 17.52 40.56 -27.35
CA ARG A 174 16.23 40.56 -26.69
C ARG A 174 15.83 39.13 -26.35
N VAL A 175 15.46 38.90 -25.10
CA VAL A 175 15.10 37.57 -24.60
C VAL A 175 13.82 37.69 -23.78
N ALA A 176 12.95 36.68 -23.86
CA ALA A 176 11.72 36.64 -23.08
C ALA A 176 11.64 35.33 -22.31
N TYR A 177 11.01 35.39 -21.13
CA TYR A 177 10.89 34.24 -20.23
C TYR A 177 9.42 33.97 -19.96
N VAL A 178 8.98 32.76 -20.28
CA VAL A 178 7.60 32.33 -20.09
C VAL A 178 7.56 31.31 -18.96
N CYS A 179 6.78 31.60 -17.92
CA CYS A 179 6.77 30.75 -16.73
C CYS A 179 5.47 30.96 -15.98
N ASP A 180 5.32 30.22 -14.89
CA ASP A 180 4.21 30.39 -13.96
C ASP A 180 4.66 31.24 -12.79
N SER A 181 3.75 32.08 -12.28
CA SER A 181 4.02 32.79 -11.03
C SER A 181 4.01 31.83 -9.86
N VAL A 182 3.08 30.88 -9.86
CA VAL A 182 2.94 29.87 -8.82
C VAL A 182 2.83 28.52 -9.49
N TYR A 183 3.64 27.56 -9.04
CA TYR A 183 3.64 26.22 -9.60
C TYR A 183 2.84 25.29 -8.69
N SER A 184 1.82 24.65 -9.25
CA SER A 184 0.95 23.78 -8.47
C SER A 184 1.72 22.57 -7.93
N THR A 185 2.20 21.72 -8.84
CA THR A 185 2.96 20.54 -8.46
C THR A 185 4.38 20.95 -8.13
N GLY A 186 4.72 20.98 -6.84
CA GLY A 186 6.04 21.35 -6.36
C GLY A 186 6.02 22.50 -5.37
N GLY A 187 4.99 23.34 -5.41
CA GLY A 187 4.89 24.48 -4.53
C GLY A 187 5.94 25.55 -4.71
N THR A 188 6.77 25.45 -5.75
CA THR A 188 7.81 26.44 -5.97
C THR A 188 7.22 27.74 -6.51
N LEU A 189 7.99 28.82 -6.42
CA LEU A 189 7.57 30.13 -6.90
C LEU A 189 8.59 30.69 -7.87
N ALA A 190 8.14 31.63 -8.69
CA ALA A 190 9.03 32.25 -9.67
C ALA A 190 10.03 33.15 -8.96
N PRO A 191 11.32 33.07 -9.29
CA PRO A 191 12.32 33.93 -8.63
C PRO A 191 12.17 35.39 -9.03
N LEU A 192 11.21 36.08 -8.41
CA LEU A 192 10.88 37.45 -8.83
C LEU A 192 12.07 38.39 -8.64
N GLU A 193 12.73 38.32 -7.49
CA GLU A 193 13.87 39.19 -7.24
C GLU A 193 14.99 38.93 -8.24
N GLU A 194 15.24 37.67 -8.57
CA GLU A 194 16.25 37.34 -9.57
C GLU A 194 15.78 37.74 -10.97
N LEU A 195 14.48 37.59 -11.26
CA LEU A 195 13.97 37.92 -12.58
C LEU A 195 13.85 39.43 -12.78
N PHE A 196 13.46 40.16 -11.74
CA PHE A 196 13.40 41.62 -11.85
C PHE A 196 14.79 42.23 -11.97
N ALA A 197 15.81 41.55 -11.44
CA ALA A 197 17.18 42.01 -11.63
C ALA A 197 17.62 41.84 -13.08
N LEU A 198 17.32 40.68 -13.67
CA LEU A 198 17.63 40.47 -15.08
C LEU A 198 16.83 41.42 -15.97
N GLN A 199 15.59 41.72 -15.58
CA GLN A 199 14.77 42.63 -16.38
C GLN A 199 15.32 44.05 -16.34
N LYS A 200 15.81 44.48 -15.17
CA LYS A 200 16.36 45.83 -15.06
C LYS A 200 17.68 45.98 -15.78
N GLU A 201 18.41 44.88 -16.01
CA GLU A 201 19.71 44.95 -16.68
C GLU A 201 19.56 44.71 -18.17
N PHE A 202 19.17 43.50 -18.56
CA PHE A 202 19.14 43.10 -19.96
C PHE A 202 17.82 43.47 -20.66
N GLY A 203 16.83 43.96 -19.93
CA GLY A 203 15.53 44.19 -20.53
C GLY A 203 14.76 42.92 -20.83
N LEU A 204 14.96 41.88 -20.03
CA LEU A 204 14.29 40.61 -20.26
C LEU A 204 12.77 40.76 -20.14
N PHE A 205 12.06 40.30 -21.16
CA PHE A 205 10.60 40.32 -21.13
C PHE A 205 10.08 39.19 -20.26
N LEU A 206 9.11 39.50 -19.42
CA LEU A 206 8.56 38.55 -18.46
C LEU A 206 7.12 38.22 -18.83
N TYR A 207 6.79 36.92 -18.80
CA TYR A 207 5.48 36.41 -19.19
C TYR A 207 5.06 35.40 -18.14
N PHE A 208 4.10 35.78 -17.29
CA PHE A 208 3.70 34.98 -16.13
C PHE A 208 2.30 34.43 -16.32
N ASP A 209 2.12 33.16 -15.93
CA ASP A 209 0.80 32.55 -15.78
C ASP A 209 0.41 32.67 -14.31
N GLU A 210 -0.57 33.52 -14.02
CA GLU A 210 -0.97 33.84 -12.65
C GLU A 210 -2.23 33.09 -12.22
N ALA A 211 -2.46 31.89 -12.76
CA ALA A 211 -3.71 31.19 -12.50
C ALA A 211 -3.84 30.81 -11.03
N HIS A 212 -2.78 30.30 -10.43
CA HIS A 212 -2.77 29.95 -9.01
C HIS A 212 -2.29 31.10 -8.13
N SER A 213 -2.17 32.30 -8.67
CA SER A 213 -1.64 33.44 -7.93
C SER A 213 -2.60 34.62 -7.83
N THR A 214 -3.63 34.69 -8.67
CA THR A 214 -4.44 35.90 -8.81
C THR A 214 -5.10 36.32 -7.51
N SER A 215 -6.05 35.52 -7.01
CA SER A 215 -6.87 35.98 -5.89
C SER A 215 -6.30 35.63 -4.53
N VAL A 216 -5.33 34.73 -4.45
CA VAL A 216 -4.86 34.27 -3.14
C VAL A 216 -3.61 35.01 -2.66
N ILE A 217 -2.89 35.71 -3.55
CA ILE A 217 -1.67 36.41 -3.19
C ILE A 217 -1.85 37.90 -3.44
N GLY A 218 -1.31 38.72 -2.55
CA GLY A 218 -1.17 40.14 -2.80
C GLY A 218 -2.32 40.96 -2.24
N ASP A 219 -2.03 42.25 -2.03
CA ASP A 219 -3.06 43.18 -1.59
C ASP A 219 -4.13 43.30 -2.67
N MET A 220 -5.39 43.27 -2.25
CA MET A 220 -6.53 43.31 -3.16
C MET A 220 -6.51 42.12 -4.13
N GLY A 221 -5.69 41.12 -3.85
CA GLY A 221 -5.59 39.94 -4.69
C GLY A 221 -5.13 40.28 -6.10
N ARG A 222 -4.08 41.09 -6.20
CA ARG A 222 -3.54 41.45 -7.51
C ARG A 222 -2.57 40.41 -8.04
N GLY A 223 -2.02 39.57 -7.19
CA GLY A 223 -1.16 38.49 -7.64
C GLY A 223 0.25 38.56 -7.11
N TYR A 224 0.98 37.44 -7.22
CA TYR A 224 2.34 37.39 -6.70
C TYR A 224 3.26 38.36 -7.44
N VAL A 225 3.14 38.44 -8.76
CA VAL A 225 3.99 39.34 -9.53
C VAL A 225 3.64 40.79 -9.25
N LEU A 226 2.37 41.16 -9.41
CA LEU A 226 1.97 42.55 -9.24
C LEU A 226 2.14 43.05 -7.81
N ASP A 227 2.16 42.15 -6.82
CA ASP A 227 2.32 42.60 -5.44
C ASP A 227 3.76 43.01 -5.17
N ARG A 228 4.72 42.13 -5.49
CA ARG A 228 6.12 42.43 -5.23
C ARG A 228 6.70 43.43 -6.23
N MET A 229 5.96 43.79 -7.27
CA MET A 229 6.44 44.70 -8.29
C MET A 229 5.88 46.11 -8.16
N GLY A 230 4.67 46.25 -7.64
CA GLY A 230 4.07 47.56 -7.47
C GLY A 230 3.19 47.95 -8.64
N ALA A 231 3.80 48.34 -9.75
CA ALA A 231 3.09 48.70 -10.97
C ALA A 231 3.74 47.99 -12.15
N ILE A 232 2.91 47.41 -13.01
CA ILE A 232 3.41 46.67 -14.16
C ILE A 232 4.10 47.62 -15.13
N ASN A 233 5.10 47.11 -15.83
CA ASN A 233 5.87 47.89 -16.80
C ASN A 233 5.53 47.45 -18.22
N ASP A 234 6.24 48.02 -19.18
CA ASP A 234 6.06 47.68 -20.59
C ASP A 234 6.83 46.42 -21.00
N SER A 235 7.40 45.70 -20.03
CA SER A 235 8.15 44.49 -20.32
C SER A 235 7.59 43.27 -19.59
N THR A 236 6.52 43.43 -18.82
CA THR A 236 5.91 42.33 -18.09
C THR A 236 4.48 42.14 -18.59
N MET A 237 4.11 40.87 -18.81
CA MET A 237 2.78 40.53 -19.30
C MET A 237 2.27 39.34 -18.52
N LEU A 238 0.98 39.37 -18.15
CA LEU A 238 0.38 38.33 -17.34
C LEU A 238 -0.85 37.76 -18.03
N ILE A 239 -0.96 36.44 -18.01
CA ILE A 239 -2.20 35.74 -18.33
C ILE A 239 -2.66 35.06 -17.06
N THR A 240 -3.99 34.94 -16.91
CA THR A 240 -4.54 34.34 -15.71
C THR A 240 -5.90 33.74 -16.00
N SER A 241 -6.35 32.89 -15.09
CA SER A 241 -7.68 32.30 -15.13
C SER A 241 -8.55 32.96 -14.07
N LEU A 242 -9.78 33.30 -14.44
CA LEU A 242 -10.68 34.04 -13.57
C LEU A 242 -11.73 33.16 -12.90
N ASN A 243 -11.54 31.84 -12.90
CA ASN A 243 -12.48 30.95 -12.23
C ASN A 243 -11.83 30.06 -11.17
N LYS A 244 -10.60 30.38 -10.75
CA LYS A 244 -9.88 29.62 -9.72
C LYS A 244 -9.47 30.61 -8.64
N GLY A 245 -10.40 30.92 -7.74
CA GLY A 245 -10.15 31.86 -6.68
C GLY A 245 -10.79 33.23 -6.91
N PHE A 246 -10.89 33.64 -8.17
CA PHE A 246 -11.56 34.89 -8.49
C PHE A 246 -13.08 34.77 -8.44
N GLY A 247 -13.61 33.56 -8.55
CA GLY A 247 -15.05 33.35 -8.42
C GLY A 247 -15.87 33.76 -9.63
N ALA A 248 -15.31 33.67 -10.83
CA ALA A 248 -16.02 34.07 -12.03
C ALA A 248 -15.83 33.05 -13.15
N SER A 249 -15.55 33.53 -14.37
CA SER A 249 -15.38 32.66 -15.51
C SER A 249 -14.35 33.27 -16.46
N GLY A 250 -13.79 32.41 -17.32
CA GLY A 250 -12.88 32.86 -18.34
C GLY A 250 -11.50 33.21 -17.82
N GLY A 251 -10.73 33.83 -18.70
CA GLY A 251 -9.39 34.28 -18.37
C GLY A 251 -9.16 35.72 -18.80
N ALA A 252 -7.91 36.19 -18.71
CA ALA A 252 -7.63 37.58 -19.04
C ALA A 252 -6.17 37.73 -19.44
N ILE A 253 -5.90 38.74 -20.26
CA ILE A 253 -4.55 39.15 -20.61
C ILE A 253 -4.26 40.47 -19.91
N VAL A 254 -3.21 40.49 -19.10
CA VAL A 254 -2.77 41.71 -18.44
C VAL A 254 -1.65 42.28 -19.31
N PHE A 255 -2.03 43.19 -20.22
CA PHE A 255 -1.10 43.67 -21.23
C PHE A 255 0.08 44.40 -20.61
N GLY A 256 -0.20 45.44 -19.83
CA GLY A 256 0.84 46.28 -19.29
C GLY A 256 0.26 47.56 -18.72
N PRO A 257 0.97 48.68 -18.88
CA PRO A 257 0.54 49.94 -18.27
C PRO A 257 -0.86 50.34 -18.71
N ARG A 258 -1.61 50.92 -17.77
CA ARG A 258 -3.01 51.26 -18.03
C ARG A 258 -3.14 52.31 -19.11
N ASP A 259 -2.21 53.26 -19.17
CA ASP A 259 -2.25 54.35 -20.13
C ASP A 259 -1.76 53.95 -21.51
N ASP A 260 -1.26 52.74 -21.68
CA ASP A 260 -0.66 52.29 -22.93
C ASP A 260 -1.62 51.35 -23.65
N ASP A 261 -2.09 51.78 -24.82
CA ASP A 261 -3.00 50.99 -25.64
C ASP A 261 -2.30 50.22 -26.74
N ARG A 262 -0.97 50.29 -26.82
CA ARG A 262 -0.27 49.72 -27.97
C ARG A 262 -0.28 48.19 -27.92
N LYS A 263 -0.05 47.60 -26.75
CA LYS A 263 -0.03 46.14 -26.65
C LYS A 263 -1.39 45.53 -26.95
N ARG A 264 -2.47 46.18 -26.48
CA ARG A 264 -3.82 45.69 -26.77
C ARG A 264 -4.12 45.75 -28.25
N LYS A 265 -3.76 46.87 -28.90
CA LYS A 265 -4.03 47.01 -30.33
C LYS A 265 -3.27 45.98 -31.16
N ILE A 266 -2.01 45.73 -30.81
CA ILE A 266 -1.18 44.81 -31.58
C ILE A 266 -1.74 43.40 -31.51
N ILE A 267 -2.24 43.00 -30.34
CA ILE A 267 -2.78 41.65 -30.19
C ILE A 267 -4.19 41.56 -30.77
N GLN A 268 -4.99 42.62 -30.63
CA GLN A 268 -6.32 42.63 -31.21
C GLN A 268 -6.26 42.45 -32.73
N ARG A 269 -5.49 43.30 -33.40
CA ARG A 269 -5.41 43.32 -34.85
C ARG A 269 -4.58 42.17 -35.41
N SER A 270 -3.95 41.36 -34.55
CA SER A 270 -3.34 40.12 -34.99
C SER A 270 -4.42 39.05 -35.15
N SER A 271 -4.04 37.95 -35.80
CA SER A 271 -4.98 36.85 -36.05
C SER A 271 -4.85 35.87 -34.90
N GLY A 272 -5.76 35.97 -33.93
CA GLY A 272 -5.75 35.11 -32.77
C GLY A 272 -7.12 34.95 -32.15
N PRO A 273 -7.18 34.19 -31.05
CA PRO A 273 -8.48 34.00 -30.37
C PRO A 273 -9.10 35.28 -29.85
N LEU A 274 -8.31 36.32 -29.61
CA LEU A 274 -8.89 37.60 -29.19
C LEU A 274 -9.74 38.22 -30.29
N MET A 275 -9.50 37.85 -31.55
CA MET A 275 -10.21 38.41 -32.69
C MET A 275 -11.31 37.49 -33.22
N TRP A 276 -11.00 36.22 -33.48
CA TRP A 276 -11.97 35.33 -34.11
C TRP A 276 -12.81 34.54 -33.11
N SER A 277 -12.31 34.32 -31.90
CA SER A 277 -13.02 33.49 -30.93
C SER A 277 -14.01 34.34 -30.15
N GLN A 278 -14.90 33.65 -29.42
CA GLN A 278 -16.01 34.31 -28.76
C GLN A 278 -15.59 34.86 -27.40
N ARG A 279 -16.00 36.10 -27.15
CA ARG A 279 -15.87 36.73 -25.85
C ARG A 279 -16.76 36.00 -24.82
N LEU A 280 -16.68 36.46 -23.58
CA LEU A 280 -17.43 35.87 -22.47
C LEU A 280 -18.90 36.26 -22.52
N ASN A 281 -19.75 35.37 -22.02
CA ASN A 281 -21.17 35.67 -21.99
C ASN A 281 -21.47 36.68 -20.87
N THR A 282 -22.67 37.26 -20.93
CA THR A 282 -23.02 38.32 -20.00
C THR A 282 -22.94 37.91 -18.53
N PRO A 283 -23.40 36.73 -18.09
CA PRO A 283 -23.30 36.41 -16.66
C PRO A 283 -21.87 36.33 -16.17
N ALA A 284 -20.94 35.85 -16.99
CA ALA A 284 -19.54 35.83 -16.59
C ALA A 284 -19.01 37.25 -16.39
N LEU A 285 -19.35 38.16 -17.30
CA LEU A 285 -18.88 39.54 -17.20
C LEU A 285 -19.45 40.22 -15.96
N GLY A 286 -20.73 40.00 -15.68
CA GLY A 286 -21.31 40.53 -14.45
C GLY A 286 -20.61 40.02 -13.21
N ALA A 287 -20.27 38.72 -13.20
CA ALA A 287 -19.56 38.16 -12.06
C ALA A 287 -18.16 38.75 -11.92
N ILE A 288 -17.50 39.00 -13.05
CA ILE A 288 -16.18 39.62 -13.01
C ILE A 288 -16.25 40.99 -12.37
N ILE A 289 -17.25 41.79 -12.74
CA ILE A 289 -17.40 43.14 -12.18
C ILE A 289 -17.60 43.06 -10.67
N GLU A 290 -18.53 42.22 -10.22
CA GLU A 290 -18.82 42.11 -8.80
C GLU A 290 -17.62 41.58 -8.03
N SER A 291 -16.91 40.61 -8.61
CA SER A 291 -15.73 40.09 -7.94
C SER A 291 -14.60 41.10 -7.90
N ALA A 292 -14.51 41.96 -8.92
CA ALA A 292 -13.51 43.04 -8.89
C ALA A 292 -13.81 44.04 -7.78
N LYS A 293 -15.08 44.44 -7.64
CA LYS A 293 -15.47 45.29 -6.53
C LYS A 293 -15.22 44.59 -5.20
N LEU A 294 -15.51 43.29 -5.14
CA LEU A 294 -15.28 42.53 -3.92
C LEU A 294 -13.79 42.41 -3.61
N HIS A 295 -12.96 42.29 -4.65
CA HIS A 295 -11.52 42.23 -4.46
C HIS A 295 -10.94 43.52 -3.92
N ARG A 296 -11.63 44.64 -4.11
CA ARG A 296 -11.15 45.94 -3.65
C ARG A 296 -11.72 46.33 -2.29
N SER A 297 -12.57 45.50 -1.69
CA SER A 297 -13.14 45.78 -0.39
C SER A 297 -12.32 45.09 0.70
N GLU A 298 -12.74 45.29 1.95
CA GLU A 298 -12.07 44.65 3.08
C GLU A 298 -12.41 43.17 3.19
N ALA A 299 -13.37 42.67 2.40
CA ALA A 299 -13.73 41.26 2.46
C ALA A 299 -12.62 40.36 1.95
N LEU A 300 -11.84 40.83 0.98
CA LEU A 300 -10.81 39.97 0.40
C LEU A 300 -9.66 39.70 1.36
N PRO A 301 -9.07 40.70 2.04
CA PRO A 301 -8.04 40.36 3.04
C PRO A 301 -8.57 39.51 4.17
N GLU A 302 -9.86 39.65 4.52
CA GLU A 302 -10.45 38.74 5.48
C GLU A 302 -10.50 37.32 4.94
N LEU A 303 -10.77 37.16 3.64
CA LEU A 303 -10.78 35.83 3.05
C LEU A 303 -9.38 35.24 2.97
N GLN A 304 -8.38 36.08 2.70
CA GLN A 304 -7.00 35.59 2.67
C GLN A 304 -6.56 35.14 4.06
N ALA A 305 -7.02 35.83 5.10
CA ALA A 305 -6.64 35.44 6.46
C ALA A 305 -7.23 34.08 6.81
N LYS A 306 -8.52 33.87 6.52
CA LYS A 306 -9.14 32.58 6.78
C LYS A 306 -8.48 31.47 5.97
N LEU A 307 -7.94 31.81 4.80
CA LEU A 307 -7.24 30.82 3.99
C LEU A 307 -5.91 30.42 4.63
N HIS A 308 -5.09 31.41 4.97
CA HIS A 308 -3.85 31.11 5.68
C HIS A 308 -4.12 30.38 6.99
N SER A 309 -5.19 30.76 7.68
CA SER A 309 -5.58 30.07 8.90
C SER A 309 -5.90 28.60 8.63
N ASN A 310 -6.64 28.33 7.55
CA ASN A 310 -6.97 26.96 7.21
C ASN A 310 -5.76 26.19 6.69
N ILE A 311 -4.80 26.88 6.09
CA ILE A 311 -3.59 26.22 5.63
C ILE A 311 -2.75 25.75 6.81
N ALA A 312 -2.56 26.63 7.80
CA ALA A 312 -1.76 26.28 8.96
C ALA A 312 -2.39 25.14 9.74
N LEU A 313 -3.73 25.13 9.83
CA LEU A 313 -4.42 24.05 10.53
C LEU A 313 -4.21 22.72 9.82
N PHE A 314 -4.28 22.72 8.48
CA PHE A 314 -4.11 21.49 7.73
C PHE A 314 -2.69 20.94 7.88
N ASP A 315 -1.68 21.82 7.81
CA ASP A 315 -0.30 21.35 7.88
C ASP A 315 0.03 20.76 9.24
N GLY A 316 -0.59 21.25 10.30
CA GLY A 316 -0.32 20.72 11.63
C GLY A 316 -0.96 19.39 11.92
N LEU A 317 -1.98 19.01 11.15
CA LEU A 317 -2.71 17.78 11.37
C LEU A 317 -2.41 16.68 10.36
N VAL A 318 -1.95 17.03 9.16
CA VAL A 318 -1.75 16.07 8.08
C VAL A 318 -0.40 16.34 7.43
N ARG A 319 0.41 15.28 7.26
CA ARG A 319 1.67 15.38 6.55
C ARG A 319 1.41 15.18 5.07
N ALA A 320 1.77 16.18 4.25
CA ALA A 320 1.57 16.10 2.82
C ALA A 320 2.70 16.84 2.12
N ALA A 321 2.95 16.46 0.87
CA ALA A 321 3.93 17.15 0.06
C ALA A 321 3.48 18.59 -0.16
N GLY A 322 4.41 19.52 0.03
CA GLY A 322 4.07 20.93 0.03
C GLY A 322 3.77 21.51 1.39
N GLN A 323 4.01 20.75 2.46
CA GLN A 323 3.75 21.23 3.81
C GLN A 323 4.62 22.45 4.11
N GLY A 324 3.99 23.51 4.60
CA GLY A 324 4.67 24.74 4.92
C GLY A 324 4.56 25.82 3.87
N ASN A 325 4.02 25.50 2.69
CA ASN A 325 3.87 26.48 1.63
C ASN A 325 2.84 27.54 2.01
N SER A 326 2.87 28.65 1.27
CA SER A 326 1.75 29.57 1.23
C SER A 326 0.78 29.24 0.10
N VAL A 327 1.16 28.32 -0.79
CA VAL A 327 0.31 27.88 -1.89
C VAL A 327 -0.66 26.83 -1.35
N PRO A 328 -1.96 27.00 -1.53
CA PRO A 328 -2.90 26.10 -0.85
C PRO A 328 -3.13 24.80 -1.61
N ILE A 329 -2.07 24.14 -2.05
CA ILE A 329 -2.17 22.88 -2.78
C ILE A 329 -1.32 21.84 -2.04
N ARG A 330 -1.95 20.76 -1.62
CA ARG A 330 -1.28 19.69 -0.90
C ARG A 330 -1.45 18.38 -1.67
N TYR A 331 -0.45 17.51 -1.53
CA TYR A 331 -0.43 16.23 -2.23
C TYR A 331 -0.23 15.12 -1.21
N LEU A 332 -1.20 14.22 -1.11
CA LEU A 332 -1.12 13.04 -0.24
C LEU A 332 -0.61 11.88 -1.10
N GLU A 333 0.71 11.82 -1.26
CA GLU A 333 1.34 10.82 -2.12
C GLU A 333 1.11 9.42 -1.55
N LEU A 334 0.42 8.58 -2.31
CA LEU A 334 0.14 7.21 -1.91
C LEU A 334 1.02 6.24 -2.69
N GLY A 335 0.98 4.99 -2.26
CA GLY A 335 1.84 3.95 -2.81
C GLY A 335 1.69 3.74 -4.30
N SER A 336 0.49 3.36 -4.74
CA SER A 336 0.25 3.06 -6.14
C SER A 336 -1.03 3.77 -6.59
N GLU A 337 -1.34 3.61 -7.87
CA GLU A 337 -2.56 4.18 -8.42
C GLU A 337 -3.79 3.46 -7.87
N VAL A 338 -3.68 2.15 -7.64
CA VAL A 338 -4.79 1.38 -7.07
C VAL A 338 -5.03 1.80 -5.63
N ASP A 339 -3.95 1.96 -4.84
CA ASP A 339 -4.10 2.46 -3.48
C ASP A 339 -4.66 3.87 -3.47
N THR A 340 -4.30 4.67 -4.47
CA THR A 340 -4.83 6.03 -4.55
C THR A 340 -6.34 6.02 -4.77
N LEU A 341 -6.83 5.12 -5.61
CA LEU A 341 -8.26 5.09 -5.91
C LEU A 341 -9.07 4.58 -4.72
N GLU A 342 -8.57 3.55 -4.04
CA GLU A 342 -9.33 2.97 -2.94
C GLU A 342 -9.41 3.90 -1.74
N ALA A 343 -8.36 4.70 -1.51
CA ALA A 343 -8.41 5.66 -0.41
C ALA A 343 -9.46 6.73 -0.66
N SER A 344 -9.57 7.21 -1.90
CA SER A 344 -10.58 8.21 -2.22
C SER A 344 -11.99 7.69 -2.01
N ALA A 345 -12.21 6.41 -2.35
CA ALA A 345 -13.54 5.82 -2.16
C ALA A 345 -13.89 5.71 -0.67
N TYR A 346 -12.89 5.41 0.16
CA TYR A 346 -13.14 5.32 1.60
C TYR A 346 -13.45 6.69 2.19
N LEU A 347 -12.65 7.70 1.83
CA LEU A 347 -12.86 9.03 2.37
C LEU A 347 -14.22 9.60 1.98
N PHE A 348 -14.74 9.21 0.82
CA PHE A 348 -16.01 9.74 0.36
C PHE A 348 -17.16 9.23 1.22
N ASP A 349 -17.17 7.92 1.51
CA ASP A 349 -18.23 7.34 2.32
C ASP A 349 -18.25 7.91 3.73
N ASN A 350 -17.14 8.50 4.18
CA ASN A 350 -17.09 9.15 5.48
C ASN A 350 -17.25 10.67 5.40
N GLY A 351 -17.35 11.22 4.19
CA GLY A 351 -17.75 12.60 4.02
C GLY A 351 -16.69 13.56 3.47
N PHE A 352 -15.74 13.06 2.69
CA PHE A 352 -14.69 13.91 2.14
C PHE A 352 -14.27 13.39 0.78
N TYR A 353 -14.39 14.24 -0.24
CA TYR A 353 -13.90 13.92 -1.58
C TYR A 353 -12.54 14.56 -1.79
N VAL A 354 -11.56 13.75 -2.19
CA VAL A 354 -10.22 14.21 -2.54
C VAL A 354 -9.90 13.64 -3.91
N GLU A 355 -9.59 14.51 -4.87
CA GLU A 355 -9.42 14.05 -6.24
C GLU A 355 -8.15 13.22 -6.36
N PRO A 356 -8.18 12.13 -7.13
CA PRO A 356 -6.97 11.31 -7.29
C PRO A 356 -6.19 11.63 -8.55
N ASP A 357 -4.87 11.71 -8.41
CA ASP A 357 -3.96 11.84 -9.54
C ASP A 357 -3.18 10.54 -9.72
N PHE A 358 -2.85 10.22 -10.97
CA PHE A 358 -2.15 8.99 -11.27
C PHE A 358 -1.51 9.09 -12.65
N PHE A 359 -0.91 7.99 -13.08
CA PHE A 359 -0.36 7.90 -14.43
C PHE A 359 -1.48 8.03 -15.45
N PRO A 360 -1.30 8.81 -16.52
CA PRO A 360 -0.09 9.55 -16.90
C PRO A 360 -0.02 10.99 -16.39
N ILE A 361 -1.00 11.43 -15.61
CA ILE A 361 -0.97 12.79 -15.08
C ILE A 361 0.27 12.99 -14.21
N VAL A 362 0.62 11.98 -13.41
CA VAL A 362 1.83 11.98 -12.60
C VAL A 362 2.60 10.71 -12.93
N SER A 363 3.87 10.69 -12.53
CA SER A 363 4.74 9.57 -12.86
C SER A 363 4.23 8.27 -12.21
N ARG A 364 4.74 7.16 -12.72
CA ARG A 364 4.36 5.85 -12.20
C ARG A 364 4.93 5.65 -10.79
N GLY A 365 4.14 5.00 -9.94
CA GLY A 365 4.52 4.84 -8.56
C GLY A 365 4.50 6.10 -7.74
N ALA A 366 3.93 7.19 -8.27
CA ALA A 366 3.88 8.48 -7.58
C ALA A 366 2.47 9.04 -7.58
N ALA A 367 1.46 8.17 -7.55
CA ALA A 367 0.08 8.59 -7.51
C ALA A 367 -0.27 9.08 -6.10
N GLY A 368 -1.47 9.65 -5.97
CA GLY A 368 -1.91 10.15 -4.70
C GLY A 368 -3.14 11.03 -4.85
N LEU A 369 -3.52 11.66 -3.75
CA LEU A 369 -4.70 12.51 -3.68
C LEU A 369 -4.29 13.98 -3.65
N ARG A 370 -4.88 14.77 -4.54
CA ARG A 370 -4.55 16.19 -4.69
C ARG A 370 -5.58 17.02 -3.93
N ALA A 371 -5.13 17.60 -2.81
CA ALA A 371 -6.00 18.41 -1.96
C ALA A 371 -5.73 19.89 -2.19
N ARG A 372 -6.77 20.70 -2.00
CA ARG A 372 -6.68 22.14 -2.16
C ARG A 372 -7.40 22.83 -1.01
N ILE A 373 -6.72 23.79 -0.38
CA ILE A 373 -7.22 24.50 0.78
C ILE A 373 -7.93 25.76 0.33
N ARG A 374 -9.12 26.02 0.89
CA ARG A 374 -9.91 27.19 0.57
C ARG A 374 -10.42 27.85 1.84
N SER A 375 -10.75 29.14 1.73
CA SER A 375 -11.22 29.90 2.88
C SER A 375 -12.57 29.39 3.38
N SER A 376 -13.40 28.87 2.48
CA SER A 376 -14.75 28.44 2.84
C SER A 376 -14.77 27.16 3.68
N MET A 377 -13.63 26.52 3.91
CA MET A 377 -13.59 25.36 4.78
C MET A 377 -13.60 25.81 6.24
N SER A 378 -14.41 25.13 7.05
CA SER A 378 -14.48 25.45 8.47
C SER A 378 -13.37 24.73 9.22
N THR A 379 -13.12 25.19 10.46
CA THR A 379 -12.17 24.50 11.32
C THR A 379 -12.61 23.07 11.60
N ALA A 380 -13.93 22.85 11.72
CA ALA A 380 -14.43 21.50 11.95
C ALA A 380 -14.25 20.61 10.72
N ASP A 381 -14.36 21.19 9.52
CA ASP A 381 -14.17 20.39 8.31
C ASP A 381 -12.76 19.81 8.25
N ILE A 382 -11.75 20.64 8.55
CA ILE A 382 -10.35 20.21 8.40
C ILE A 382 -9.99 19.21 9.49
N GLU A 383 -10.37 19.49 10.73
CA GLU A 383 -10.07 18.56 11.82
C GLU A 383 -10.72 17.20 11.58
N GLN A 384 -11.99 17.21 11.15
CA GLN A 384 -12.68 15.95 10.89
C GLN A 384 -12.08 15.20 9.71
N PHE A 385 -11.58 15.93 8.70
CA PHE A 385 -10.89 15.27 7.60
C PHE A 385 -9.61 14.59 8.08
N ALA A 386 -8.84 15.28 8.94
CA ALA A 386 -7.60 14.70 9.44
C ALA A 386 -7.87 13.44 10.25
N HIS A 387 -9.02 13.37 10.91
CA HIS A 387 -9.37 12.17 11.67
C HIS A 387 -9.66 10.99 10.75
N VAL A 388 -10.44 11.22 9.69
CA VAL A 388 -10.73 10.15 8.75
C VAL A 388 -9.48 9.73 8.00
N TRP A 389 -8.60 10.68 7.69
CA TRP A 389 -7.36 10.34 7.01
C TRP A 389 -6.43 9.53 7.89
N HIS A 390 -6.46 9.76 9.21
CA HIS A 390 -5.60 9.02 10.11
C HIS A 390 -6.14 7.62 10.38
N LYS A 391 -7.47 7.47 10.46
CA LYS A 391 -8.04 6.15 10.70
C LYS A 391 -7.79 5.22 9.52
N LEU A 392 -7.71 5.76 8.30
CA LEU A 392 -7.41 4.94 7.13
C LEU A 392 -6.06 4.27 7.26
N GLY A 393 -5.04 5.04 7.68
CA GLY A 393 -3.69 4.50 7.74
C GLY A 393 -3.56 3.35 8.71
N VAL A 394 -4.13 3.49 9.90
CA VAL A 394 -4.03 2.43 10.90
C VAL A 394 -4.93 1.26 10.53
N ASP A 395 -6.22 1.52 10.33
CA ASP A 395 -7.18 0.49 9.95
C ASP A 395 -8.53 1.12 9.61
N VAL B 1 5.59 42.21 -46.13
CA VAL B 1 4.61 41.97 -45.09
C VAL B 1 4.82 42.95 -43.93
N LYS B 2 5.95 43.68 -43.98
CA LYS B 2 6.33 44.57 -42.90
C LYS B 2 6.08 46.04 -43.18
N LYS B 3 5.98 46.44 -44.46
CA LYS B 3 5.62 47.81 -44.78
C LYS B 3 4.12 48.03 -44.83
N LEU B 4 3.35 46.99 -45.19
CA LEU B 4 1.90 47.12 -45.28
C LEU B 4 1.24 47.41 -43.94
N ARG B 5 1.95 47.24 -42.82
CA ARG B 5 1.38 47.51 -41.52
C ARG B 5 1.05 48.99 -41.33
N HIS B 6 1.71 49.88 -42.06
CA HIS B 6 1.39 51.31 -41.98
C HIS B 6 0.01 51.59 -42.56
N LEU B 7 -0.31 50.99 -43.70
CA LEU B 7 -1.59 51.25 -44.35
C LEU B 7 -2.73 50.47 -43.70
N SER B 8 -2.42 49.32 -43.08
CA SER B 8 -3.47 48.54 -42.43
C SER B 8 -3.91 49.21 -41.13
N ASP B 9 -2.95 49.58 -40.28
CA ASP B 9 -3.29 50.25 -39.02
C ASP B 9 -3.95 51.61 -39.25
N GLY B 10 -3.78 52.19 -40.43
CA GLY B 10 -4.53 53.40 -40.75
C GLY B 10 -5.99 53.14 -40.98
N TYR B 11 -6.33 51.94 -41.47
CA TYR B 11 -7.74 51.58 -41.65
C TYR B 11 -8.41 51.25 -40.32
N TRP B 12 -7.68 50.60 -39.42
CA TRP B 12 -8.22 50.32 -38.07
C TRP B 12 -8.52 51.61 -37.34
N ASP B 13 -7.61 52.59 -37.41
CA ASP B 13 -7.83 53.87 -36.73
C ASP B 13 -9.00 54.62 -37.34
N SER B 14 -9.08 54.67 -38.67
CA SER B 14 -10.20 55.35 -39.32
C SER B 14 -11.52 54.66 -39.00
N ALA B 15 -11.54 53.33 -39.02
CA ALA B 15 -12.77 52.60 -38.70
C ALA B 15 -13.20 52.86 -37.26
N ALA B 16 -12.24 52.95 -36.34
CA ALA B 16 -12.57 53.30 -34.97
C ALA B 16 -12.96 54.77 -34.85
N ARG B 17 -12.33 55.63 -35.65
CA ARG B 17 -12.69 57.05 -35.64
C ARG B 17 -14.11 57.26 -36.11
N LEU B 18 -14.48 56.61 -37.22
CA LEU B 18 -15.84 56.74 -37.76
C LEU B 18 -16.89 56.08 -36.88
N GLY B 19 -16.49 55.30 -35.89
CA GLY B 19 -17.44 54.68 -34.98
C GLY B 19 -18.08 53.41 -35.49
N VAL B 20 -17.57 52.83 -36.56
CA VAL B 20 -18.12 51.59 -37.13
C VAL B 20 -17.28 50.38 -36.74
N HIS B 21 -16.34 50.54 -35.82
CA HIS B 21 -15.45 49.44 -35.45
C HIS B 21 -14.97 49.69 -34.02
N GLY B 22 -15.18 48.70 -33.15
CA GLY B 22 -14.66 48.78 -31.81
C GLY B 22 -15.31 49.81 -30.91
N ALA B 23 -16.53 50.24 -31.21
CA ALA B 23 -17.28 51.11 -30.33
C ALA B 23 -18.27 50.28 -29.51
N VAL B 24 -18.92 50.95 -28.57
CA VAL B 24 -19.73 50.30 -27.54
C VAL B 24 -21.20 50.55 -27.84
N LEU B 25 -21.94 49.48 -28.12
CA LEU B 25 -23.37 49.55 -28.39
C LEU B 25 -24.11 48.61 -27.45
N GLN B 26 -25.38 48.91 -27.21
CA GLN B 26 -26.22 48.10 -26.32
C GLN B 26 -27.18 47.25 -27.14
N ALA B 27 -27.37 46.02 -26.69
CA ALA B 27 -28.30 45.11 -27.37
C ALA B 27 -29.73 45.56 -27.15
N VAL B 28 -30.47 45.71 -28.24
CA VAL B 28 -31.85 46.20 -28.20
C VAL B 28 -32.76 45.12 -28.77
N PRO B 29 -33.95 44.92 -28.21
CA PRO B 29 -34.88 43.95 -28.79
C PRO B 29 -35.16 44.22 -30.26
N GLY B 30 -35.30 43.14 -31.03
CA GLY B 30 -35.59 43.26 -32.44
C GLY B 30 -34.39 43.33 -33.36
N GLY B 31 -33.28 42.73 -32.98
CA GLY B 31 -32.08 42.79 -33.79
C GLY B 31 -31.55 44.19 -33.99
N ARG B 32 -31.52 44.98 -32.92
CA ARG B 32 -31.16 46.39 -33.01
C ARG B 32 -30.04 46.70 -32.03
N LEU B 33 -29.34 47.81 -32.30
CA LEU B 33 -28.26 48.29 -31.48
C LEU B 33 -28.52 49.75 -31.15
N SER B 34 -28.16 50.17 -29.94
CA SER B 34 -28.34 51.55 -29.52
C SER B 34 -27.00 52.14 -29.11
N ALA B 35 -26.74 53.36 -29.56
CA ALA B 35 -25.55 54.11 -29.20
C ALA B 35 -25.80 54.89 -27.91
N PRO B 36 -24.75 55.32 -27.22
CA PRO B 36 -24.94 56.20 -26.06
C PRO B 36 -25.62 57.51 -26.40
N ASP B 37 -25.67 57.87 -27.68
CA ASP B 37 -26.28 59.12 -28.13
C ASP B 37 -27.70 58.93 -28.66
N GLY B 38 -28.32 57.78 -28.40
CA GLY B 38 -29.71 57.55 -28.73
C GLY B 38 -29.98 56.95 -30.10
N ARG B 39 -28.96 56.84 -30.96
CA ARG B 39 -29.17 56.28 -32.29
C ARG B 39 -29.45 54.79 -32.19
N VAL B 40 -30.55 54.34 -32.80
CA VAL B 40 -30.94 52.93 -32.84
C VAL B 40 -30.84 52.45 -34.28
N ALA B 41 -30.03 51.42 -34.50
CA ALA B 41 -29.81 50.88 -35.83
C ALA B 41 -30.08 49.39 -35.83
N VAL B 42 -30.64 48.91 -36.94
CA VAL B 42 -30.84 47.47 -37.12
C VAL B 42 -29.50 46.81 -37.41
N ASN B 43 -29.21 45.73 -36.68
CA ASN B 43 -27.94 45.02 -36.84
C ASN B 43 -28.05 44.06 -38.03
N MET B 44 -27.47 44.47 -39.16
CA MET B 44 -27.49 43.68 -40.37
C MET B 44 -26.33 42.70 -40.46
N SER B 45 -25.64 42.43 -39.35
CA SER B 45 -24.46 41.58 -39.39
C SER B 45 -24.40 40.63 -38.20
N SER B 46 -25.54 40.24 -37.65
CA SER B 46 -25.56 39.32 -36.53
C SER B 46 -25.35 37.89 -37.02
N TYR B 47 -24.73 37.07 -36.17
CA TYR B 47 -24.50 35.68 -36.50
C TYR B 47 -25.62 34.76 -36.02
N SER B 48 -26.49 35.25 -35.13
CA SER B 48 -27.62 34.45 -34.65
C SER B 48 -28.59 34.30 -35.82
N TYR B 49 -28.24 33.38 -36.73
CA TYR B 49 -28.95 33.25 -38.00
C TYR B 49 -30.43 32.92 -37.82
N LEU B 50 -30.82 32.35 -36.67
CA LEU B 50 -32.21 32.04 -36.40
C LEU B 50 -32.81 32.96 -35.34
N GLY B 51 -32.09 33.99 -34.93
CA GLY B 51 -32.61 34.91 -33.93
C GLY B 51 -32.77 34.29 -32.56
N LEU B 52 -32.06 33.20 -32.26
CA LEU B 52 -32.17 32.54 -30.98
C LEU B 52 -31.41 33.25 -29.87
N ASP B 53 -30.63 34.28 -30.20
CA ASP B 53 -30.02 35.10 -29.15
C ASP B 53 -31.02 36.01 -28.48
N GLU B 54 -32.27 36.02 -28.95
CA GLU B 54 -33.36 36.78 -28.35
C GLU B 54 -34.49 35.88 -27.88
N SER B 55 -34.27 34.58 -27.84
CA SER B 55 -35.33 33.64 -27.47
C SER B 55 -35.57 33.68 -25.97
N PRO B 56 -36.78 34.04 -25.51
CA PRO B 56 -37.04 34.03 -24.08
C PRO B 56 -36.98 32.65 -23.45
N ARG B 57 -37.26 31.59 -24.23
CA ARG B 57 -37.11 30.24 -23.69
C ARG B 57 -35.66 29.94 -23.33
N ILE B 58 -34.72 30.34 -24.20
CA ILE B 58 -33.32 30.06 -23.95
C ILE B 58 -32.79 30.95 -22.81
N ILE B 59 -33.16 32.23 -22.82
CA ILE B 59 -32.67 33.14 -21.79
C ILE B 59 -33.16 32.69 -20.41
N ASP B 60 -34.43 32.30 -20.31
CA ASP B 60 -34.97 31.86 -19.03
C ASP B 60 -34.27 30.60 -18.54
N ALA B 61 -33.93 29.70 -19.45
CA ALA B 61 -33.24 28.47 -19.04
C ALA B 61 -31.82 28.77 -18.58
N ALA B 62 -31.15 29.74 -19.20
CA ALA B 62 -29.83 30.13 -18.74
C ALA B 62 -29.89 30.72 -17.34
N ILE B 63 -30.93 31.50 -17.05
CA ILE B 63 -31.10 32.04 -15.71
C ILE B 63 -31.47 30.93 -14.73
N ALA B 64 -32.33 29.99 -15.16
CA ALA B 64 -32.76 28.93 -14.27
C ALA B 64 -31.60 28.03 -13.86
N ALA B 65 -30.70 27.72 -14.79
CA ALA B 65 -29.58 26.86 -14.48
C ALA B 65 -28.64 27.52 -13.47
N LEU B 66 -28.59 28.85 -13.44
CA LEU B 66 -27.69 29.53 -12.52
C LEU B 66 -28.28 29.62 -11.12
N ARG B 67 -29.59 29.84 -11.01
CA ARG B 67 -30.21 29.88 -9.68
C ARG B 67 -30.29 28.49 -9.06
N SER B 68 -30.57 27.48 -9.87
CA SER B 68 -30.75 26.13 -9.34
C SER B 68 -29.44 25.56 -8.81
N ASN B 69 -28.34 25.78 -9.53
CA ASN B 69 -27.05 25.24 -9.12
C ASN B 69 -26.32 26.16 -8.15
N MET B 70 -26.61 27.46 -8.18
CA MET B 70 -26.01 28.46 -7.30
C MET B 70 -24.49 28.51 -7.40
N VAL B 71 -23.93 28.02 -8.52
CA VAL B 71 -22.51 28.13 -8.81
C VAL B 71 -22.35 28.39 -10.30
N LEU B 72 -21.23 29.02 -10.65
CA LEU B 72 -20.91 29.29 -12.06
C LEU B 72 -20.18 28.13 -12.71
N ASN B 73 -19.17 27.59 -12.03
CA ASN B 73 -18.38 26.50 -12.61
C ASN B 73 -19.19 25.21 -12.66
N SER B 74 -19.16 24.54 -13.80
CA SER B 74 -19.80 23.25 -13.98
C SER B 74 -18.85 22.08 -13.68
N SER B 75 -17.59 22.36 -13.38
CA SER B 75 -16.60 21.33 -13.12
C SER B 75 -16.41 21.05 -11.63
N LEU B 76 -17.40 21.42 -10.80
CA LEU B 76 -17.41 21.12 -9.36
C LEU B 76 -16.17 21.67 -8.67
N GLY B 77 -16.07 23.00 -8.67
CA GLY B 77 -14.86 23.64 -8.19
C GLY B 77 -13.67 23.37 -9.08
N ARG B 78 -13.92 23.09 -10.36
CA ARG B 78 -12.92 22.80 -11.39
C ARG B 78 -12.17 21.50 -11.13
N VAL B 79 -12.74 20.59 -10.35
CA VAL B 79 -12.19 19.25 -10.17
C VAL B 79 -12.53 18.43 -11.40
N ARG B 80 -11.96 17.22 -11.53
CA ARG B 80 -12.23 16.35 -12.67
C ARG B 80 -13.55 15.60 -12.55
N MET B 81 -14.45 16.04 -11.68
CA MET B 81 -15.84 15.59 -11.68
C MET B 81 -16.66 16.56 -12.52
N THR B 82 -17.95 16.28 -12.68
CA THR B 82 -18.81 17.12 -13.49
C THR B 82 -20.17 17.30 -12.82
N LEU B 83 -20.77 18.46 -13.05
CA LEU B 83 -22.12 18.71 -12.57
C LEU B 83 -23.13 17.95 -13.42
N PRO B 84 -24.28 17.57 -12.84
CA PRO B 84 -25.32 16.92 -13.64
C PRO B 84 -25.79 17.77 -14.81
N LEU B 85 -25.70 19.09 -14.69
CA LEU B 85 -26.10 19.97 -15.79
C LEU B 85 -25.23 19.76 -17.02
N LEU B 86 -23.93 19.49 -16.82
CA LEU B 86 -23.05 19.31 -17.96
C LEU B 86 -23.30 17.99 -18.66
N GLU B 87 -23.56 16.93 -17.89
CA GLU B 87 -23.90 15.65 -18.51
C GLU B 87 -25.21 15.76 -19.28
N GLU B 88 -26.17 16.51 -18.76
CA GLU B 88 -27.43 16.73 -19.46
C GLU B 88 -27.23 17.54 -20.73
N ALA B 89 -26.28 18.48 -20.72
CA ALA B 89 -26.04 19.30 -21.90
C ALA B 89 -25.42 18.48 -23.02
N GLU B 90 -24.39 17.70 -22.70
CA GLU B 90 -23.77 16.84 -23.71
C GLU B 90 -24.71 15.71 -24.13
N CYS B 91 -25.66 15.33 -23.29
CA CYS B 91 -26.65 14.33 -23.68
C CYS B 91 -27.70 14.94 -24.59
N ALA B 92 -28.10 16.19 -24.33
CA ALA B 92 -29.05 16.86 -25.21
C ALA B 92 -28.47 17.06 -26.61
N LEU B 93 -27.23 17.57 -26.68
CA LEU B 93 -26.55 17.70 -27.96
C LEU B 93 -26.36 16.34 -28.62
N GLY B 94 -26.14 15.29 -27.82
CA GLY B 94 -25.99 13.96 -28.40
C GLY B 94 -27.28 13.44 -29.02
N ASP B 95 -28.42 13.74 -28.39
CA ASP B 95 -29.70 13.35 -28.97
C ASP B 95 -30.01 14.15 -30.23
N LEU B 96 -29.63 15.43 -30.26
CA LEU B 96 -29.88 16.25 -31.42
C LEU B 96 -29.04 15.80 -32.61
N PHE B 97 -27.71 15.78 -32.44
CA PHE B 97 -26.81 15.44 -33.53
C PHE B 97 -26.75 13.95 -33.82
N GLY B 98 -27.25 13.11 -32.90
CA GLY B 98 -27.15 11.68 -33.08
C GLY B 98 -25.70 11.22 -33.11
N ALA B 99 -24.94 11.58 -32.08
CA ALA B 99 -23.51 11.34 -32.03
C ALA B 99 -23.02 11.62 -30.61
N ASP B 100 -21.77 11.26 -30.35
CA ASP B 100 -21.15 11.50 -29.06
C ASP B 100 -20.50 12.88 -29.09
N VAL B 101 -21.00 13.80 -28.27
CA VAL B 101 -20.61 15.20 -28.31
C VAL B 101 -20.11 15.63 -26.94
N ALA B 102 -19.03 16.42 -26.92
CA ALA B 102 -18.54 17.08 -25.72
C ALA B 102 -18.51 18.57 -25.96
N THR B 103 -18.65 19.34 -24.87
CA THR B 103 -18.69 20.80 -24.96
C THR B 103 -17.38 21.40 -24.48
N LEU B 104 -17.02 22.53 -25.07
CA LEU B 104 -15.88 23.32 -24.64
C LEU B 104 -16.29 24.79 -24.61
N ASN B 105 -15.38 25.63 -24.13
CA ASN B 105 -15.68 27.06 -24.01
C ASN B 105 -15.75 27.77 -25.35
N SER B 106 -15.26 27.16 -26.42
CA SER B 106 -15.27 27.79 -27.74
C SER B 106 -14.97 26.74 -28.79
N CYS B 107 -15.38 27.04 -30.03
CA CYS B 107 -15.05 26.16 -31.15
C CYS B 107 -13.55 26.13 -31.41
N SER B 108 -12.85 27.22 -31.06
CA SER B 108 -11.40 27.24 -31.19
C SER B 108 -10.74 26.22 -30.26
N ALA B 109 -11.23 26.12 -29.03
CA ALA B 109 -10.68 25.14 -28.10
C ALA B 109 -10.90 23.72 -28.60
N ALA B 110 -11.94 23.51 -29.41
CA ALA B 110 -12.18 22.18 -29.97
C ALA B 110 -11.10 21.82 -31.00
N ALA B 111 -10.70 22.78 -31.83
CA ALA B 111 -9.64 22.51 -32.80
C ALA B 111 -8.31 22.28 -32.11
N TRP B 112 -8.01 23.07 -31.06
CA TRP B 112 -6.79 22.87 -30.30
C TRP B 112 -6.76 21.50 -29.63
N ALA B 113 -7.93 20.96 -29.32
CA ALA B 113 -8.01 19.69 -28.60
C ALA B 113 -8.13 18.47 -29.50
N THR B 114 -8.39 18.65 -30.80
CA THR B 114 -8.62 17.53 -31.69
C THR B 114 -7.58 17.38 -32.78
N LEU B 115 -7.15 18.48 -33.40
CA LEU B 115 -6.24 18.40 -34.54
C LEU B 115 -4.87 17.81 -34.19
N PRO B 116 -4.26 18.17 -33.05
CA PRO B 116 -3.01 17.46 -32.68
C PRO B 116 -3.21 15.99 -32.40
N VAL B 117 -4.33 15.62 -31.76
CA VAL B 117 -4.59 14.22 -31.48
C VAL B 117 -4.83 13.45 -32.77
N LEU B 118 -5.55 14.04 -33.71
CA LEU B 118 -5.81 13.38 -34.99
C LEU B 118 -4.53 13.23 -35.80
N ALA B 119 -3.63 14.23 -35.72
CA ALA B 119 -2.38 14.17 -36.44
C ALA B 119 -1.43 13.10 -35.89
N SER B 120 -1.61 12.70 -34.64
CA SER B 120 -0.77 11.68 -34.04
C SER B 120 -1.19 10.26 -34.39
N GLY B 121 -2.26 10.09 -35.16
CA GLY B 121 -2.75 8.77 -35.51
C GLY B 121 -3.51 8.07 -34.40
N LEU B 122 -3.61 8.67 -33.21
CA LEU B 122 -4.34 8.04 -32.11
C LEU B 122 -5.83 7.85 -32.44
N LEU B 123 -6.34 8.58 -33.43
CA LEU B 123 -7.73 8.42 -33.86
C LEU B 123 -7.85 7.65 -35.17
N THR B 124 -6.73 7.21 -35.74
CA THR B 124 -6.73 6.48 -37.01
C THR B 124 -5.88 5.21 -36.88
N ASP B 125 -6.28 4.36 -35.94
CA ASP B 125 -5.72 3.00 -35.81
C ASP B 125 -4.22 3.02 -35.52
N GLY B 126 -3.73 4.09 -34.92
CA GLY B 126 -2.31 4.23 -34.64
C GLY B 126 -1.46 4.69 -35.79
N VAL B 127 -2.00 4.71 -37.01
CA VAL B 127 -1.26 5.14 -38.19
C VAL B 127 -1.40 6.66 -38.31
N ALA B 128 -0.29 7.38 -38.13
CA ALA B 128 -0.29 8.83 -38.22
C ALA B 128 -0.65 9.26 -39.64
N PRO B 129 -1.79 9.92 -39.83
CA PRO B 129 -2.21 10.29 -41.18
C PRO B 129 -1.53 11.54 -41.67
N VAL B 130 -1.62 11.76 -42.98
CA VAL B 130 -1.14 12.99 -43.60
C VAL B 130 -2.22 14.04 -43.47
N MET B 131 -1.91 15.10 -42.72
CA MET B 131 -2.86 16.20 -42.51
C MET B 131 -2.93 17.05 -43.76
N VAL B 132 -4.08 17.04 -44.43
CA VAL B 132 -4.32 17.82 -45.64
C VAL B 132 -5.28 18.94 -45.27
N PHE B 133 -4.75 20.14 -45.11
CA PHE B 133 -5.57 21.31 -44.79
C PHE B 133 -6.06 21.98 -46.07
N ASP B 134 -7.30 22.45 -46.03
CA ASP B 134 -7.81 23.27 -47.11
C ASP B 134 -7.27 24.69 -46.99
N LYS B 135 -7.09 25.36 -48.13
CA LYS B 135 -6.54 26.71 -48.12
C LYS B 135 -7.46 27.68 -47.42
N ARG B 136 -8.77 27.57 -47.65
CA ARG B 136 -9.76 28.44 -47.03
C ARG B 136 -10.21 27.95 -45.66
N ALA B 137 -9.50 26.98 -45.07
CA ALA B 137 -9.85 26.51 -43.74
C ALA B 137 -9.73 27.65 -42.73
N HIS B 138 -10.56 27.59 -41.70
CA HIS B 138 -10.58 28.65 -40.71
C HIS B 138 -9.26 28.74 -39.98
N PHE B 139 -8.94 29.94 -39.48
CA PHE B 139 -7.67 30.16 -38.82
C PHE B 139 -7.57 29.45 -37.48
N CYS B 140 -8.70 29.15 -36.84
CA CYS B 140 -8.67 28.39 -35.58
C CYS B 140 -8.14 26.98 -35.79
N MET B 141 -8.16 26.49 -37.03
CA MET B 141 -7.57 25.23 -37.41
C MET B 141 -6.28 25.39 -38.20
N ALA B 142 -6.23 26.35 -39.11
CA ALA B 142 -5.03 26.53 -39.95
C ALA B 142 -3.83 26.97 -39.13
N SER B 143 -4.05 27.71 -38.04
CA SER B 143 -2.94 28.13 -37.20
C SER B 143 -2.32 26.98 -36.40
N LEU B 144 -2.90 25.79 -36.47
CA LEU B 144 -2.41 24.63 -35.72
C LEU B 144 -1.66 23.65 -36.60
N LYS B 145 -1.27 24.06 -37.81
CA LYS B 145 -0.52 23.16 -38.69
C LYS B 145 0.81 22.77 -38.07
N SER B 146 1.50 23.73 -37.45
CA SER B 146 2.78 23.44 -36.82
C SER B 146 2.63 22.45 -35.68
N LEU B 147 1.55 22.57 -34.91
CA LEU B 147 1.25 21.58 -33.89
C LEU B 147 1.05 20.19 -34.50
N CYS B 148 0.52 20.13 -35.72
CA CYS B 148 0.39 18.87 -36.42
C CYS B 148 1.68 18.48 -37.13
N ALA B 149 2.46 19.46 -37.58
CA ALA B 149 3.72 19.16 -38.27
C ALA B 149 4.69 18.43 -37.35
N ASP B 150 4.61 18.64 -36.04
CA ASP B 150 5.44 17.93 -35.10
C ASP B 150 5.02 16.46 -34.94
N GLU B 151 3.87 16.08 -35.48
CA GLU B 151 3.36 14.72 -35.34
C GLU B 151 3.24 13.96 -36.65
N THR B 152 3.19 14.65 -37.79
CA THR B 152 3.04 14.00 -39.09
C THR B 152 3.37 15.02 -40.16
N ARG B 153 3.36 14.56 -41.41
CA ARG B 153 3.54 15.46 -42.55
C ARG B 153 2.26 16.23 -42.81
N VAL B 154 2.38 17.53 -43.04
CA VAL B 154 1.24 18.42 -43.21
C VAL B 154 1.31 19.05 -44.59
N GLU B 155 0.21 18.97 -45.34
CA GLU B 155 0.11 19.52 -46.67
C GLU B 155 -1.11 20.45 -46.74
N THR B 156 -1.01 21.46 -47.60
CA THR B 156 -2.10 22.42 -47.80
C THR B 156 -2.41 22.47 -49.29
N ILE B 157 -3.58 22.00 -49.67
CA ILE B 157 -3.99 21.98 -51.06
C ILE B 157 -4.82 23.22 -51.35
N ARG B 158 -5.15 23.42 -52.63
CA ARG B 158 -5.96 24.55 -53.02
C ARG B 158 -7.43 24.29 -52.72
N HIS B 159 -8.23 25.35 -52.78
CA HIS B 159 -9.61 25.29 -52.30
C HIS B 159 -10.44 24.28 -53.11
N ASN B 160 -10.97 23.29 -52.40
CA ASN B 160 -11.88 22.28 -52.96
C ASN B 160 -11.25 21.47 -54.08
N ASP B 161 -9.92 21.43 -54.16
CA ASP B 161 -9.26 20.61 -55.16
C ASP B 161 -9.34 19.15 -54.78
N VAL B 162 -10.44 18.49 -55.16
CA VAL B 162 -10.63 17.08 -54.81
C VAL B 162 -9.66 16.18 -55.57
N ASP B 163 -9.08 16.66 -56.66
CA ASP B 163 -8.13 15.85 -57.42
C ASP B 163 -6.80 15.73 -56.69
N ALA B 164 -6.28 16.86 -56.21
CA ALA B 164 -5.03 16.82 -55.44
C ALA B 164 -5.21 16.06 -54.13
N LEU B 165 -6.42 16.07 -53.58
CA LEU B 165 -6.68 15.29 -52.38
C LEU B 165 -6.68 13.80 -52.68
N ALA B 166 -7.29 13.40 -53.80
CA ALA B 166 -7.30 11.98 -54.17
C ALA B 166 -5.90 11.46 -54.43
N ASP B 167 -5.01 12.29 -54.95
CA ASP B 167 -3.64 11.85 -55.19
C ASP B 167 -2.91 11.58 -53.88
N ILE B 168 -3.10 12.45 -52.88
CA ILE B 168 -2.49 12.19 -51.58
C ILE B 168 -3.08 10.94 -50.94
N CYS B 169 -4.36 10.64 -51.23
CA CYS B 169 -4.98 9.46 -50.65
C CYS B 169 -4.40 8.16 -51.21
N ARG B 170 -3.93 8.17 -52.45
CA ARG B 170 -3.36 6.97 -53.05
C ARG B 170 -1.86 6.87 -52.88
N LYS B 171 -1.19 7.93 -52.42
CA LYS B 171 0.25 7.92 -52.21
C LYS B 171 0.62 7.73 -50.74
N ASN B 172 -0.36 7.66 -49.85
CA ASN B 172 -0.11 7.45 -48.42
C ASN B 172 -1.12 6.46 -47.88
N LYS B 173 -0.79 5.86 -46.73
CA LYS B 173 -1.67 4.85 -46.14
C LYS B 173 -2.93 5.49 -45.58
N ARG B 174 -2.78 6.45 -44.67
CA ARG B 174 -3.90 7.14 -44.05
C ARG B 174 -3.77 8.64 -44.30
N VAL B 175 -4.87 9.27 -44.69
CA VAL B 175 -4.90 10.69 -45.01
C VAL B 175 -6.17 11.28 -44.41
N ALA B 176 -6.06 12.52 -43.91
CA ALA B 176 -7.22 13.24 -43.38
C ALA B 176 -7.29 14.63 -44.00
N TYR B 177 -8.51 15.15 -44.09
CA TYR B 177 -8.78 16.43 -44.73
C TYR B 177 -9.51 17.34 -43.76
N VAL B 178 -8.93 18.51 -43.50
CA VAL B 178 -9.48 19.50 -42.58
C VAL B 178 -10.07 20.64 -43.42
N CYS B 179 -11.34 20.95 -43.20
CA CYS B 179 -12.03 21.94 -44.00
C CYS B 179 -13.20 22.53 -43.21
N ASP B 180 -13.91 23.46 -43.84
CA ASP B 180 -15.12 24.03 -43.30
C ASP B 180 -16.32 23.48 -44.07
N SER B 181 -17.40 23.16 -43.33
CA SER B 181 -18.62 22.71 -44.00
C SER B 181 -19.20 23.82 -44.86
N VAL B 182 -19.24 25.04 -44.33
CA VAL B 182 -19.74 26.21 -45.05
C VAL B 182 -18.71 27.32 -44.92
N TYR B 183 -18.27 27.86 -46.05
CA TYR B 183 -17.26 28.91 -46.07
C TYR B 183 -17.94 30.27 -46.12
N SER B 184 -17.63 31.12 -45.15
CA SER B 184 -18.27 32.44 -45.08
C SER B 184 -17.84 33.33 -46.23
N THR B 185 -16.54 33.37 -46.52
CA THR B 185 -16.00 34.20 -47.60
C THR B 185 -15.96 33.36 -48.88
N GLY B 186 -16.93 33.59 -49.77
CA GLY B 186 -17.01 32.87 -51.02
C GLY B 186 -18.30 32.10 -51.21
N GLY B 187 -19.06 31.87 -50.14
CA GLY B 187 -20.32 31.13 -50.25
C GLY B 187 -20.16 29.70 -50.72
N THR B 188 -18.92 29.20 -50.74
CA THR B 188 -18.63 27.86 -51.23
C THR B 188 -18.93 26.83 -50.16
N LEU B 189 -19.50 25.71 -50.59
CA LEU B 189 -19.79 24.59 -49.70
C LEU B 189 -18.75 23.49 -49.89
N ALA B 190 -18.83 22.48 -49.03
CA ALA B 190 -17.83 21.42 -49.16
C ALA B 190 -18.29 20.39 -50.18
N PRO B 191 -17.36 19.84 -50.97
CA PRO B 191 -17.74 18.79 -51.94
C PRO B 191 -18.04 17.47 -51.25
N LEU B 192 -19.17 17.39 -50.55
CA LEU B 192 -19.46 16.23 -49.72
C LEU B 192 -19.53 14.95 -50.55
N GLU B 193 -20.21 15.01 -51.70
CA GLU B 193 -20.31 13.82 -52.55
C GLU B 193 -18.94 13.29 -52.93
N GLU B 194 -18.05 14.18 -53.37
CA GLU B 194 -16.70 13.77 -53.74
C GLU B 194 -15.90 13.36 -52.50
N LEU B 195 -16.07 14.09 -51.40
CA LEU B 195 -15.35 13.76 -50.17
C LEU B 195 -15.81 12.42 -49.60
N PHE B 196 -17.12 12.19 -49.58
CA PHE B 196 -17.64 10.91 -49.06
C PHE B 196 -17.16 9.75 -49.93
N ALA B 197 -17.04 9.97 -51.24
CA ALA B 197 -16.57 8.92 -52.13
C ALA B 197 -15.10 8.58 -51.86
N LEU B 198 -14.25 9.61 -51.76
CA LEU B 198 -12.86 9.38 -51.40
C LEU B 198 -12.74 8.69 -50.04
N GLN B 199 -13.69 8.95 -49.14
CA GLN B 199 -13.70 8.25 -47.86
C GLN B 199 -14.06 6.79 -48.05
N LYS B 200 -15.06 6.50 -48.89
CA LYS B 200 -15.45 5.12 -49.14
C LYS B 200 -14.35 4.35 -49.86
N GLU B 201 -13.54 5.02 -50.67
CA GLU B 201 -12.51 4.36 -51.47
C GLU B 201 -11.17 4.28 -50.75
N PHE B 202 -10.77 5.33 -50.05
CA PHE B 202 -9.45 5.38 -49.42
C PHE B 202 -9.49 5.40 -47.90
N GLY B 203 -10.67 5.59 -47.29
CA GLY B 203 -10.73 5.76 -45.86
C GLY B 203 -10.36 7.15 -45.39
N LEU B 204 -10.64 8.17 -46.19
CA LEU B 204 -10.24 9.53 -45.89
C LEU B 204 -10.98 10.05 -44.65
N PHE B 205 -10.22 10.37 -43.60
CA PHE B 205 -10.82 10.97 -42.42
C PHE B 205 -11.27 12.39 -42.72
N LEU B 206 -12.53 12.68 -42.44
CA LEU B 206 -13.13 13.97 -42.74
C LEU B 206 -13.25 14.79 -41.46
N TYR B 207 -12.68 15.99 -41.47
CA TYR B 207 -12.67 16.91 -40.33
C TYR B 207 -13.41 18.17 -40.76
N PHE B 208 -14.64 18.32 -40.29
CA PHE B 208 -15.51 19.41 -40.72
C PHE B 208 -15.67 20.45 -39.61
N ASP B 209 -15.82 21.70 -40.04
CA ASP B 209 -16.07 22.84 -39.15
C ASP B 209 -17.47 23.35 -39.48
N GLU B 210 -18.45 22.94 -38.69
CA GLU B 210 -19.85 23.25 -38.94
C GLU B 210 -20.29 24.57 -38.31
N ALA B 211 -19.37 25.51 -38.11
CA ALA B 211 -19.71 26.74 -37.40
C ALA B 211 -20.79 27.55 -38.11
N HIS B 212 -20.81 27.52 -39.44
CA HIS B 212 -21.81 28.25 -40.22
C HIS B 212 -22.86 27.33 -40.82
N SER B 213 -22.92 26.07 -40.40
CA SER B 213 -23.97 25.17 -40.84
C SER B 213 -24.89 24.70 -39.71
N THR B 214 -24.44 24.73 -38.47
CA THR B 214 -25.29 24.33 -37.36
C THR B 214 -26.49 25.26 -37.26
N SER B 215 -27.67 24.67 -37.02
CA SER B 215 -28.94 25.38 -36.86
C SER B 215 -29.49 25.93 -38.17
N VAL B 216 -28.62 26.36 -39.08
CA VAL B 216 -29.09 26.97 -40.33
C VAL B 216 -29.40 25.92 -41.39
N ILE B 217 -28.68 24.80 -41.43
CA ILE B 217 -28.83 23.78 -42.46
C ILE B 217 -29.24 22.46 -41.82
N GLY B 218 -30.29 21.85 -42.35
CA GLY B 218 -30.62 20.48 -42.05
C GLY B 218 -31.88 20.35 -41.21
N ASP B 219 -32.45 19.14 -41.24
CA ASP B 219 -33.56 18.81 -40.34
C ASP B 219 -33.10 18.90 -38.90
N MET B 220 -33.85 19.61 -38.08
CA MET B 220 -33.51 19.90 -36.69
C MET B 220 -32.18 20.64 -36.56
N GLY B 221 -31.62 21.15 -37.65
CA GLY B 221 -30.41 21.93 -37.60
C GLY B 221 -29.16 21.13 -37.28
N ARG B 222 -29.10 19.88 -37.74
CA ARG B 222 -27.97 19.02 -37.44
C ARG B 222 -26.73 19.33 -38.27
N GLY B 223 -26.81 20.29 -39.20
CA GLY B 223 -25.66 20.73 -39.95
C GLY B 223 -25.70 20.25 -41.39
N TYR B 224 -24.83 20.88 -42.20
CA TYR B 224 -24.75 20.53 -43.61
C TYR B 224 -24.23 19.11 -43.79
N VAL B 225 -23.21 18.71 -43.04
CA VAL B 225 -22.64 17.38 -43.20
C VAL B 225 -23.63 16.32 -42.75
N LEU B 226 -24.14 16.45 -41.53
CA LEU B 226 -25.04 15.43 -40.98
C LEU B 226 -26.34 15.31 -41.77
N ASP B 227 -26.75 16.36 -42.48
CA ASP B 227 -27.99 16.28 -43.24
C ASP B 227 -27.84 15.37 -44.45
N ARG B 228 -26.79 15.59 -45.25
CA ARG B 228 -26.54 14.78 -46.43
C ARG B 228 -25.88 13.44 -46.10
N MET B 229 -25.39 13.26 -44.87
CA MET B 229 -24.73 12.04 -44.46
C MET B 229 -25.66 11.06 -43.74
N GLY B 230 -26.67 11.57 -43.04
CA GLY B 230 -27.59 10.71 -42.32
C GLY B 230 -27.18 10.48 -40.88
N ALA B 231 -26.15 9.67 -40.69
CA ALA B 231 -25.60 9.40 -39.36
C ALA B 231 -24.08 9.35 -39.46
N ILE B 232 -23.42 9.97 -38.50
CA ILE B 232 -21.96 10.08 -38.55
C ILE B 232 -21.33 8.71 -38.39
N ASN B 233 -20.16 8.53 -39.02
CA ASN B 233 -19.41 7.30 -38.93
C ASN B 233 -18.24 7.47 -37.97
N ASP B 234 -17.34 6.50 -37.95
CA ASP B 234 -16.16 6.55 -37.08
C ASP B 234 -14.94 7.11 -37.79
N SER B 235 -15.11 7.74 -38.96
CA SER B 235 -14.02 8.39 -39.67
C SER B 235 -14.38 9.83 -40.03
N THR B 236 -15.39 10.40 -39.39
CA THR B 236 -15.80 11.78 -39.58
C THR B 236 -15.89 12.46 -38.22
N MET B 237 -15.37 13.68 -38.14
CA MET B 237 -15.37 14.44 -36.90
C MET B 237 -15.78 15.88 -37.19
N LEU B 238 -16.62 16.44 -36.32
CA LEU B 238 -17.14 17.79 -36.49
C LEU B 238 -16.79 18.64 -35.29
N ILE B 239 -16.45 19.90 -35.55
CA ILE B 239 -16.36 20.93 -34.52
C ILE B 239 -17.25 22.07 -34.95
N THR B 240 -17.86 22.74 -33.97
CA THR B 240 -18.80 23.80 -34.28
C THR B 240 -18.87 24.76 -33.10
N SER B 241 -19.45 25.93 -33.36
CA SER B 241 -19.67 26.96 -32.36
C SER B 241 -21.15 27.03 -32.03
N LEU B 242 -21.46 27.25 -30.75
CA LEU B 242 -22.85 27.28 -30.28
C LEU B 242 -23.35 28.69 -30.01
N ASN B 243 -22.65 29.73 -30.47
CA ASN B 243 -23.10 31.10 -30.33
C ASN B 243 -23.41 31.77 -31.66
N LYS B 244 -23.04 31.15 -32.78
CA LYS B 244 -23.25 31.71 -34.12
C LYS B 244 -24.52 31.15 -34.76
N GLY B 245 -25.61 31.01 -34.01
CA GLY B 245 -26.82 30.46 -34.58
C GLY B 245 -27.55 29.50 -33.67
N PHE B 246 -26.81 28.66 -32.94
CA PHE B 246 -27.43 27.76 -31.97
C PHE B 246 -28.09 28.53 -30.82
N GLY B 247 -27.69 29.78 -30.59
CA GLY B 247 -28.34 30.61 -29.60
C GLY B 247 -27.81 30.47 -28.19
N ALA B 248 -26.58 29.97 -28.03
CA ALA B 248 -26.03 29.72 -26.69
C ALA B 248 -24.59 30.20 -26.58
N SER B 249 -23.74 29.40 -25.93
CA SER B 249 -22.35 29.76 -25.72
C SER B 249 -21.47 28.54 -25.95
N GLY B 250 -20.19 28.80 -26.21
CA GLY B 250 -19.21 27.74 -26.32
C GLY B 250 -19.25 27.00 -27.65
N GLY B 251 -18.44 25.95 -27.71
CA GLY B 251 -18.37 25.10 -28.88
C GLY B 251 -18.57 23.64 -28.53
N ALA B 252 -18.33 22.74 -29.49
CA ALA B 252 -18.54 21.33 -29.23
C ALA B 252 -17.71 20.49 -30.20
N ILE B 253 -17.33 19.31 -29.73
CA ILE B 253 -16.68 18.29 -30.57
C ILE B 253 -17.69 17.19 -30.83
N VAL B 254 -17.91 16.87 -32.09
CA VAL B 254 -18.76 15.75 -32.48
C VAL B 254 -17.79 14.62 -32.83
N PHE B 255 -17.53 13.76 -31.85
CA PHE B 255 -16.52 12.71 -32.01
C PHE B 255 -16.90 11.74 -33.11
N GLY B 256 -17.98 11.00 -32.91
CA GLY B 256 -18.43 10.02 -33.87
C GLY B 256 -19.71 9.34 -33.43
N PRO B 257 -19.79 8.03 -33.61
CA PRO B 257 -21.02 7.31 -33.24
C PRO B 257 -21.35 7.48 -31.77
N ARG B 258 -22.65 7.49 -31.48
CA ARG B 258 -23.13 7.69 -30.11
C ARG B 258 -22.68 6.54 -29.21
N ASP B 259 -22.70 5.32 -29.72
CA ASP B 259 -22.34 4.17 -28.90
C ASP B 259 -20.85 4.12 -28.62
N ASP B 260 -20.02 4.43 -29.60
CA ASP B 260 -18.58 4.35 -29.43
C ASP B 260 -18.09 5.48 -28.52
N ASP B 261 -17.23 5.14 -27.57
CA ASP B 261 -16.66 6.11 -26.64
C ASP B 261 -15.15 6.24 -26.78
N ARG B 262 -14.55 5.57 -27.77
CA ARG B 262 -13.10 5.51 -27.84
C ARG B 262 -12.50 6.87 -28.17
N LYS B 263 -13.06 7.57 -29.16
CA LYS B 263 -12.52 8.88 -29.53
C LYS B 263 -12.65 9.88 -28.40
N ARG B 264 -13.78 9.86 -27.68
CA ARG B 264 -13.94 10.73 -26.53
C ARG B 264 -12.89 10.45 -25.46
N LYS B 265 -12.68 9.16 -25.16
CA LYS B 265 -11.73 8.81 -24.11
C LYS B 265 -10.29 9.06 -24.54
N ILE B 266 -9.99 8.90 -25.83
CA ILE B 266 -8.63 9.15 -26.31
C ILE B 266 -8.29 10.64 -26.17
N ILE B 267 -9.26 11.52 -26.46
CA ILE B 267 -8.99 12.95 -26.40
C ILE B 267 -9.05 13.46 -24.97
N GLN B 268 -9.94 12.91 -24.15
CA GLN B 268 -9.99 13.29 -22.74
C GLN B 268 -8.68 12.99 -22.03
N ARG B 269 -8.13 11.79 -22.28
CA ARG B 269 -6.89 11.35 -21.66
C ARG B 269 -5.65 11.82 -22.40
N SER B 270 -5.82 12.54 -23.50
CA SER B 270 -4.70 13.14 -24.21
C SER B 270 -4.44 14.54 -23.68
N SER B 271 -3.24 15.04 -23.97
CA SER B 271 -2.84 16.40 -23.57
C SER B 271 -3.56 17.39 -24.48
N GLY B 272 -4.81 17.67 -24.14
CA GLY B 272 -5.62 18.61 -24.88
C GLY B 272 -6.36 19.57 -23.98
N PRO B 273 -6.75 20.73 -24.51
CA PRO B 273 -7.55 21.68 -23.72
C PRO B 273 -8.85 21.11 -23.18
N LEU B 274 -9.31 19.97 -23.69
CA LEU B 274 -10.47 19.32 -23.11
C LEU B 274 -10.22 18.85 -21.68
N MET B 275 -8.95 18.76 -21.27
CA MET B 275 -8.60 18.30 -19.94
C MET B 275 -8.45 19.45 -18.94
N TRP B 276 -7.56 20.40 -19.23
CA TRP B 276 -7.20 21.43 -18.27
C TRP B 276 -7.99 22.73 -18.42
N SER B 277 -8.47 23.06 -19.61
CA SER B 277 -9.19 24.32 -19.79
C SER B 277 -10.58 24.23 -19.17
N GLN B 278 -11.03 25.34 -18.59
CA GLN B 278 -12.30 25.37 -17.89
C GLN B 278 -13.46 25.02 -18.81
N ARG B 279 -14.49 24.44 -18.24
CA ARG B 279 -15.68 24.04 -18.98
C ARG B 279 -16.73 25.15 -18.90
N LEU B 280 -17.74 25.03 -19.78
CA LEU B 280 -18.77 26.05 -19.88
C LEU B 280 -19.46 26.26 -18.53
N ASN B 281 -19.76 27.52 -18.22
CA ASN B 281 -20.44 27.80 -16.96
C ASN B 281 -21.88 27.34 -17.03
N THR B 282 -22.56 27.40 -15.89
CA THR B 282 -23.91 26.85 -15.79
C THR B 282 -24.91 27.52 -16.73
N PRO B 283 -25.00 28.86 -16.82
CA PRO B 283 -26.01 29.45 -17.73
C PRO B 283 -25.79 29.07 -19.19
N ALA B 284 -24.53 28.93 -19.62
CA ALA B 284 -24.26 28.46 -20.98
C ALA B 284 -24.79 27.05 -21.18
N LEU B 285 -24.62 26.18 -20.19
CA LEU B 285 -25.13 24.81 -20.29
C LEU B 285 -26.64 24.79 -20.26
N GLY B 286 -27.26 25.60 -19.38
CA GLY B 286 -28.70 25.68 -19.37
C GLY B 286 -29.28 26.16 -20.69
N ALA B 287 -28.57 27.06 -21.37
CA ALA B 287 -29.01 27.53 -22.68
C ALA B 287 -28.84 26.46 -23.74
N ILE B 288 -27.74 25.72 -23.68
CA ILE B 288 -27.51 24.63 -24.64
C ILE B 288 -28.63 23.60 -24.56
N ILE B 289 -29.01 23.20 -23.35
CA ILE B 289 -30.07 22.21 -23.17
C ILE B 289 -31.38 22.71 -23.78
N GLU B 290 -31.72 23.98 -23.51
CA GLU B 290 -32.98 24.53 -24.01
C GLU B 290 -32.96 24.69 -25.52
N SER B 291 -31.83 25.14 -26.07
CA SER B 291 -31.73 25.27 -27.52
C SER B 291 -31.78 23.90 -28.19
N ALA B 292 -31.22 22.88 -27.56
CA ALA B 292 -31.28 21.53 -28.10
C ALA B 292 -32.72 21.04 -28.19
N LYS B 293 -33.47 21.19 -27.09
CA LYS B 293 -34.89 20.84 -27.12
C LYS B 293 -35.64 21.69 -28.14
N LEU B 294 -35.25 22.96 -28.26
CA LEU B 294 -35.88 23.83 -29.25
C LEU B 294 -35.55 23.39 -30.67
N HIS B 295 -34.32 22.92 -30.89
CA HIS B 295 -33.94 22.44 -32.22
C HIS B 295 -34.74 21.21 -32.63
N ARG B 296 -35.18 20.40 -31.67
CA ARG B 296 -35.94 19.19 -31.97
C ARG B 296 -37.44 19.45 -32.11
N SER B 297 -37.89 20.68 -31.91
CA SER B 297 -39.30 21.00 -32.02
C SER B 297 -39.62 21.47 -33.44
N GLU B 298 -40.90 21.76 -33.68
CA GLU B 298 -41.33 22.29 -34.97
C GLU B 298 -40.91 23.74 -35.17
N ALA B 299 -40.37 24.40 -34.14
CA ALA B 299 -40.00 25.80 -34.27
C ALA B 299 -38.79 25.98 -35.17
N LEU B 300 -37.93 24.98 -35.29
CA LEU B 300 -36.71 25.16 -36.06
C LEU B 300 -36.95 25.10 -37.56
N PRO B 301 -37.76 24.16 -38.08
CA PRO B 301 -38.15 24.27 -39.50
C PRO B 301 -38.95 25.54 -39.78
N GLU B 302 -39.65 26.08 -38.78
CA GLU B 302 -40.32 27.36 -38.97
C GLU B 302 -39.30 28.50 -39.06
N LEU B 303 -38.27 28.48 -38.23
CA LEU B 303 -37.24 29.50 -38.29
C LEU B 303 -36.38 29.36 -39.54
N GLN B 304 -36.13 28.14 -39.99
CA GLN B 304 -35.40 27.95 -41.24
C GLN B 304 -36.19 28.46 -42.43
N ALA B 305 -37.51 28.34 -42.40
CA ALA B 305 -38.33 28.89 -43.48
C ALA B 305 -38.33 30.40 -43.46
N LYS B 306 -38.45 31.00 -42.28
CA LYS B 306 -38.38 32.45 -42.16
C LYS B 306 -37.03 32.98 -42.61
N LEU B 307 -35.95 32.22 -42.36
CA LEU B 307 -34.62 32.62 -42.81
C LEU B 307 -34.54 32.63 -44.34
N HIS B 308 -34.95 31.53 -44.97
CA HIS B 308 -34.90 31.46 -46.43
C HIS B 308 -35.82 32.49 -47.07
N SER B 309 -36.94 32.82 -46.40
CA SER B 309 -37.80 33.89 -46.88
C SER B 309 -37.06 35.23 -46.89
N ASN B 310 -36.28 35.49 -45.84
CA ASN B 310 -35.54 36.74 -45.77
C ASN B 310 -34.36 36.76 -46.73
N ILE B 311 -33.77 35.60 -47.01
CA ILE B 311 -32.70 35.54 -48.01
C ILE B 311 -33.25 35.89 -49.40
N ALA B 312 -34.44 35.39 -49.72
CA ALA B 312 -35.03 35.67 -51.02
C ALA B 312 -35.43 37.14 -51.14
N LEU B 313 -35.97 37.72 -50.08
CA LEU B 313 -36.33 39.13 -50.10
C LEU B 313 -35.09 40.01 -50.27
N PHE B 314 -34.01 39.67 -49.57
CA PHE B 314 -32.79 40.44 -49.69
C PHE B 314 -32.18 40.31 -51.08
N ASP B 315 -32.13 39.10 -51.62
CA ASP B 315 -31.56 38.89 -52.94
C ASP B 315 -32.37 39.58 -54.03
N GLY B 316 -33.68 39.69 -53.84
CA GLY B 316 -34.50 40.38 -54.82
C GLY B 316 -34.41 41.89 -54.78
N LEU B 317 -33.75 42.45 -53.77
CA LEU B 317 -33.66 43.89 -53.59
C LEU B 317 -32.24 44.44 -53.63
N VAL B 318 -31.23 43.64 -53.33
CA VAL B 318 -29.85 44.13 -53.21
C VAL B 318 -28.93 43.18 -53.94
N ARG B 319 -28.17 43.72 -54.90
CA ARG B 319 -27.11 42.97 -55.53
C ARG B 319 -25.94 42.83 -54.57
N ALA B 320 -25.51 41.60 -54.31
CA ALA B 320 -24.45 41.35 -53.36
C ALA B 320 -23.71 40.08 -53.72
N ALA B 321 -22.45 39.99 -53.30
CA ALA B 321 -21.67 38.78 -53.53
C ALA B 321 -22.31 37.60 -52.80
N GLY B 322 -22.41 36.47 -53.48
CA GLY B 322 -23.12 35.33 -52.95
C GLY B 322 -24.61 35.34 -53.20
N GLN B 323 -25.10 36.24 -54.05
CA GLN B 323 -26.54 36.30 -54.33
C GLN B 323 -27.00 35.01 -54.97
N GLY B 324 -28.06 34.43 -54.43
CA GLY B 324 -28.57 33.15 -54.87
C GLY B 324 -28.17 31.97 -54.01
N ASN B 325 -27.23 32.17 -53.08
CA ASN B 325 -26.83 31.11 -52.18
C ASN B 325 -27.96 30.74 -51.23
N SER B 326 -27.83 29.57 -50.61
CA SER B 326 -28.66 29.18 -49.49
C SER B 326 -28.05 29.55 -48.15
N VAL B 327 -26.81 30.04 -48.15
CA VAL B 327 -26.12 30.47 -46.95
C VAL B 327 -26.40 31.96 -46.72
N PRO B 328 -26.85 32.35 -45.52
CA PRO B 328 -27.26 33.74 -45.25
C PRO B 328 -26.10 34.70 -45.01
N ILE B 329 -25.11 34.68 -45.89
CA ILE B 329 -23.94 35.56 -45.80
C ILE B 329 -23.81 36.28 -47.12
N ARG B 330 -23.98 37.60 -47.10
CA ARG B 330 -23.85 38.44 -48.28
C ARG B 330 -22.69 39.42 -48.07
N TYR B 331 -22.05 39.78 -49.18
CA TYR B 331 -20.93 40.72 -49.15
C TYR B 331 -21.17 41.80 -50.19
N LEU B 332 -21.27 43.04 -49.74
CA LEU B 332 -21.51 44.19 -50.62
C LEU B 332 -20.15 44.76 -50.99
N GLU B 333 -19.64 44.39 -52.17
CA GLU B 333 -18.31 44.80 -52.60
C GLU B 333 -18.31 46.29 -52.94
N LEU B 334 -17.45 47.05 -52.25
CA LEU B 334 -17.22 48.46 -52.58
C LEU B 334 -15.78 48.75 -52.98
N GLY B 335 -14.86 47.83 -52.73
CA GLY B 335 -13.48 47.98 -53.16
C GLY B 335 -12.66 48.94 -52.31
N SER B 336 -12.89 50.24 -52.48
CA SER B 336 -12.14 51.24 -51.74
C SER B 336 -12.39 51.11 -50.25
N GLU B 337 -11.31 51.06 -49.48
CA GLU B 337 -11.44 50.97 -48.03
C GLU B 337 -12.09 52.21 -47.45
N VAL B 338 -11.83 53.38 -48.04
CA VAL B 338 -12.44 54.62 -47.56
C VAL B 338 -13.93 54.63 -47.88
N ASP B 339 -14.31 54.18 -49.08
CA ASP B 339 -15.71 54.10 -49.42
C ASP B 339 -16.46 53.13 -48.52
N THR B 340 -15.80 52.04 -48.12
CA THR B 340 -16.44 51.06 -47.26
C THR B 340 -16.73 51.65 -45.89
N LEU B 341 -15.72 52.25 -45.24
CA LEU B 341 -15.92 52.80 -43.92
C LEU B 341 -16.96 53.92 -43.93
N GLU B 342 -16.99 54.71 -45.00
CA GLU B 342 -17.98 55.78 -45.11
C GLU B 342 -19.37 55.25 -45.42
N ALA B 343 -19.47 54.17 -46.18
CA ALA B 343 -20.79 53.57 -46.42
C ALA B 343 -21.36 53.00 -45.12
N SER B 344 -20.52 52.39 -44.30
CA SER B 344 -20.98 51.88 -43.00
C SER B 344 -21.41 53.03 -42.09
N ALA B 345 -20.64 54.13 -42.09
CA ALA B 345 -21.00 55.27 -41.26
C ALA B 345 -22.30 55.91 -41.75
N TYR B 346 -22.49 56.00 -43.06
CA TYR B 346 -23.72 56.55 -43.61
C TYR B 346 -24.91 55.65 -43.29
N LEU B 347 -24.74 54.34 -43.45
CA LEU B 347 -25.85 53.42 -43.19
C LEU B 347 -26.26 53.43 -41.72
N PHE B 348 -25.28 53.52 -40.81
CA PHE B 348 -25.61 53.55 -39.39
C PHE B 348 -26.44 54.78 -39.05
N ASP B 349 -26.02 55.95 -39.53
CA ASP B 349 -26.77 57.18 -39.29
C ASP B 349 -28.13 57.18 -39.98
N ASN B 350 -28.45 56.14 -40.75
CA ASN B 350 -29.77 55.99 -41.36
C ASN B 350 -30.50 54.75 -40.83
N GLY B 351 -29.98 54.11 -39.79
CA GLY B 351 -30.69 53.08 -39.06
C GLY B 351 -30.26 51.65 -39.30
N PHE B 352 -29.10 51.40 -39.89
CA PHE B 352 -28.66 50.04 -40.21
C PHE B 352 -27.16 49.94 -40.02
N TYR B 353 -26.72 49.03 -39.16
CA TYR B 353 -25.31 48.72 -39.02
C TYR B 353 -24.97 47.51 -39.89
N VAL B 354 -23.86 47.61 -40.60
CA VAL B 354 -23.40 46.49 -41.43
C VAL B 354 -21.99 46.08 -41.03
N PRO B 356 -18.11 46.22 -41.49
CA PRO B 356 -17.26 46.43 -42.66
C PRO B 356 -15.94 45.66 -42.59
N ASP B 357 -15.54 45.05 -43.71
CA ASP B 357 -14.29 44.31 -43.80
C ASP B 357 -13.30 45.10 -44.64
N PHE B 358 -12.04 45.10 -44.22
CA PHE B 358 -10.98 45.80 -44.93
C PHE B 358 -9.66 45.08 -44.67
N PHE B 359 -8.59 45.60 -45.28
CA PHE B 359 -7.27 45.03 -45.05
C PHE B 359 -6.86 45.23 -43.59
N PRO B 360 -6.28 44.22 -42.94
CA PRO B 360 -5.87 42.92 -43.48
C PRO B 360 -6.90 41.78 -43.37
N ILE B 361 -8.15 42.08 -42.99
CA ILE B 361 -9.16 41.03 -42.92
C ILE B 361 -9.41 40.46 -44.31
N VAL B 362 -9.56 41.34 -45.30
CA VAL B 362 -9.71 40.95 -46.69
C VAL B 362 -8.65 41.70 -47.50
N SER B 363 -8.39 41.23 -48.71
CA SER B 363 -7.34 41.81 -49.54
C SER B 363 -7.61 43.28 -49.82
N ARG B 364 -6.55 44.01 -50.15
CA ARG B 364 -6.68 45.41 -50.52
C ARG B 364 -7.50 45.52 -51.80
N GLY B 365 -8.31 46.57 -51.88
CA GLY B 365 -9.19 46.75 -53.02
C GLY B 365 -10.37 45.81 -53.08
N ALA B 366 -10.49 44.88 -52.13
CA ALA B 366 -11.64 43.99 -52.03
C ALA B 366 -12.46 44.24 -50.76
N ALA B 367 -12.35 45.45 -50.21
CA ALA B 367 -13.09 45.79 -49.00
C ALA B 367 -14.58 45.97 -49.31
N GLY B 368 -15.40 45.71 -48.31
CA GLY B 368 -16.83 45.85 -48.49
C GLY B 368 -17.58 45.68 -47.19
N LEU B 369 -18.88 45.48 -47.30
CA LEU B 369 -19.77 45.33 -46.16
C LEU B 369 -20.27 43.89 -46.08
N ARG B 370 -20.12 43.28 -44.91
CA ARG B 370 -20.48 41.88 -44.69
C ARG B 370 -21.83 41.83 -43.99
N ALA B 371 -22.86 41.45 -44.73
CA ALA B 371 -24.20 41.33 -44.19
C ALA B 371 -24.55 39.87 -43.91
N ARG B 372 -25.37 39.66 -42.89
CA ARG B 372 -25.78 38.31 -42.50
C ARG B 372 -27.29 38.32 -42.25
N ILE B 373 -28.00 37.47 -42.98
CA ILE B 373 -29.44 37.39 -42.88
C ILE B 373 -29.83 36.52 -41.70
N ARG B 374 -30.90 36.90 -41.00
CA ARG B 374 -31.36 36.15 -39.84
C ARG B 374 -32.88 36.10 -39.84
N SER B 375 -33.42 35.15 -39.09
CA SER B 375 -34.87 34.98 -39.02
C SER B 375 -35.55 36.15 -38.33
N SER B 376 -34.88 36.78 -37.36
CA SER B 376 -35.47 37.88 -36.61
C SER B 376 -35.62 39.15 -37.43
N MET B 377 -35.03 39.22 -38.63
CA MET B 377 -35.24 40.35 -39.51
C MET B 377 -36.67 40.32 -40.05
N SER B 378 -37.35 41.45 -40.02
CA SER B 378 -38.69 41.56 -40.58
C SER B 378 -38.61 41.97 -42.05
N THR B 379 -39.77 41.90 -42.71
CA THR B 379 -39.84 42.35 -44.10
C THR B 379 -39.55 43.84 -44.21
N ALA B 380 -40.11 44.64 -43.28
CA ALA B 380 -39.85 46.07 -43.30
C ALA B 380 -38.38 46.38 -43.02
N ASP B 381 -37.73 45.58 -42.18
CA ASP B 381 -36.30 45.80 -41.91
C ASP B 381 -35.48 45.67 -43.19
N ILE B 382 -35.76 44.63 -43.98
CA ILE B 382 -34.96 44.38 -45.18
C ILE B 382 -35.34 45.35 -46.29
N GLU B 383 -36.62 45.65 -46.44
CA GLU B 383 -37.04 46.62 -47.45
C GLU B 383 -36.50 48.00 -47.16
N GLN B 384 -36.47 48.39 -45.87
CA GLN B 384 -36.00 49.73 -45.54
C GLN B 384 -34.48 49.83 -45.71
N PHE B 385 -33.76 48.75 -45.41
CA PHE B 385 -32.32 48.75 -45.67
C PHE B 385 -32.03 48.90 -47.15
N ALA B 386 -32.80 48.21 -48.00
CA ALA B 386 -32.58 48.28 -49.44
C ALA B 386 -32.80 49.70 -49.94
N HIS B 387 -33.82 50.39 -49.43
CA HIS B 387 -34.06 51.78 -49.83
C HIS B 387 -32.89 52.67 -49.44
N VAL B 388 -32.33 52.46 -48.25
CA VAL B 388 -31.20 53.27 -47.82
C VAL B 388 -29.95 52.91 -48.61
N TRP B 389 -29.76 51.62 -48.92
CA TRP B 389 -28.60 51.21 -49.69
C TRP B 389 -28.67 51.75 -51.12
N HIS B 390 -29.88 51.91 -51.65
CA HIS B 390 -30.02 52.41 -53.02
C HIS B 390 -29.87 53.92 -53.09
N LYS B 391 -30.31 54.64 -52.06
CA LYS B 391 -30.10 56.09 -52.06
C LYS B 391 -28.63 56.45 -51.83
N LEU B 392 -27.85 55.53 -51.25
CA LEU B 392 -26.41 55.75 -51.18
C LEU B 392 -25.76 55.65 -52.56
N GLY B 393 -26.31 54.79 -53.41
CA GLY B 393 -25.76 54.65 -54.75
C GLY B 393 -25.90 55.92 -55.58
N VAL B 394 -27.07 56.57 -55.48
CA VAL B 394 -27.26 57.84 -56.16
C VAL B 394 -26.56 58.94 -55.37
N ASP B 395 -27.06 59.25 -54.17
CA ASP B 395 -26.40 60.19 -53.25
C ASP B 395 -27.14 60.27 -51.92
N VAL C 1 -17.13 6.62 14.70
CA VAL C 1 -18.52 6.27 14.94
C VAL C 1 -19.16 7.32 15.85
N LYS C 2 -19.70 8.37 15.24
CA LYS C 2 -20.38 9.44 15.98
C LYS C 2 -21.59 9.95 15.23
N LYS C 3 -21.39 10.91 14.31
CA LYS C 3 -22.50 11.39 13.50
C LYS C 3 -23.09 10.27 12.63
N LEU C 4 -22.26 9.31 12.24
CA LEU C 4 -22.79 8.15 11.51
C LEU C 4 -23.68 7.30 12.38
N ARG C 5 -23.39 7.22 13.69
CA ARG C 5 -24.27 6.48 14.59
C ARG C 5 -25.59 7.22 14.78
N HIS C 6 -25.55 8.54 14.94
CA HIS C 6 -26.79 9.32 14.97
C HIS C 6 -27.57 9.16 13.68
N LEU C 7 -26.86 9.07 12.55
CA LEU C 7 -27.53 8.86 11.27
C LEU C 7 -28.22 7.50 11.24
N SER C 8 -27.53 6.46 11.70
CA SER C 8 -28.08 5.11 11.65
C SER C 8 -29.32 5.00 12.53
N ASP C 9 -29.24 5.53 13.76
CA ASP C 9 -30.39 5.46 14.67
C ASP C 9 -31.62 6.13 14.07
N GLY C 10 -31.43 7.12 13.18
CA GLY C 10 -32.56 7.67 12.46
C GLY C 10 -33.16 6.68 11.48
N TYR C 11 -32.31 5.92 10.78
CA TYR C 11 -32.80 4.91 9.85
C TYR C 11 -33.49 3.77 10.60
N TRP C 12 -32.91 3.34 11.73
CA TRP C 12 -33.51 2.26 12.50
C TRP C 12 -34.89 2.66 13.01
N ASP C 13 -35.04 3.89 13.49
CA ASP C 13 -36.31 4.31 14.07
C ASP C 13 -37.37 4.56 12.99
N SER C 14 -36.97 5.13 11.85
CA SER C 14 -37.92 5.29 10.75
C SER C 14 -38.36 3.93 10.21
N ALA C 15 -37.44 2.97 10.17
CA ALA C 15 -37.80 1.62 9.74
C ALA C 15 -38.76 0.95 10.72
N ALA C 16 -38.54 1.17 12.02
CA ALA C 16 -39.47 0.66 13.01
C ALA C 16 -40.82 1.38 12.94
N ARG C 17 -40.78 2.68 12.66
CA ARG C 17 -42.03 3.44 12.54
C ARG C 17 -42.87 2.96 11.37
N LEU C 18 -42.22 2.69 10.23
CA LEU C 18 -42.94 2.24 9.04
C LEU C 18 -43.41 0.79 9.13
N GLY C 19 -43.13 0.09 10.22
CA GLY C 19 -43.58 -1.27 10.40
C GLY C 19 -42.81 -2.33 9.64
N VAL C 20 -41.81 -1.93 8.83
CA VAL C 20 -41.02 -2.90 8.10
C VAL C 20 -39.81 -3.41 8.88
N HIS C 21 -39.64 -2.95 10.12
CA HIS C 21 -38.52 -3.35 10.95
C HIS C 21 -38.98 -3.52 12.39
N GLY C 22 -38.54 -4.60 13.02
CA GLY C 22 -38.89 -4.84 14.41
C GLY C 22 -40.36 -5.09 14.65
N ALA C 23 -41.11 -5.46 13.62
CA ALA C 23 -42.53 -5.75 13.77
C ALA C 23 -42.72 -7.21 14.20
N VAL C 24 -43.97 -7.60 14.39
CA VAL C 24 -44.32 -8.94 14.86
C VAL C 24 -45.35 -9.51 13.90
N LEU C 25 -44.95 -10.51 13.13
CA LEU C 25 -45.83 -11.17 12.17
C LEU C 25 -45.89 -12.66 12.46
N GLN C 26 -46.95 -13.30 11.99
CA GLN C 26 -47.15 -14.71 12.19
C GLN C 26 -46.86 -15.49 10.92
N ALA C 27 -46.20 -16.63 11.07
CA ALA C 27 -45.93 -17.49 9.92
C ALA C 27 -47.24 -18.03 9.34
N VAL C 28 -47.29 -18.16 8.02
CA VAL C 28 -48.49 -18.57 7.31
C VAL C 28 -48.08 -19.53 6.20
N PRO C 29 -48.83 -20.61 5.98
CA PRO C 29 -48.49 -21.53 4.87
C PRO C 29 -48.40 -20.79 3.55
N GLY C 30 -47.46 -21.24 2.71
CA GLY C 30 -47.23 -20.59 1.44
C GLY C 30 -46.19 -19.49 1.47
N GLY C 31 -45.21 -19.58 2.37
CA GLY C 31 -44.17 -18.57 2.46
C GLY C 31 -44.70 -17.19 2.74
N ARG C 32 -45.72 -17.07 3.61
CA ARG C 32 -46.41 -15.83 3.83
C ARG C 32 -46.35 -15.43 5.30
N LEU C 33 -46.55 -14.14 5.54
CA LEU C 33 -46.56 -13.55 6.87
C LEU C 33 -47.89 -12.84 7.09
N SER C 34 -48.44 -12.96 8.31
CA SER C 34 -49.70 -12.33 8.64
C SER C 34 -49.49 -11.36 9.79
N ALA C 35 -50.05 -10.17 9.67
CA ALA C 35 -50.01 -9.13 10.68
C ALA C 35 -51.22 -9.27 11.60
N PRO C 36 -51.18 -8.67 12.80
CA PRO C 36 -52.35 -8.74 13.69
C PRO C 36 -53.59 -8.10 13.11
N ASP C 37 -53.46 -7.17 12.17
CA ASP C 37 -54.60 -6.48 11.57
C ASP C 37 -55.20 -7.22 10.38
N GLY C 38 -54.68 -8.40 10.05
CA GLY C 38 -55.23 -9.21 8.99
C GLY C 38 -54.46 -9.17 7.68
N ARG C 39 -53.53 -8.23 7.52
CA ARG C 39 -52.76 -8.16 6.29
C ARG C 39 -51.91 -9.42 6.11
N VAL C 40 -51.89 -9.94 4.89
CA VAL C 40 -51.09 -11.10 4.53
C VAL C 40 -50.17 -10.70 3.39
N ALA C 41 -48.88 -10.96 3.56
CA ALA C 41 -47.88 -10.60 2.56
C ALA C 41 -47.00 -11.80 2.25
N VAL C 42 -46.45 -11.80 1.03
CA VAL C 42 -45.51 -12.84 0.61
C VAL C 42 -44.11 -12.43 1.04
N ASN C 43 -43.42 -13.34 1.72
CA ASN C 43 -42.07 -13.06 2.23
C ASN C 43 -41.09 -13.27 1.09
N MET C 44 -40.59 -12.18 0.53
CA MET C 44 -39.60 -12.21 -0.55
C MET C 44 -38.17 -12.23 -0.04
N SER C 45 -37.97 -12.36 1.28
CA SER C 45 -36.63 -12.29 1.86
C SER C 45 -36.35 -13.47 2.79
N SER C 46 -37.10 -14.55 2.68
CA SER C 46 -36.91 -15.71 3.55
C SER C 46 -35.62 -16.45 3.20
N TYR C 47 -34.87 -16.84 4.24
CA TYR C 47 -33.62 -17.55 4.05
C TYR C 47 -33.81 -19.04 3.78
N SER C 48 -35.04 -19.55 3.84
CA SER C 48 -35.32 -20.96 3.58
C SER C 48 -35.38 -21.15 2.07
N TYR C 49 -34.22 -21.37 1.45
CA TYR C 49 -34.12 -21.33 0.00
C TYR C 49 -34.86 -22.49 -0.66
N LEU C 50 -35.05 -23.59 0.04
CA LEU C 50 -35.77 -24.74 -0.51
C LEU C 50 -37.17 -24.87 0.07
N GLY C 51 -37.65 -23.86 0.77
CA GLY C 51 -38.98 -23.92 1.37
C GLY C 51 -39.15 -25.02 2.39
N LEU C 52 -38.04 -25.58 2.89
CA LEU C 52 -38.11 -26.72 3.81
C LEU C 52 -38.56 -26.32 5.21
N ASP C 53 -38.60 -25.02 5.53
CA ASP C 53 -39.18 -24.61 6.80
C ASP C 53 -40.67 -24.87 6.88
N GLU C 54 -41.31 -25.22 5.76
CA GLU C 54 -42.72 -25.60 5.73
C GLU C 54 -42.91 -27.08 5.43
N SER C 55 -41.83 -27.86 5.40
CA SER C 55 -41.95 -29.29 5.13
C SER C 55 -42.69 -29.99 6.27
N PRO C 56 -43.76 -30.74 5.99
CA PRO C 56 -44.43 -31.45 7.08
C PRO C 56 -43.65 -32.66 7.57
N ARG C 57 -42.87 -33.32 6.70
CA ARG C 57 -42.03 -34.43 7.15
C ARG C 57 -41.06 -33.98 8.23
N ILE C 58 -40.44 -32.82 8.04
CA ILE C 58 -39.42 -32.36 8.97
C ILE C 58 -40.05 -31.91 10.28
N ILE C 59 -41.19 -31.20 10.21
CA ILE C 59 -41.82 -30.71 11.43
C ILE C 59 -42.37 -31.87 12.25
N ASP C 60 -42.94 -32.89 11.59
CA ASP C 60 -43.41 -34.06 12.31
C ASP C 60 -42.26 -34.77 13.02
N ALA C 61 -41.11 -34.86 12.37
CA ALA C 61 -39.96 -35.53 13.00
C ALA C 61 -39.43 -34.75 14.18
N ALA C 62 -39.54 -33.42 14.15
CA ALA C 62 -39.14 -32.62 15.29
C ALA C 62 -40.08 -32.84 16.47
N ILE C 63 -41.38 -32.94 16.20
CA ILE C 63 -42.34 -33.22 17.26
C ILE C 63 -42.18 -34.64 17.78
N ALA C 64 -41.95 -35.59 16.86
CA ALA C 64 -41.84 -36.98 17.25
C ALA C 64 -40.62 -37.22 18.14
N ALA C 65 -39.50 -36.59 17.81
CA ALA C 65 -38.30 -36.73 18.64
C ALA C 65 -38.53 -36.20 20.04
N LEU C 66 -39.36 -35.16 20.19
CA LEU C 66 -39.62 -34.63 21.52
C LEU C 66 -40.57 -35.51 22.30
N ARG C 67 -41.51 -36.18 21.62
CA ARG C 67 -42.42 -37.08 22.30
C ARG C 67 -41.69 -38.32 22.80
N SER C 68 -40.87 -38.94 21.95
CA SER C 68 -40.21 -40.19 22.33
C SER C 68 -39.16 -39.96 23.41
N ASN C 69 -38.44 -38.84 23.35
CA ASN C 69 -37.37 -38.60 24.31
C ASN C 69 -37.89 -37.99 25.61
N MET C 70 -38.98 -37.23 25.54
CA MET C 70 -39.57 -36.55 26.69
C MET C 70 -38.57 -35.66 27.43
N VAL C 71 -37.53 -35.19 26.74
CA VAL C 71 -36.59 -34.20 27.26
C VAL C 71 -36.21 -33.27 26.13
N LEU C 72 -35.72 -32.09 26.49
CA LEU C 72 -35.25 -31.11 25.52
C LEU C 72 -33.74 -31.21 25.29
N ASN C 73 -32.95 -31.05 26.35
CA ASN C 73 -31.50 -31.06 26.20
C ASN C 73 -31.02 -32.42 25.70
N SER C 74 -30.01 -32.39 24.83
CA SER C 74 -29.44 -33.58 24.22
C SER C 74 -28.33 -34.20 25.06
N SER C 75 -27.93 -33.54 26.14
CA SER C 75 -26.98 -34.10 27.10
C SER C 75 -27.63 -34.41 28.44
N LEU C 76 -28.92 -34.09 28.59
CA LEU C 76 -29.67 -34.27 29.84
C LEU C 76 -29.05 -33.44 30.97
N GLY C 77 -27.89 -33.85 31.46
CA GLY C 77 -27.21 -33.09 32.49
C GLY C 77 -25.96 -32.40 32.00
N ARG C 78 -26.01 -31.82 30.79
CA ARG C 78 -24.90 -31.08 30.18
C ARG C 78 -23.58 -31.85 30.24
N VAL C 79 -23.64 -33.14 30.51
CA VAL C 79 -22.45 -33.95 30.73
C VAL C 79 -21.74 -34.18 29.41
N ARG C 80 -20.61 -34.89 29.45
CA ARG C 80 -19.85 -35.24 28.27
C ARG C 80 -20.50 -36.37 27.47
N MET C 81 -21.67 -36.85 27.90
CA MET C 81 -22.41 -37.88 27.21
C MET C 81 -23.47 -37.25 26.32
N THR C 82 -23.96 -38.03 25.36
CA THR C 82 -24.93 -37.57 24.38
C THR C 82 -26.08 -38.57 24.28
N LEU C 83 -27.27 -38.05 23.99
CA LEU C 83 -28.40 -38.89 23.67
C LEU C 83 -28.17 -39.60 22.35
N PRO C 84 -28.81 -40.76 22.15
CA PRO C 84 -28.66 -41.45 20.85
C PRO C 84 -29.13 -40.61 19.67
N LEU C 85 -30.12 -39.74 19.88
CA LEU C 85 -30.62 -38.89 18.79
C LEU C 85 -29.52 -37.99 18.25
N LEU C 86 -28.67 -37.44 19.14
CA LEU C 86 -27.57 -36.59 18.69
C LEU C 86 -26.55 -37.39 17.89
N GLU C 87 -26.19 -38.58 18.37
CA GLU C 87 -25.26 -39.41 17.63
C GLU C 87 -25.84 -39.83 16.28
N GLU C 88 -27.15 -40.09 16.24
CA GLU C 88 -27.81 -40.36 14.97
C GLU C 88 -27.84 -39.12 14.09
N ALA C 89 -28.01 -37.95 14.70
CA ALA C 89 -28.05 -36.70 13.92
C ALA C 89 -26.71 -36.43 13.26
N GLU C 90 -25.62 -36.47 14.03
CA GLU C 90 -24.30 -36.24 13.45
C GLU C 90 -23.88 -37.38 12.54
N CYS C 91 -24.47 -38.56 12.70
CA CYS C 91 -24.21 -39.65 11.76
C CYS C 91 -24.94 -39.43 10.45
N ALA C 92 -26.16 -38.88 10.51
CA ALA C 92 -26.90 -38.57 9.28
C ALA C 92 -26.23 -37.47 8.50
N LEU C 93 -25.80 -36.39 9.19
CA LEU C 93 -25.03 -35.36 8.51
C LEU C 93 -23.73 -35.91 7.95
N GLY C 94 -23.15 -36.91 8.63
CA GLY C 94 -21.95 -37.54 8.10
C GLY C 94 -22.22 -38.31 6.83
N ASP C 95 -23.32 -39.07 6.78
CA ASP C 95 -23.66 -39.80 5.56
C ASP C 95 -23.99 -38.84 4.42
N LEU C 96 -24.56 -37.68 4.73
CA LEU C 96 -24.95 -36.73 3.69
C LEU C 96 -23.72 -36.03 3.11
N PHE C 97 -22.97 -35.33 3.95
CA PHE C 97 -21.77 -34.62 3.48
C PHE C 97 -20.66 -35.56 3.07
N GLY C 98 -20.62 -36.78 3.61
CA GLY C 98 -19.50 -37.66 3.37
C GLY C 98 -18.28 -37.19 4.13
N ALA C 99 -18.46 -36.89 5.42
CA ALA C 99 -17.41 -36.31 6.25
C ALA C 99 -17.86 -36.41 7.70
N ASP C 100 -16.94 -36.06 8.61
CA ASP C 100 -17.23 -36.06 10.03
C ASP C 100 -17.80 -34.70 10.42
N VAL C 101 -19.01 -34.69 10.97
CA VAL C 101 -19.74 -33.47 11.26
C VAL C 101 -20.14 -33.44 12.73
N ALA C 102 -20.01 -32.27 13.35
CA ALA C 102 -20.51 -32.03 14.69
C ALA C 102 -21.51 -30.89 14.67
N THR C 103 -22.53 -30.97 15.52
CA THR C 103 -23.59 -30.00 15.56
C THR C 103 -23.42 -29.06 16.75
N LEU C 104 -23.76 -27.79 16.55
CA LEU C 104 -23.76 -26.79 17.60
C LEU C 104 -25.06 -26.01 17.53
N ASN C 105 -25.29 -25.15 18.54
CA ASN C 105 -26.52 -24.40 18.61
C ASN C 105 -26.63 -23.34 17.51
N SER C 106 -25.52 -23.00 16.85
CA SER C 106 -25.53 -21.99 15.81
C SER C 106 -24.24 -22.09 15.01
N CYS C 107 -24.29 -21.60 13.77
CA CYS C 107 -23.08 -21.54 12.95
C CYS C 107 -22.05 -20.57 13.53
N SER C 108 -22.52 -19.51 14.20
CA SER C 108 -21.60 -18.59 14.85
C SER C 108 -20.78 -19.29 15.92
N ALA C 109 -21.41 -20.20 16.67
CA ALA C 109 -20.67 -20.98 17.66
C ALA C 109 -19.68 -21.92 17.00
N ALA C 110 -19.99 -22.40 15.79
CA ALA C 110 -19.05 -23.23 15.05
C ALA C 110 -17.77 -22.45 14.72
N ALA C 111 -17.92 -21.17 14.35
CA ALA C 111 -16.76 -20.35 14.09
C ALA C 111 -15.94 -20.10 15.36
N TRP C 112 -16.64 -19.84 16.47
CA TRP C 112 -15.95 -19.60 17.73
C TRP C 112 -15.12 -20.80 18.15
N ALA C 113 -15.65 -22.01 17.94
CA ALA C 113 -14.99 -23.23 18.40
C ALA C 113 -13.87 -23.70 17.49
N THR C 114 -13.75 -23.16 16.28
CA THR C 114 -12.80 -23.66 15.29
C THR C 114 -11.68 -22.69 14.96
N LEU C 115 -12.01 -21.42 14.70
CA LEU C 115 -11.01 -20.47 14.24
C LEU C 115 -9.81 -20.33 15.18
N PRO C 116 -9.98 -20.16 16.50
CA PRO C 116 -8.78 -20.05 17.35
C PRO C 116 -7.93 -21.31 17.37
N VAL C 117 -8.55 -22.49 17.38
CA VAL C 117 -7.77 -23.72 17.40
C VAL C 117 -7.09 -23.96 16.06
N LEU C 118 -7.62 -23.38 14.97
CA LEU C 118 -6.90 -23.40 13.70
C LEU C 118 -5.73 -22.44 13.74
N ALA C 119 -5.93 -21.26 14.34
CA ALA C 119 -4.85 -20.29 14.49
C ALA C 119 -3.77 -20.78 15.44
N SER C 120 -4.10 -21.69 16.36
CA SER C 120 -3.10 -22.22 17.27
C SER C 120 -2.15 -23.20 16.58
N GLY C 121 -2.54 -23.75 15.44
CA GLY C 121 -1.72 -24.70 14.71
C GLY C 121 -1.98 -26.15 15.03
N LEU C 122 -2.84 -26.44 16.02
CA LEU C 122 -3.11 -27.83 16.39
C LEU C 122 -3.81 -28.60 15.28
N LEU C 123 -4.48 -27.92 14.37
CA LEU C 123 -5.05 -28.57 13.19
C LEU C 123 -4.06 -28.71 12.05
N THR C 124 -2.97 -27.93 12.06
CA THR C 124 -1.98 -27.98 10.99
C THR C 124 -0.68 -28.61 11.48
N ASP C 125 -0.76 -29.85 11.98
CA ASP C 125 0.36 -30.68 12.45
C ASP C 125 1.19 -30.05 13.56
N GLY C 126 0.83 -28.88 14.07
CA GLY C 126 1.60 -28.22 15.11
C GLY C 126 2.21 -26.90 14.68
N VAL C 127 2.17 -26.55 13.41
CA VAL C 127 2.71 -25.28 12.93
C VAL C 127 1.59 -24.25 12.94
N ALA C 128 1.76 -23.20 13.73
CA ALA C 128 0.77 -22.12 13.79
C ALA C 128 0.70 -21.40 12.46
N PRO C 129 -0.36 -21.58 11.68
CA PRO C 129 -0.41 -21.00 10.34
C PRO C 129 -0.72 -19.51 10.40
N VAL C 130 -0.66 -18.87 9.25
CA VAL C 130 -0.99 -17.45 9.12
C VAL C 130 -2.45 -17.35 8.70
N MET C 131 -3.23 -16.61 9.48
CA MET C 131 -4.66 -16.47 9.23
C MET C 131 -4.88 -15.37 8.19
N VAL C 132 -5.43 -15.76 7.03
CA VAL C 132 -5.74 -14.82 5.96
C VAL C 132 -7.26 -14.76 5.84
N PHE C 133 -7.85 -13.67 6.32
CA PHE C 133 -9.28 -13.46 6.24
C PHE C 133 -9.62 -12.70 4.96
N ASP C 134 -10.66 -13.16 4.26
CA ASP C 134 -11.17 -12.41 3.13
C ASP C 134 -11.86 -11.15 3.63
N LYS C 135 -11.84 -10.10 2.79
CA LYS C 135 -12.36 -8.81 3.21
C LYS C 135 -13.87 -8.87 3.47
N ARG C 136 -14.58 -9.72 2.74
CA ARG C 136 -16.03 -9.84 2.88
C ARG C 136 -16.44 -11.10 3.63
N ALA C 137 -15.55 -11.64 4.46
CA ALA C 137 -15.92 -12.78 5.30
C ALA C 137 -17.01 -12.37 6.28
N HIS C 138 -17.92 -13.30 6.56
CA HIS C 138 -19.04 -13.01 7.45
C HIS C 138 -18.53 -12.59 8.82
N PHE C 139 -19.36 -11.79 9.51
CA PHE C 139 -18.94 -11.19 10.77
C PHE C 139 -18.67 -12.23 11.85
N CYS C 140 -19.34 -13.39 11.79
CA CYS C 140 -19.12 -14.42 12.79
C CYS C 140 -17.69 -14.95 12.76
N MET C 141 -16.99 -14.77 11.65
CA MET C 141 -15.57 -15.10 11.55
C MET C 141 -14.68 -13.87 11.63
N ALA C 142 -15.11 -12.74 11.04
CA ALA C 142 -14.25 -11.56 11.00
C ALA C 142 -14.20 -10.85 12.34
N SER C 143 -15.24 -10.98 13.17
CA SER C 143 -15.20 -10.37 14.49
C SER C 143 -14.28 -11.13 15.45
N LEU C 144 -13.81 -12.32 15.06
CA LEU C 144 -12.91 -13.12 15.88
C LEU C 144 -11.46 -13.05 15.38
N LYS C 145 -11.09 -11.95 14.71
CA LYS C 145 -9.71 -11.81 14.26
C LYS C 145 -8.77 -11.61 15.44
N SER C 146 -9.20 -10.82 16.44
CA SER C 146 -8.36 -10.60 17.61
C SER C 146 -8.11 -11.89 18.37
N LEU C 147 -9.07 -12.82 18.35
CA LEU C 147 -8.85 -14.12 18.98
C LEU C 147 -7.76 -14.89 18.26
N CYS C 148 -7.72 -14.82 16.93
CA CYS C 148 -6.67 -15.46 16.16
C CYS C 148 -5.36 -14.69 16.20
N ALA C 149 -5.40 -13.38 16.45
CA ALA C 149 -4.18 -12.60 16.51
C ALA C 149 -3.31 -12.98 17.69
N ASP C 150 -3.93 -13.41 18.80
CA ASP C 150 -3.17 -13.83 19.97
C ASP C 150 -2.49 -15.18 19.78
N GLU C 151 -2.74 -15.86 18.66
CA GLU C 151 -2.08 -17.13 18.36
C GLU C 151 -1.11 -17.05 17.20
N THR C 152 -1.35 -16.16 16.25
CA THR C 152 -0.52 -16.06 15.05
C THR C 152 -0.78 -14.73 14.34
N ARG C 153 -0.39 -14.65 13.07
CA ARG C 153 -0.59 -13.43 12.30
C ARG C 153 -1.94 -13.47 11.60
N VAL C 154 -2.62 -12.32 11.58
CA VAL C 154 -3.97 -12.19 11.05
C VAL C 154 -3.95 -11.17 9.92
N GLU C 155 -4.32 -11.60 8.72
CA GLU C 155 -4.28 -10.77 7.52
C GLU C 155 -5.68 -10.60 6.95
N THR C 156 -5.85 -9.54 6.15
CA THR C 156 -7.13 -9.23 5.52
C THR C 156 -6.84 -8.80 4.08
N ILE C 157 -6.71 -9.78 3.18
CA ILE C 157 -6.58 -9.47 1.77
C ILE C 157 -7.92 -8.97 1.22
N ARG C 158 -7.85 -8.31 0.07
CA ARG C 158 -9.07 -7.82 -0.56
C ARG C 158 -9.89 -9.00 -1.10
N HIS C 159 -11.14 -8.69 -1.48
CA HIS C 159 -12.11 -9.73 -1.79
C HIS C 159 -11.65 -10.58 -2.98
N ASN C 160 -11.48 -11.88 -2.72
CA ASN C 160 -11.11 -12.87 -3.75
C ASN C 160 -9.80 -12.49 -4.45
N ASP C 161 -8.84 -11.98 -3.67
CA ASP C 161 -7.54 -11.59 -4.21
C ASP C 161 -6.61 -12.80 -4.14
N VAL C 162 -6.73 -13.67 -5.16
CA VAL C 162 -5.89 -14.86 -5.22
C VAL C 162 -4.44 -14.51 -5.52
N ASP C 163 -4.18 -13.33 -6.10
CA ASP C 163 -2.81 -12.92 -6.36
C ASP C 163 -2.04 -12.67 -5.07
N ALA C 164 -2.64 -11.91 -4.15
CA ALA C 164 -2.00 -11.64 -2.87
C ALA C 164 -2.00 -12.87 -1.97
N LEU C 165 -2.89 -13.84 -2.21
CA LEU C 165 -2.88 -15.06 -1.41
C LEU C 165 -1.73 -15.96 -1.81
N ALA C 166 -1.47 -16.10 -3.12
CA ALA C 166 -0.31 -16.86 -3.56
C ALA C 166 0.98 -16.20 -3.10
N ASP C 167 0.96 -14.89 -2.86
CA ASP C 167 2.14 -14.22 -2.33
C ASP C 167 2.45 -14.66 -0.91
N ILE C 168 1.44 -14.65 -0.04
CA ILE C 168 1.67 -15.03 1.35
C ILE C 168 2.00 -16.51 1.46
N CYS C 169 1.51 -17.33 0.52
CA CYS C 169 1.81 -18.76 0.57
C CYS C 169 3.28 -19.04 0.30
N ARG C 170 3.89 -18.29 -0.64
CA ARG C 170 5.31 -18.49 -0.92
C ARG C 170 6.18 -18.06 0.25
N LYS C 171 5.78 -16.99 0.94
CA LYS C 171 6.61 -16.37 1.96
C LYS C 171 6.37 -16.92 3.35
N ASN C 172 5.59 -17.99 3.49
CA ASN C 172 5.33 -18.55 4.81
C ASN C 172 5.21 -20.07 4.71
N LYS C 173 5.31 -20.72 5.88
CA LYS C 173 5.34 -22.18 5.94
C LYS C 173 3.95 -22.77 5.81
N ARG C 174 3.00 -22.29 6.62
CA ARG C 174 1.63 -22.81 6.63
C ARG C 174 0.66 -21.64 6.55
N VAL C 175 -0.30 -21.72 5.63
CA VAL C 175 -1.26 -20.66 5.41
C VAL C 175 -2.67 -21.25 5.46
N ALA C 176 -3.62 -20.45 5.96
CA ALA C 176 -5.03 -20.82 5.97
C ALA C 176 -5.84 -19.64 5.48
N TYR C 177 -6.89 -19.92 4.71
CA TYR C 177 -7.74 -18.90 4.10
C TYR C 177 -9.15 -19.04 4.66
N VAL C 178 -9.66 -17.96 5.25
CA VAL C 178 -10.99 -17.92 5.84
C VAL C 178 -11.88 -17.08 4.94
N CYS C 179 -12.92 -17.70 4.38
CA CYS C 179 -13.78 -17.03 3.42
C CYS C 179 -15.19 -17.62 3.50
N ASP C 180 -16.06 -17.12 2.65
CA ASP C 180 -17.40 -17.68 2.45
C ASP C 180 -17.45 -18.42 1.12
N SER C 181 -18.18 -19.53 1.09
CA SER C 181 -18.41 -20.22 -0.18
C SER C 181 -19.31 -19.40 -1.09
N VAL C 182 -20.28 -18.68 -0.51
CA VAL C 182 -21.19 -17.82 -1.24
C VAL C 182 -21.34 -16.53 -0.45
N TYR C 183 -21.23 -15.40 -1.15
CA TYR C 183 -21.34 -14.09 -0.51
C TYR C 183 -22.70 -13.48 -0.86
N SER C 184 -23.49 -13.17 0.17
CA SER C 184 -24.82 -12.63 -0.06
C SER C 184 -24.76 -11.23 -0.65
N THR C 185 -23.87 -10.39 -0.15
CA THR C 185 -23.71 -9.03 -0.64
C THR C 185 -22.63 -9.02 -1.72
N GLY C 186 -23.05 -8.81 -2.97
CA GLY C 186 -22.16 -8.85 -4.11
C GLY C 186 -22.38 -10.03 -5.03
N GLY C 187 -23.08 -11.07 -4.56
CA GLY C 187 -23.32 -12.26 -5.36
C GLY C 187 -22.09 -13.02 -5.78
N THR C 188 -20.92 -12.70 -5.23
CA THR C 188 -19.69 -13.35 -5.65
C THR C 188 -19.56 -14.74 -5.05
N LEU C 189 -18.78 -15.59 -5.72
CA LEU C 189 -18.48 -16.93 -5.24
C LEU C 189 -16.99 -17.06 -4.97
N ALA C 190 -16.63 -18.04 -4.16
CA ALA C 190 -15.23 -18.26 -3.84
C ALA C 190 -14.51 -18.84 -5.05
N PRO C 191 -13.32 -18.34 -5.40
CA PRO C 191 -12.59 -18.89 -6.55
C PRO C 191 -12.04 -20.28 -6.27
N LEU C 192 -12.88 -21.31 -6.43
CA LEU C 192 -12.49 -22.65 -6.02
C LEU C 192 -11.30 -23.17 -6.82
N GLU C 193 -11.33 -22.98 -8.13
CA GLU C 193 -10.25 -23.50 -8.97
C GLU C 193 -8.90 -22.88 -8.60
N GLU C 194 -8.91 -21.60 -8.24
CA GLU C 194 -7.67 -20.96 -7.78
C GLU C 194 -7.31 -21.40 -6.37
N LEU C 195 -8.31 -21.55 -5.50
CA LEU C 195 -8.03 -21.94 -4.12
C LEU C 195 -7.61 -23.40 -4.02
N PHE C 196 -8.31 -24.29 -4.72
CA PHE C 196 -7.96 -25.70 -4.69
C PHE C 196 -6.59 -25.96 -5.28
N ALA C 197 -6.20 -25.19 -6.31
CA ALA C 197 -4.87 -25.33 -6.89
C ALA C 197 -3.81 -24.74 -5.96
N LEU C 198 -4.11 -23.61 -5.33
CA LEU C 198 -3.19 -23.04 -4.34
C LEU C 198 -3.00 -23.97 -3.15
N GLN C 199 -3.94 -24.89 -2.92
CA GLN C 199 -3.82 -25.89 -1.87
C GLN C 199 -3.01 -27.10 -2.33
N LYS C 200 -3.19 -27.53 -3.59
CA LYS C 200 -2.37 -28.61 -4.13
C LYS C 200 -0.92 -28.23 -4.29
N GLU C 201 -0.57 -26.95 -4.09
CA GLU C 201 0.79 -26.47 -4.24
C GLU C 201 1.46 -26.22 -2.90
N PHE C 202 0.94 -25.27 -2.11
CA PHE C 202 1.54 -24.89 -0.84
C PHE C 202 0.89 -25.55 0.36
N GLY C 203 -0.09 -26.43 0.14
CA GLY C 203 -0.83 -26.98 1.26
C GLY C 203 -1.70 -25.96 1.96
N LEU C 204 -2.38 -25.11 1.20
CA LEU C 204 -3.18 -24.05 1.78
C LEU C 204 -4.42 -24.62 2.47
N PHE C 205 -4.63 -24.21 3.72
CA PHE C 205 -5.82 -24.63 4.46
C PHE C 205 -7.01 -23.78 4.06
N LEU C 206 -8.15 -24.43 3.85
CA LEU C 206 -9.35 -23.78 3.33
C LEU C 206 -10.46 -23.85 4.38
N TYR C 207 -10.84 -22.69 4.90
CA TYR C 207 -11.89 -22.58 5.91
C TYR C 207 -13.08 -21.88 5.25
N PHE C 208 -14.11 -22.65 4.93
CA PHE C 208 -15.26 -22.13 4.19
C PHE C 208 -16.46 -21.93 5.10
N ASP C 209 -17.26 -20.92 4.77
CA ASP C 209 -18.57 -20.69 5.39
C ASP C 209 -19.61 -21.04 4.33
N GLU C 210 -20.30 -22.17 4.51
CA GLU C 210 -21.23 -22.69 3.53
C GLU C 210 -22.69 -22.38 3.87
N ALA C 211 -22.94 -21.30 4.60
CA ALA C 211 -24.30 -21.01 5.05
C ALA C 211 -25.25 -20.80 3.88
N HIS C 212 -24.88 -19.93 2.95
CA HIS C 212 -25.70 -19.67 1.77
C HIS C 212 -25.47 -20.67 0.65
N SER C 213 -24.83 -21.80 0.91
CA SER C 213 -24.56 -22.79 -0.12
C SER C 213 -24.93 -24.21 0.27
N THR C 214 -25.33 -24.46 1.52
CA THR C 214 -25.49 -25.83 1.99
C THR C 214 -26.51 -26.60 1.16
N SER C 215 -27.75 -26.13 1.11
CA SER C 215 -28.81 -26.87 0.46
C SER C 215 -29.16 -26.38 -0.93
N VAL C 216 -28.67 -25.19 -1.32
CA VAL C 216 -29.03 -24.64 -2.62
C VAL C 216 -28.12 -25.19 -3.73
N ILE C 217 -26.87 -25.50 -3.41
CA ILE C 217 -25.87 -25.87 -4.41
C ILE C 217 -25.44 -27.31 -4.18
N GLY C 218 -25.30 -28.05 -5.28
CA GLY C 218 -24.64 -29.34 -5.26
C GLY C 218 -25.62 -30.50 -5.36
N ASP C 219 -25.10 -31.64 -5.79
CA ASP C 219 -25.86 -32.88 -5.79
C ASP C 219 -26.14 -33.29 -4.35
N MET C 220 -27.39 -33.62 -4.05
CA MET C 220 -27.87 -33.92 -2.70
C MET C 220 -27.65 -32.76 -1.74
N GLY C 221 -27.42 -31.55 -2.27
CA GLY C 221 -27.23 -30.38 -1.46
C GLY C 221 -26.09 -30.49 -0.47
N ARG C 222 -24.91 -30.86 -0.96
CA ARG C 222 -23.72 -30.96 -0.11
C ARG C 222 -22.92 -29.67 -0.08
N GLY C 223 -23.22 -28.72 -0.95
CA GLY C 223 -22.59 -27.43 -0.92
C GLY C 223 -21.74 -27.17 -2.16
N TYR C 224 -21.39 -25.89 -2.33
CA TYR C 224 -20.55 -25.49 -3.46
C TYR C 224 -19.18 -26.16 -3.39
N VAL C 225 -18.54 -26.11 -2.23
CA VAL C 225 -17.19 -26.66 -2.09
C VAL C 225 -17.21 -28.17 -2.28
N LEU C 226 -18.12 -28.86 -1.59
CA LEU C 226 -18.15 -30.31 -1.66
C LEU C 226 -18.55 -30.83 -3.03
N ASP C 227 -19.32 -30.05 -3.79
CA ASP C 227 -19.77 -30.52 -5.10
C ASP C 227 -18.62 -30.55 -6.10
N ARG C 228 -17.85 -29.47 -6.18
CA ARG C 228 -16.69 -29.46 -7.07
C ARG C 228 -15.58 -30.35 -6.54
N MET C 229 -15.36 -30.33 -5.23
CA MET C 229 -14.27 -31.08 -4.63
C MET C 229 -14.54 -32.59 -4.66
N GLY C 230 -15.78 -32.98 -4.47
CA GLY C 230 -16.16 -34.39 -4.47
C GLY C 230 -16.04 -35.09 -3.13
N ALA C 231 -14.88 -34.94 -2.47
CA ALA C 231 -14.65 -35.54 -1.17
C ALA C 231 -13.66 -34.66 -0.41
N ILE C 232 -13.99 -34.36 0.84
CA ILE C 232 -13.20 -33.40 1.61
C ILE C 232 -11.88 -34.03 2.02
N ASN C 233 -10.83 -33.20 2.13
CA ASN C 233 -9.50 -33.64 2.51
C ASN C 233 -9.20 -33.21 3.95
N ASP C 234 -7.94 -33.38 4.36
CA ASP C 234 -7.50 -33.03 5.70
C ASP C 234 -7.04 -31.58 5.82
N SER C 235 -7.31 -30.75 4.81
CA SER C 235 -6.93 -29.35 4.84
C SER C 235 -8.09 -28.42 4.50
N THR C 236 -9.30 -28.96 4.33
CA THR C 236 -10.50 -28.16 4.10
C THR C 236 -11.45 -28.39 5.26
N MET C 237 -11.96 -27.29 5.82
CA MET C 237 -12.91 -27.35 6.94
C MET C 237 -14.08 -26.43 6.65
N LEU C 238 -15.29 -26.93 6.86
CA LEU C 238 -16.51 -26.20 6.57
C LEU C 238 -17.29 -25.93 7.86
N ILE C 239 -17.86 -24.74 7.94
CA ILE C 239 -18.88 -24.43 8.94
C ILE C 239 -20.10 -23.92 8.20
N THR C 240 -21.28 -24.25 8.70
CA THR C 240 -22.50 -23.88 8.01
C THR C 240 -23.65 -23.75 9.01
N SER C 241 -24.69 -23.07 8.58
CA SER C 241 -25.92 -22.91 9.36
C SER C 241 -26.98 -23.87 8.83
N LEU C 242 -27.79 -24.41 9.72
CA LEU C 242 -28.75 -25.44 9.37
C LEU C 242 -30.20 -24.95 9.40
N ASN C 243 -30.41 -23.65 9.53
CA ASN C 243 -31.76 -23.08 9.54
C ASN C 243 -32.03 -22.18 8.34
N LYS C 244 -31.20 -22.28 7.30
CA LYS C 244 -31.38 -21.47 6.09
C LYS C 244 -31.15 -22.39 4.88
N GLY C 245 -32.20 -23.07 4.47
CA GLY C 245 -32.10 -24.00 3.36
C GLY C 245 -32.20 -25.44 3.79
N PHE C 246 -31.45 -25.81 4.84
CA PHE C 246 -31.54 -27.16 5.38
C PHE C 246 -32.89 -27.40 6.04
N GLY C 247 -33.50 -26.35 6.59
CA GLY C 247 -34.83 -26.47 7.16
C GLY C 247 -34.88 -26.94 8.58
N ALA C 248 -33.81 -26.75 9.35
CA ALA C 248 -33.78 -27.19 10.74
C ALA C 248 -33.30 -26.07 11.66
N SER C 249 -32.40 -26.39 12.59
CA SER C 249 -31.89 -25.40 13.53
C SER C 249 -30.41 -25.65 13.78
N GLY C 250 -29.74 -24.62 14.28
CA GLY C 250 -28.36 -24.74 14.68
C GLY C 250 -27.37 -24.65 13.52
N GLY C 251 -26.13 -25.01 13.83
CA GLY C 251 -25.06 -25.02 12.84
C GLY C 251 -24.28 -26.32 12.85
N ALA C 252 -23.13 -26.33 12.17
CA ALA C 252 -22.36 -27.57 12.08
C ALA C 252 -20.91 -27.23 11.75
N ILE C 253 -20.02 -28.17 12.10
CA ILE C 253 -18.61 -28.12 11.75
C ILE C 253 -18.29 -29.36 10.93
N VAL C 254 -17.90 -29.15 9.67
CA VAL C 254 -17.42 -30.25 8.83
C VAL C 254 -15.91 -30.31 9.04
N PHE C 255 -15.49 -31.19 9.96
CA PHE C 255 -14.08 -31.29 10.33
C PHE C 255 -13.23 -31.68 9.13
N GLY C 256 -13.39 -32.92 8.68
CA GLY C 256 -12.60 -33.45 7.59
C GLY C 256 -13.14 -34.78 7.13
N PRO C 257 -12.24 -35.68 6.68
CA PRO C 257 -12.69 -36.99 6.21
C PRO C 257 -13.46 -37.75 7.29
N ARG C 258 -14.39 -38.59 6.83
CA ARG C 258 -15.28 -39.31 7.75
C ARG C 258 -14.50 -40.25 8.67
N ASP C 259 -13.54 -41.00 8.10
CA ASP C 259 -12.80 -41.98 8.90
C ASP C 259 -11.91 -41.32 9.94
N ASP C 260 -11.44 -40.10 9.69
CA ASP C 260 -10.55 -39.44 10.61
C ASP C 260 -11.31 -38.86 11.79
N ASP C 261 -10.77 -39.06 12.99
CA ASP C 261 -11.35 -38.51 14.21
C ASP C 261 -10.43 -37.54 14.93
N ARG C 262 -9.28 -37.21 14.35
CA ARG C 262 -8.30 -36.37 15.03
C ARG C 262 -8.83 -34.96 15.23
N LYS C 263 -9.25 -34.31 14.14
CA LYS C 263 -9.69 -32.91 14.24
C LYS C 263 -10.88 -32.77 15.17
N ARG C 264 -11.81 -33.72 15.14
CA ARG C 264 -12.95 -33.68 16.05
C ARG C 264 -12.50 -33.67 17.50
N LYS C 265 -11.48 -34.47 17.83
CA LYS C 265 -11.00 -34.53 19.21
C LYS C 265 -10.24 -33.26 19.57
N ILE C 266 -9.32 -32.82 18.70
CA ILE C 266 -8.50 -31.64 19.01
C ILE C 266 -9.37 -30.43 19.30
N ILE C 267 -10.55 -30.35 18.70
CA ILE C 267 -11.47 -29.24 18.96
C ILE C 267 -12.33 -29.51 20.18
N GLN C 268 -12.79 -30.76 20.35
CA GLN C 268 -13.62 -31.09 21.50
C GLN C 268 -12.83 -31.00 22.80
N ARG C 269 -11.58 -31.48 22.80
CA ARG C 269 -10.75 -31.37 23.99
C ARG C 269 -10.28 -29.94 24.24
N SER C 270 -10.36 -29.07 23.23
CA SER C 270 -9.97 -27.69 23.39
C SER C 270 -11.02 -26.92 24.17
N SER C 271 -10.68 -25.69 24.52
CA SER C 271 -11.57 -24.82 25.31
C SER C 271 -12.37 -23.96 24.34
N GLY C 272 -13.54 -24.47 23.94
CA GLY C 272 -14.41 -23.75 23.04
C GLY C 272 -15.87 -24.05 23.31
N PRO C 273 -16.76 -23.41 22.55
CA PRO C 273 -18.20 -23.67 22.72
C PRO C 273 -18.58 -25.13 22.51
N LEU C 274 -17.84 -25.86 21.69
CA LEU C 274 -18.13 -27.28 21.49
C LEU C 274 -18.02 -28.07 22.80
N MET C 275 -17.26 -27.56 23.77
CA MET C 275 -17.12 -28.20 25.07
C MET C 275 -18.04 -27.61 26.13
N TRP C 276 -18.05 -26.28 26.28
CA TRP C 276 -18.77 -25.66 27.39
C TRP C 276 -20.18 -25.22 27.02
N SER C 277 -20.48 -25.01 25.75
CA SER C 277 -21.79 -24.49 25.38
C SER C 277 -22.77 -25.65 25.13
N GLN C 278 -24.05 -25.32 25.26
CA GLN C 278 -25.09 -26.34 25.15
C GLN C 278 -25.24 -26.82 23.71
N ARG C 279 -25.74 -28.05 23.59
CA ARG C 279 -25.98 -28.68 22.30
C ARG C 279 -27.44 -28.49 21.89
N LEU C 280 -27.72 -28.81 20.63
CA LEU C 280 -29.05 -28.62 20.09
C LEU C 280 -30.08 -29.44 20.84
N ASN C 281 -31.28 -28.88 21.02
CA ASN C 281 -32.33 -29.61 21.71
C ASN C 281 -32.90 -30.71 20.80
N THR C 282 -33.69 -31.59 21.40
CA THR C 282 -34.17 -32.77 20.68
C THR C 282 -35.00 -32.44 19.43
N PRO C 283 -35.89 -31.45 19.41
CA PRO C 283 -36.63 -31.20 18.16
C PRO C 283 -35.74 -30.78 17.01
N ALA C 284 -34.71 -29.97 17.29
CA ALA C 284 -33.76 -29.61 16.24
C ALA C 284 -33.06 -30.85 15.69
N LEU C 285 -32.59 -31.74 16.57
CA LEU C 285 -31.90 -32.94 16.12
C LEU C 285 -32.84 -33.85 15.34
N GLY C 286 -34.08 -33.99 15.80
CA GLY C 286 -35.06 -34.74 15.03
C GLY C 286 -35.29 -34.17 13.66
N ALA C 287 -35.24 -32.83 13.54
CA ALA C 287 -35.43 -32.19 12.25
C ALA C 287 -34.22 -32.40 11.34
N ILE C 288 -33.01 -32.33 11.91
CA ILE C 288 -31.80 -32.54 11.13
C ILE C 288 -31.79 -33.93 10.51
N ILE C 289 -32.19 -34.94 11.28
CA ILE C 289 -32.18 -36.31 10.79
C ILE C 289 -33.13 -36.47 9.61
N GLU C 290 -34.34 -35.92 9.75
CA GLU C 290 -35.32 -36.04 8.68
C GLU C 290 -34.92 -35.21 7.47
N SER C 291 -34.32 -34.03 7.70
CA SER C 291 -33.84 -33.22 6.59
C SER C 291 -32.68 -33.90 5.87
N ALA C 292 -31.84 -34.64 6.62
CA ALA C 292 -30.75 -35.38 5.98
C ALA C 292 -31.30 -36.50 5.12
N LYS C 293 -32.30 -37.25 5.63
CA LYS C 293 -32.96 -38.25 4.80
C LYS C 293 -33.61 -37.62 3.59
N LEU C 294 -34.14 -36.40 3.74
CA LEU C 294 -34.76 -35.71 2.62
C LEU C 294 -33.71 -35.24 1.62
N HIS C 295 -32.54 -34.80 2.11
CA HIS C 295 -31.48 -34.35 1.22
C HIS C 295 -30.90 -35.48 0.39
N ARG C 296 -31.05 -36.73 0.82
CA ARG C 296 -30.55 -37.88 0.06
C ARG C 296 -31.59 -38.46 -0.89
N SER C 297 -32.84 -38.03 -0.79
CA SER C 297 -33.90 -38.56 -1.65
C SER C 297 -33.96 -37.78 -2.95
N GLU C 298 -34.86 -38.21 -3.84
CA GLU C 298 -35.08 -37.52 -5.11
C GLU C 298 -35.78 -36.18 -4.94
N ALA C 299 -36.28 -35.88 -3.74
CA ALA C 299 -37.05 -34.65 -3.54
C ALA C 299 -36.16 -33.41 -3.57
N LEU C 300 -34.88 -33.54 -3.23
CA LEU C 300 -34.03 -32.35 -3.17
C LEU C 300 -33.66 -31.83 -4.55
N PRO C 301 -33.25 -32.65 -5.52
CA PRO C 301 -33.07 -32.12 -6.88
C PRO C 301 -34.36 -31.56 -7.47
N GLU C 302 -35.51 -32.10 -7.08
CA GLU C 302 -36.78 -31.51 -7.49
C GLU C 302 -36.97 -30.14 -6.85
N LEU C 303 -36.50 -29.97 -5.61
CA LEU C 303 -36.57 -28.65 -4.97
C LEU C 303 -35.56 -27.68 -5.58
N GLN C 304 -34.40 -28.17 -5.99
CA GLN C 304 -33.44 -27.31 -6.67
C GLN C 304 -33.89 -26.94 -8.07
N ALA C 305 -34.64 -27.82 -8.74
CA ALA C 305 -35.15 -27.50 -10.06
C ALA C 305 -36.22 -26.42 -9.99
N LYS C 306 -37.13 -26.52 -9.01
CA LYS C 306 -38.13 -25.48 -8.82
C LYS C 306 -37.49 -24.17 -8.38
N LEU C 307 -36.36 -24.24 -7.68
CA LEU C 307 -35.67 -23.03 -7.26
C LEU C 307 -35.06 -22.30 -8.45
N HIS C 308 -34.27 -23.00 -9.26
CA HIS C 308 -33.70 -22.39 -10.45
C HIS C 308 -34.78 -21.93 -11.42
N SER C 309 -35.91 -22.65 -11.45
CA SER C 309 -37.05 -22.19 -12.23
C SER C 309 -37.53 -20.83 -11.76
N ASN C 310 -37.61 -20.62 -10.45
CA ASN C 310 -38.06 -19.34 -9.92
C ASN C 310 -37.01 -18.26 -10.09
N ILE C 311 -35.73 -18.62 -10.08
CA ILE C 311 -34.68 -17.63 -10.31
C ILE C 311 -34.77 -17.08 -11.73
N ALA C 312 -34.96 -17.97 -12.71
CA ALA C 312 -35.06 -17.52 -14.09
C ALA C 312 -36.31 -16.68 -14.31
N LEU C 313 -37.41 -17.03 -13.64
CA LEU C 313 -38.63 -16.23 -13.75
C LEU C 313 -38.43 -14.84 -13.17
N PHE C 314 -37.76 -14.75 -12.01
CA PHE C 314 -37.54 -13.45 -11.38
C PHE C 314 -36.61 -12.59 -12.22
N ASP C 315 -35.52 -13.16 -12.72
CA ASP C 315 -34.56 -12.37 -13.48
C ASP C 315 -35.13 -11.90 -14.80
N GLY C 316 -36.05 -12.66 -15.38
CA GLY C 316 -36.70 -12.24 -16.61
C GLY C 316 -37.76 -11.17 -16.44
N LEU C 317 -38.10 -10.83 -15.20
CA LEU C 317 -39.14 -9.86 -14.91
C LEU C 317 -38.66 -8.65 -14.11
N VAL C 318 -37.63 -8.81 -13.28
CA VAL C 318 -37.17 -7.75 -12.40
C VAL C 318 -35.65 -7.61 -12.57
N ARG C 319 -35.21 -6.40 -12.89
CA ARG C 319 -33.78 -6.12 -13.00
C ARG C 319 -33.23 -5.81 -11.62
N ALA C 320 -32.23 -6.57 -11.18
CA ALA C 320 -31.69 -6.42 -9.84
C ALA C 320 -30.25 -6.88 -9.82
N ALA C 321 -29.53 -6.44 -8.79
CA ALA C 321 -28.14 -6.87 -8.60
C ALA C 321 -28.07 -8.37 -8.41
N GLY C 322 -27.17 -9.02 -9.14
CA GLY C 322 -27.08 -10.46 -9.15
C GLY C 322 -27.83 -11.13 -10.27
N GLN C 323 -28.44 -10.37 -11.17
CA GLN C 323 -29.20 -10.95 -12.27
C GLN C 323 -28.32 -11.84 -13.12
N GLY C 324 -28.78 -13.07 -13.35
CA GLY C 324 -28.03 -14.07 -14.09
C GLY C 324 -27.34 -15.11 -13.25
N ASN C 325 -27.26 -14.91 -11.93
CA ASN C 325 -26.59 -15.85 -11.06
C ASN C 325 -27.38 -17.15 -10.94
N SER C 326 -26.70 -18.17 -10.43
CA SER C 326 -27.36 -19.37 -9.90
C SER C 326 -27.61 -19.27 -8.41
N VAL C 327 -27.31 -18.13 -7.81
CA VAL C 327 -27.49 -17.90 -6.37
C VAL C 327 -28.80 -17.17 -6.16
N PRO C 328 -29.70 -17.67 -5.31
CA PRO C 328 -31.03 -17.06 -5.12
C PRO C 328 -31.03 -15.86 -4.17
N ILE C 329 -30.15 -14.90 -4.42
CA ILE C 329 -30.06 -13.67 -3.64
C ILE C 329 -30.03 -12.50 -4.60
N ARG C 330 -31.00 -11.61 -4.48
CA ARG C 330 -31.11 -10.44 -5.34
C ARG C 330 -31.17 -9.17 -4.49
N TYR C 331 -30.69 -8.07 -5.05
CA TYR C 331 -30.64 -6.79 -4.36
C TYR C 331 -31.24 -5.72 -5.26
N LEU C 332 -32.28 -5.05 -4.77
CA LEU C 332 -32.95 -3.98 -5.52
C LEU C 332 -32.31 -2.66 -5.11
N GLU C 333 -31.24 -2.30 -5.81
CA GLU C 333 -30.50 -1.07 -5.51
C GLU C 333 -31.39 0.15 -5.68
N LEU C 334 -31.49 0.96 -4.63
CA LEU C 334 -32.18 2.24 -4.68
C LEU C 334 -31.32 3.42 -4.25
N GLY C 335 -30.22 3.18 -3.52
CA GLY C 335 -29.33 4.25 -3.12
C GLY C 335 -29.79 5.02 -1.89
N SER C 336 -30.88 5.76 -2.04
CA SER C 336 -31.40 6.56 -0.93
C SER C 336 -31.95 5.65 0.16
N GLU C 337 -31.55 5.91 1.40
CA GLU C 337 -32.06 5.12 2.52
C GLU C 337 -33.55 5.33 2.71
N VAL C 338 -34.01 6.59 2.61
CA VAL C 338 -35.43 6.88 2.78
C VAL C 338 -36.24 6.26 1.64
N ASP C 339 -35.71 6.31 0.41
CA ASP C 339 -36.40 5.68 -0.71
C ASP C 339 -36.52 4.18 -0.50
N THR C 340 -35.44 3.54 -0.01
CA THR C 340 -35.51 2.12 0.31
C THR C 340 -36.57 1.84 1.35
N LEU C 341 -36.70 2.72 2.34
CA LEU C 341 -37.68 2.51 3.41
C LEU C 341 -39.10 2.61 2.89
N GLU C 342 -39.41 3.67 2.13
CA GLU C 342 -40.77 3.82 1.61
C GLU C 342 -41.09 2.75 0.57
N ALA C 343 -40.07 2.26 -0.15
CA ALA C 343 -40.31 1.19 -1.12
C ALA C 343 -40.75 -0.08 -0.43
N SER C 344 -40.05 -0.47 0.65
CA SER C 344 -40.45 -1.64 1.40
C SER C 344 -41.83 -1.46 2.02
N ALA C 345 -42.14 -0.25 2.49
CA ALA C 345 -43.44 0.02 3.09
C ALA C 345 -44.55 -0.13 2.05
N TYR C 346 -44.38 0.48 0.87
CA TYR C 346 -45.39 0.38 -0.17
C TYR C 346 -45.56 -1.06 -0.65
N LEU C 347 -44.46 -1.80 -0.76
CA LEU C 347 -44.55 -3.19 -1.22
C LEU C 347 -45.30 -4.05 -0.22
N PHE C 348 -45.00 -3.91 1.08
CA PHE C 348 -45.70 -4.69 2.08
C PHE C 348 -47.17 -4.36 2.11
N ASP C 349 -47.51 -3.08 1.92
CA ASP C 349 -48.92 -2.68 1.91
C ASP C 349 -49.67 -3.29 0.74
N ASN C 350 -48.98 -3.66 -0.33
CA ASN C 350 -49.58 -4.35 -1.46
C ASN C 350 -49.31 -5.85 -1.45
N GLY C 351 -48.82 -6.39 -0.34
CA GLY C 351 -48.72 -7.82 -0.14
C GLY C 351 -47.38 -8.46 -0.43
N PHE C 352 -46.27 -7.73 -0.26
CA PHE C 352 -44.95 -8.29 -0.53
C PHE C 352 -43.94 -7.66 0.42
N TYR C 353 -43.36 -8.47 1.30
CA TYR C 353 -42.33 -7.99 2.20
C TYR C 353 -40.95 -8.22 1.59
N VAL C 354 -40.14 -7.18 1.55
CA VAL C 354 -38.73 -7.26 1.18
C VAL C 354 -37.94 -6.50 2.24
N GLU C 355 -36.96 -7.16 2.84
CA GLU C 355 -36.25 -6.54 3.95
C GLU C 355 -35.40 -5.37 3.43
N PRO C 356 -35.47 -4.21 4.07
CA PRO C 356 -34.65 -3.08 3.63
C PRO C 356 -33.26 -3.07 4.26
N ASP C 357 -32.24 -3.00 3.42
CA ASP C 357 -30.86 -2.90 3.89
C ASP C 357 -30.42 -1.45 3.82
N PHE C 358 -29.89 -0.93 4.93
CA PHE C 358 -29.43 0.44 4.99
C PHE C 358 -28.21 0.50 5.90
N PHE C 359 -27.58 1.67 5.95
CA PHE C 359 -26.46 1.87 6.85
C PHE C 359 -26.92 1.63 8.29
N PRO C 360 -26.17 0.88 9.10
CA PRO C 360 -24.82 0.35 8.84
C PRO C 360 -24.76 -1.05 8.23
N ILE C 361 -25.90 -1.64 7.87
CA ILE C 361 -25.88 -2.96 7.25
C ILE C 361 -25.13 -2.93 5.92
N VAL C 362 -25.32 -1.85 5.15
CA VAL C 362 -24.64 -1.63 3.89
C VAL C 362 -24.09 -0.21 3.90
N SER C 363 -23.28 0.10 2.88
CA SER C 363 -22.64 1.41 2.79
C SER C 363 -23.68 2.51 2.63
N ARG C 364 -23.28 3.72 2.99
CA ARG C 364 -24.15 4.88 2.79
C ARG C 364 -24.40 5.07 1.30
N GLY C 365 -25.62 5.48 0.96
CA GLY C 365 -26.00 5.61 -0.43
C GLY C 365 -26.05 4.33 -1.21
N ALA C 366 -25.90 3.18 -0.55
CA ALA C 366 -25.97 1.87 -1.19
C ALA C 366 -27.16 1.06 -0.68
N ALA C 367 -28.19 1.75 -0.20
CA ALA C 367 -29.35 1.09 0.35
C ALA C 367 -30.17 0.41 -0.75
N GLY C 368 -31.00 -0.54 -0.33
CA GLY C 368 -31.81 -1.29 -1.27
C GLY C 368 -32.55 -2.41 -0.58
N LEU C 369 -33.35 -3.11 -1.37
CA LEU C 369 -34.18 -4.21 -0.89
C LEU C 369 -33.50 -5.53 -1.22
N ARG C 370 -33.41 -6.41 -0.22
CA ARG C 370 -32.72 -7.69 -0.35
C ARG C 370 -33.76 -8.79 -0.54
N ALA C 371 -33.93 -9.24 -1.78
CA ALA C 371 -34.86 -10.32 -2.08
C ALA C 371 -34.13 -11.66 -2.08
N ARG C 372 -34.88 -12.72 -1.77
CA ARG C 372 -34.31 -14.06 -1.73
C ARG C 372 -35.29 -15.03 -2.37
N ILE C 373 -34.81 -15.80 -3.34
CA ILE C 373 -35.64 -16.72 -4.11
C ILE C 373 -35.69 -18.06 -3.39
N ARG C 374 -36.84 -18.73 -3.46
CA ARG C 374 -37.01 -20.02 -2.82
C ARG C 374 -37.96 -20.88 -3.62
N SER C 375 -37.82 -22.20 -3.45
CA SER C 375 -38.64 -23.15 -4.19
C SER C 375 -40.12 -23.04 -3.84
N SER C 376 -40.44 -22.50 -2.66
CA SER C 376 -41.84 -22.41 -2.23
C SER C 376 -42.59 -21.27 -2.90
N MET C 377 -41.91 -20.37 -3.59
CA MET C 377 -42.59 -19.31 -4.32
C MET C 377 -43.19 -19.87 -5.60
N SER C 378 -44.42 -19.46 -5.90
CA SER C 378 -45.11 -19.92 -7.09
C SER C 378 -44.87 -18.95 -8.25
N THR C 379 -45.23 -19.41 -9.46
CA THR C 379 -45.18 -18.54 -10.62
C THR C 379 -46.04 -17.31 -10.42
N ALA C 380 -47.20 -17.48 -9.78
CA ALA C 380 -48.07 -16.34 -9.48
C ALA C 380 -47.41 -15.39 -8.50
N ASP C 381 -46.75 -15.91 -7.46
CA ASP C 381 -46.11 -15.05 -6.47
C ASP C 381 -45.07 -14.13 -7.12
N ILE C 382 -44.25 -14.67 -8.03
CA ILE C 382 -43.19 -13.88 -8.63
C ILE C 382 -43.74 -12.95 -9.71
N GLU C 383 -44.73 -13.41 -10.47
CA GLU C 383 -45.33 -12.55 -11.49
C GLU C 383 -46.05 -11.37 -10.86
N GLN C 384 -46.77 -11.60 -9.76
CA GLN C 384 -47.51 -10.51 -9.13
C GLN C 384 -46.58 -9.51 -8.46
N PHE C 385 -45.45 -9.98 -7.91
CA PHE C 385 -44.47 -9.04 -7.36
C PHE C 385 -43.90 -8.15 -8.44
N ALA C 386 -43.63 -8.70 -9.62
CA ALA C 386 -43.08 -7.90 -10.71
C ALA C 386 -44.06 -6.82 -11.15
N HIS C 387 -45.35 -7.13 -11.19
CA HIS C 387 -46.35 -6.12 -11.53
C HIS C 387 -46.37 -5.00 -10.48
N VAL C 388 -46.34 -5.37 -9.19
CA VAL C 388 -46.35 -4.36 -8.14
C VAL C 388 -45.04 -3.58 -8.12
N TRP C 389 -43.92 -4.27 -8.37
CA TRP C 389 -42.64 -3.58 -8.42
C TRP C 389 -42.57 -2.60 -9.58
N HIS C 390 -43.26 -2.90 -10.69
CA HIS C 390 -43.24 -1.99 -11.82
C HIS C 390 -44.28 -0.89 -11.67
N LYS C 391 -45.38 -1.17 -10.98
CA LYS C 391 -46.35 -0.12 -10.67
C LYS C 391 -45.76 0.94 -9.76
N LEU C 392 -44.72 0.61 -9.00
CA LEU C 392 -44.02 1.60 -8.20
C LEU C 392 -43.14 2.50 -9.07
N GLY C 393 -42.65 2.00 -10.19
CA GLY C 393 -41.85 2.80 -11.09
C GLY C 393 -42.61 3.91 -11.78
N VAL C 394 -43.94 3.89 -11.73
CA VAL C 394 -44.77 4.95 -12.29
C VAL C 394 -45.78 5.50 -11.30
N ASP C 395 -45.78 5.00 -10.06
CA ASP C 395 -46.82 5.31 -9.06
C ASP C 395 -48.20 4.85 -9.55
N VAL D 1 46.96 19.37 -1.26
CA VAL D 1 46.00 18.31 -0.96
C VAL D 1 45.31 18.60 0.37
N LYS D 2 45.17 19.90 0.69
CA LYS D 2 44.52 20.30 1.93
C LYS D 2 43.51 21.43 1.77
N LYS D 3 43.41 22.05 0.59
CA LYS D 3 42.34 23.00 0.31
C LYS D 3 41.35 22.49 -0.72
N LEU D 4 41.78 21.64 -1.66
CA LEU D 4 40.84 21.04 -2.59
C LEU D 4 39.98 19.96 -1.94
N ARG D 5 40.15 19.70 -0.64
CA ARG D 5 39.22 18.82 0.06
C ARG D 5 37.86 19.50 0.27
N HIS D 6 37.76 20.80 -0.02
CA HIS D 6 36.48 21.47 -0.05
C HIS D 6 35.73 21.19 -1.35
N LEU D 7 36.46 21.09 -2.47
CA LEU D 7 35.83 20.78 -3.74
C LEU D 7 35.39 19.32 -3.79
N SER D 8 36.24 18.40 -3.32
CA SER D 8 35.90 16.99 -3.37
C SER D 8 34.72 16.66 -2.46
N ASP D 9 34.69 17.23 -1.25
CA ASP D 9 33.56 17.01 -0.35
C ASP D 9 32.29 17.58 -0.96
N GLY D 10 32.39 18.71 -1.67
CA GLY D 10 31.24 19.22 -2.38
C GLY D 10 30.76 18.30 -3.49
N TYR D 11 31.69 17.60 -4.15
CA TYR D 11 31.31 16.64 -5.16
C TYR D 11 30.59 15.44 -4.54
N TRP D 12 31.09 14.95 -3.39
CA TRP D 12 30.40 13.88 -2.69
C TRP D 12 29.02 14.34 -2.22
N ASP D 13 28.93 15.57 -1.70
CA ASP D 13 27.65 16.07 -1.21
C ASP D 13 26.66 16.31 -2.35
N SER D 14 27.14 16.81 -3.48
CA SER D 14 26.25 17.02 -4.62
C SER D 14 25.72 15.69 -5.15
N ALA D 15 26.56 14.66 -5.18
CA ALA D 15 26.12 13.35 -5.63
C ALA D 15 25.09 12.74 -4.69
N ALA D 16 25.25 12.98 -3.38
CA ALA D 16 24.30 12.42 -2.42
C ALA D 16 22.93 13.10 -2.52
N ARG D 17 22.91 14.42 -2.67
CA ARG D 17 21.63 15.13 -2.74
C ARG D 17 20.87 14.82 -4.03
N LEU D 18 21.56 14.39 -5.08
CA LEU D 18 20.89 14.02 -6.33
C LEU D 18 20.40 12.58 -6.33
N GLY D 19 20.84 11.77 -5.37
CA GLY D 19 20.41 10.39 -5.28
C GLY D 19 21.23 9.40 -6.08
N VAL D 20 22.30 9.84 -6.74
CA VAL D 20 23.12 8.94 -7.55
C VAL D 20 24.26 8.38 -6.70
N HIS D 21 24.19 8.62 -5.39
CA HIS D 21 25.27 8.21 -4.49
C HIS D 21 24.69 7.98 -3.11
N GLY D 22 25.11 6.90 -2.47
CA GLY D 22 24.68 6.62 -1.11
C GLY D 22 23.19 6.47 -0.93
N ALA D 23 22.44 6.16 -1.99
CA ALA D 23 21.02 5.90 -1.86
C ALA D 23 20.81 4.48 -1.34
N VAL D 24 19.54 4.10 -1.15
CA VAL D 24 19.17 2.77 -0.70
C VAL D 24 18.21 2.18 -1.73
N LEU D 25 18.70 1.24 -2.53
CA LEU D 25 17.91 0.62 -3.59
C LEU D 25 17.86 -0.88 -3.37
N GLN D 26 16.87 -1.52 -3.99
CA GLN D 26 16.63 -2.95 -3.82
C GLN D 26 16.94 -3.69 -5.11
N ALA D 27 17.57 -4.85 -4.98
CA ALA D 27 17.90 -5.67 -6.14
C ALA D 27 16.64 -6.26 -6.74
N VAL D 28 16.51 -6.16 -8.07
CA VAL D 28 15.33 -6.61 -8.80
C VAL D 28 15.81 -7.50 -9.95
N PRO D 29 15.10 -8.59 -10.26
CA PRO D 29 15.50 -9.44 -11.38
C PRO D 29 15.66 -8.63 -12.67
N GLY D 30 16.64 -9.03 -13.47
CA GLY D 30 16.94 -8.33 -14.71
C GLY D 30 18.05 -7.31 -14.59
N GLY D 31 18.91 -7.42 -13.58
CA GLY D 31 19.95 -6.43 -13.37
C GLY D 31 19.40 -5.05 -13.09
N ARG D 32 18.31 -4.97 -12.33
CA ARG D 32 17.58 -3.74 -12.10
C ARG D 32 17.58 -3.39 -10.61
N LEU D 33 17.23 -2.13 -10.33
CA LEU D 33 17.23 -1.60 -8.97
C LEU D 33 15.95 -0.80 -8.76
N SER D 34 15.30 -1.03 -7.63
CA SER D 34 14.05 -0.35 -7.29
C SER D 34 14.28 0.65 -6.18
N ALA D 35 13.84 1.89 -6.38
CA ALA D 35 13.93 2.93 -5.38
C ALA D 35 12.80 2.79 -4.37
N PRO D 36 12.86 3.51 -3.24
CA PRO D 36 11.73 3.48 -2.30
C PRO D 36 10.41 3.90 -2.94
N ASP D 37 10.42 4.93 -3.79
CA ASP D 37 9.19 5.41 -4.43
C ASP D 37 8.68 4.50 -5.53
N GLY D 38 9.40 3.43 -5.87
CA GLY D 38 8.96 2.48 -6.87
C GLY D 38 9.65 2.60 -8.21
N ARG D 39 10.48 3.61 -8.41
CA ARG D 39 11.21 3.77 -9.67
C ARG D 39 12.14 2.58 -9.89
N VAL D 40 12.04 1.96 -11.06
CA VAL D 40 12.89 0.85 -11.45
C VAL D 40 13.87 1.35 -12.50
N ALA D 41 15.15 1.06 -12.30
CA ALA D 41 16.20 1.51 -13.20
C ALA D 41 17.15 0.36 -13.51
N VAL D 42 17.62 0.30 -14.76
CA VAL D 42 18.58 -0.71 -15.17
C VAL D 42 19.96 -0.33 -14.63
N ASN D 43 20.67 -1.32 -14.09
CA ASN D 43 22.01 -1.11 -13.56
C ASN D 43 23.01 -1.25 -14.70
N MET D 44 23.60 -0.13 -15.12
CA MET D 44 24.61 -0.13 -16.16
C MET D 44 26.03 -0.22 -15.62
N SER D 45 26.20 -0.18 -14.29
CA SER D 45 27.51 -0.21 -13.67
C SER D 45 27.69 -1.41 -12.74
N SER D 46 26.88 -2.46 -12.91
CA SER D 46 27.00 -3.64 -12.07
C SER D 46 28.30 -4.38 -12.35
N TYR D 47 28.87 -4.97 -11.30
CA TYR D 47 30.14 -5.68 -11.39
C TYR D 47 29.99 -7.15 -11.75
N SER D 48 28.78 -7.71 -11.66
CA SER D 48 28.55 -9.12 -12.02
C SER D 48 28.58 -9.23 -13.55
N TYR D 49 29.79 -9.44 -14.08
CA TYR D 49 29.98 -9.35 -15.53
C TYR D 49 29.24 -10.45 -16.28
N LEU D 50 29.01 -11.60 -15.65
CA LEU D 50 28.28 -12.70 -16.28
C LEU D 50 26.87 -12.85 -15.72
N GLY D 51 26.42 -11.90 -14.89
CA GLY D 51 25.07 -11.93 -14.36
C GLY D 51 24.84 -13.07 -13.39
N LEU D 52 25.92 -13.70 -12.95
CA LEU D 52 25.81 -14.84 -12.04
C LEU D 52 25.30 -14.44 -10.65
N ASP D 53 25.20 -13.14 -10.36
CA ASP D 53 24.57 -12.70 -9.11
C ASP D 53 23.08 -13.02 -9.07
N GLU D 54 22.49 -13.39 -10.20
CA GLU D 54 21.09 -13.78 -10.28
C GLU D 54 20.93 -15.25 -10.62
N SER D 55 22.02 -16.01 -10.64
CA SER D 55 21.93 -17.43 -10.96
C SER D 55 21.13 -18.16 -9.88
N PRO D 56 20.11 -18.93 -10.26
CA PRO D 56 19.38 -19.69 -9.25
C PRO D 56 20.18 -20.84 -8.66
N ARG D 57 21.03 -21.49 -9.47
CA ARG D 57 21.83 -22.60 -8.97
C ARG D 57 22.76 -22.15 -7.85
N ILE D 58 23.39 -20.97 -8.01
CA ILE D 58 24.37 -20.51 -7.03
C ILE D 58 23.69 -20.13 -5.73
N ILE D 59 22.55 -19.46 -5.81
CA ILE D 59 21.86 -19.00 -4.60
C ILE D 59 21.28 -20.19 -3.85
N ASP D 60 20.73 -21.17 -4.57
CA ASP D 60 20.17 -22.34 -3.90
C ASP D 60 21.26 -23.14 -3.20
N ALA D 61 22.45 -23.23 -3.79
CA ALA D 61 23.55 -23.95 -3.15
C ALA D 61 24.00 -23.25 -1.88
N ALA D 62 23.98 -21.90 -1.88
CA ALA D 62 24.33 -21.16 -0.68
C ALA D 62 23.31 -21.40 0.43
N ILE D 63 22.02 -21.41 0.07
CA ILE D 63 20.97 -21.68 1.06
C ILE D 63 21.13 -23.10 1.61
N ALA D 64 21.46 -24.05 0.74
CA ALA D 64 21.58 -25.44 1.16
C ALA D 64 22.80 -25.65 2.05
N ALA D 65 23.90 -24.93 1.77
CA ALA D 65 25.09 -25.05 2.59
C ALA D 65 24.83 -24.58 4.01
N LEU D 66 23.99 -23.55 4.17
CA LEU D 66 23.65 -23.07 5.50
C LEU D 66 22.63 -23.97 6.18
N ARG D 67 21.84 -24.71 5.40
CA ARG D 67 20.87 -25.63 5.98
C ARG D 67 21.53 -26.91 6.46
N SER D 68 22.39 -27.49 5.64
CA SER D 68 22.99 -28.79 5.95
C SER D 68 24.08 -28.71 7.00
N ASN D 69 24.64 -27.52 7.26
CA ASN D 69 25.64 -27.34 8.29
C ASN D 69 25.12 -26.66 9.54
N MET D 70 24.04 -25.88 9.43
CA MET D 70 23.41 -25.22 10.58
C MET D 70 24.35 -24.27 11.31
N VAL D 71 25.48 -23.94 10.71
CA VAL D 71 26.46 -23.02 11.27
C VAL D 71 26.85 -22.00 10.22
N LEU D 72 27.06 -20.76 10.65
CA LEU D 72 27.54 -19.72 9.73
C LEU D 72 29.05 -19.83 9.53
N ASN D 73 29.82 -19.75 10.62
CA ASN D 73 31.27 -19.75 10.51
C ASN D 73 31.78 -21.12 10.10
N SER D 74 32.64 -21.15 9.08
CA SER D 74 33.29 -22.37 8.64
C SER D 74 34.55 -22.68 9.43
N SER D 75 34.92 -21.82 10.38
CA SER D 75 36.12 -21.99 11.17
C SER D 75 35.92 -22.91 12.37
N LEU D 76 34.73 -23.49 12.53
CA LEU D 76 34.41 -24.37 13.66
C LEU D 76 34.61 -23.65 14.99
N GLY D 77 33.93 -22.52 15.13
CA GLY D 77 34.11 -21.69 16.31
C GLY D 77 35.42 -20.95 16.35
N ARG D 78 36.00 -20.64 15.19
CA ARG D 78 37.21 -19.84 15.00
C ARG D 78 38.49 -20.55 15.42
N VAL D 79 38.47 -21.88 15.59
CA VAL D 79 39.67 -22.60 15.99
C VAL D 79 40.49 -22.93 14.75
N ARG D 80 41.65 -23.57 14.95
CA ARG D 80 42.54 -23.93 13.85
C ARG D 80 42.05 -25.20 13.14
N MET D 81 40.76 -25.24 12.83
CA MET D 81 40.13 -26.36 12.14
C MET D 81 39.09 -25.81 11.18
N THR D 82 38.93 -26.47 10.03
CA THR D 82 38.02 -26.02 9.00
C THR D 82 36.90 -27.03 8.79
N LEU D 83 35.71 -26.51 8.45
CA LEU D 83 34.61 -27.38 8.08
C LEU D 83 34.93 -28.11 6.78
N PRO D 84 34.31 -29.27 6.55
CA PRO D 84 34.53 -29.96 5.26
C PRO D 84 34.08 -29.12 4.06
N LEU D 85 33.14 -28.20 4.26
CA LEU D 85 32.69 -27.35 3.17
C LEU D 85 33.81 -26.46 2.66
N LEU D 86 34.63 -25.95 3.57
CA LEU D 86 35.75 -25.09 3.17
C LEU D 86 36.76 -25.86 2.34
N GLU D 87 37.12 -27.06 2.78
CA GLU D 87 38.06 -27.88 2.01
C GLU D 87 37.48 -28.21 0.63
N GLU D 88 36.18 -28.47 0.56
CA GLU D 88 35.53 -28.74 -0.71
C GLU D 88 35.58 -27.52 -1.62
N ALA D 89 35.35 -26.32 -1.05
CA ALA D 89 35.36 -25.11 -1.86
C ALA D 89 36.75 -24.79 -2.37
N GLU D 90 37.77 -24.91 -1.51
CA GLU D 90 39.14 -24.63 -1.95
C GLU D 90 39.64 -25.71 -2.90
N CYS D 91 39.10 -26.93 -2.80
CA CYS D 91 39.42 -27.94 -3.80
C CYS D 91 38.71 -27.67 -5.11
N ALA D 92 37.51 -27.10 -5.06
CA ALA D 92 36.78 -26.77 -6.28
C ALA D 92 37.49 -25.66 -7.05
N LEU D 93 37.84 -24.57 -6.35
CA LEU D 93 38.62 -23.51 -6.99
C LEU D 93 39.98 -24.02 -7.46
N GLY D 94 40.50 -25.06 -6.81
CA GLY D 94 41.76 -25.64 -7.24
C GLY D 94 41.63 -26.36 -8.57
N ASP D 95 40.57 -27.14 -8.74
CA ASP D 95 40.35 -27.83 -10.01
C ASP D 95 40.12 -26.84 -11.14
N LEU D 96 39.36 -25.77 -10.86
CA LEU D 96 39.04 -24.79 -11.89
C LEU D 96 40.29 -24.07 -12.37
N PHE D 97 41.11 -23.59 -11.44
CA PHE D 97 42.29 -22.81 -11.77
C PHE D 97 43.51 -23.67 -12.06
N GLY D 98 43.48 -24.95 -11.70
CA GLY D 98 44.65 -25.80 -11.83
C GLY D 98 45.79 -25.31 -10.97
N ALA D 99 45.52 -25.12 -9.68
CA ALA D 99 46.48 -24.51 -8.76
C ALA D 99 45.97 -24.67 -7.34
N ASP D 100 46.87 -24.46 -6.38
CA ASP D 100 46.50 -24.47 -4.97
C ASP D 100 45.88 -23.12 -4.62
N VAL D 101 44.64 -23.15 -4.14
CA VAL D 101 43.86 -21.94 -3.91
C VAL D 101 43.35 -21.93 -2.47
N ALA D 102 43.41 -20.76 -1.83
CA ALA D 102 42.83 -20.55 -0.52
C ALA D 102 41.86 -19.38 -0.57
N THR D 103 40.82 -19.46 0.25
CA THR D 103 39.77 -18.46 0.27
C THR D 103 39.96 -17.49 1.43
N LEU D 104 39.55 -16.24 1.20
CA LEU D 104 39.54 -15.22 2.24
C LEU D 104 38.25 -14.44 2.14
N ASN D 105 37.97 -13.64 3.18
CA ASN D 105 36.73 -12.88 3.22
C ASN D 105 36.68 -11.77 2.18
N SER D 106 37.81 -11.43 1.57
CA SER D 106 37.84 -10.37 0.55
C SER D 106 39.15 -10.47 -0.20
N CYS D 107 39.18 -9.89 -1.40
CA CYS D 107 40.43 -9.84 -2.15
C CYS D 107 41.43 -8.89 -1.51
N SER D 108 40.94 -7.87 -0.81
CA SER D 108 41.84 -6.96 -0.09
C SER D 108 42.60 -7.70 1.01
N ALA D 109 41.93 -8.64 1.68
CA ALA D 109 42.62 -9.46 2.68
C ALA D 109 43.68 -10.34 2.03
N ALA D 110 43.45 -10.81 0.81
CA ALA D 110 44.46 -11.60 0.11
C ALA D 110 45.74 -10.80 -0.07
N ALA D 111 45.63 -9.52 -0.41
CA ALA D 111 46.82 -8.68 -0.57
C ALA D 111 47.50 -8.44 0.77
N TRP D 112 46.72 -8.28 1.84
CA TRP D 112 47.30 -8.07 3.16
C TRP D 112 48.11 -9.28 3.62
N ALA D 113 47.67 -10.48 3.25
CA ALA D 113 48.32 -11.70 3.70
C ALA D 113 49.48 -12.14 2.82
N THR D 114 49.58 -11.62 1.60
CA THR D 114 50.59 -12.07 0.64
C THR D 114 51.71 -11.07 0.42
N LEU D 115 51.38 -9.79 0.20
CA LEU D 115 52.40 -8.82 -0.15
C LEU D 115 53.49 -8.65 0.90
N PRO D 116 53.20 -8.58 2.20
CA PRO D 116 54.32 -8.49 3.16
C PRO D 116 55.21 -9.72 3.16
N VAL D 117 54.63 -10.93 3.05
CA VAL D 117 55.46 -12.12 3.13
C VAL D 117 56.23 -12.34 1.83
N LEU D 118 55.72 -11.83 0.70
CA LEU D 118 56.49 -11.89 -0.54
C LEU D 118 57.68 -10.94 -0.47
N ALA D 119 57.48 -9.76 0.12
CA ALA D 119 58.57 -8.80 0.25
C ALA D 119 59.68 -9.31 1.16
N SER D 120 59.34 -10.17 2.12
CA SER D 120 60.35 -10.66 3.05
C SER D 120 61.31 -11.64 2.38
N GLY D 121 60.85 -12.36 1.36
CA GLY D 121 61.64 -13.37 0.70
C GLY D 121 61.30 -14.79 1.07
N LEU D 122 60.31 -14.99 1.93
CA LEU D 122 59.91 -16.34 2.33
C LEU D 122 59.38 -17.14 1.14
N LEU D 123 58.83 -16.46 0.13
CA LEU D 123 58.33 -17.12 -1.06
C LEU D 123 59.33 -17.14 -2.20
N THR D 124 60.45 -16.42 -2.07
CA THR D 124 61.45 -16.36 -3.13
C THR D 124 62.77 -16.96 -2.67
N ASP D 125 62.73 -18.17 -2.13
CA ASP D 125 63.91 -18.95 -1.78
C ASP D 125 64.79 -18.23 -0.75
N GLY D 126 64.20 -17.37 0.07
CA GLY D 126 64.92 -16.65 1.10
C GLY D 126 65.48 -15.32 0.67
N VAL D 127 65.46 -14.99 -0.61
CA VAL D 127 65.99 -13.73 -1.11
C VAL D 127 64.87 -12.69 -1.11
N ALA D 128 65.05 -11.63 -0.33
CA ALA D 128 64.07 -10.56 -0.28
C ALA D 128 64.04 -9.83 -1.62
N PRO D 129 62.97 -9.93 -2.39
CA PRO D 129 62.97 -9.34 -3.74
C PRO D 129 62.64 -7.86 -3.70
N VAL D 130 62.97 -7.19 -4.80
CA VAL D 130 62.61 -5.79 -4.98
C VAL D 130 61.15 -5.74 -5.43
N MET D 131 60.28 -5.21 -4.58
CA MET D 131 58.86 -5.11 -4.89
C MET D 131 58.65 -3.92 -5.83
N VAL D 132 58.32 -4.21 -7.08
CA VAL D 132 58.12 -3.18 -8.09
C VAL D 132 56.62 -3.08 -8.33
N PHE D 133 56.00 -2.02 -7.80
CA PHE D 133 54.58 -1.78 -7.95
C PHE D 133 54.32 -1.00 -9.23
N ASP D 134 53.38 -1.48 -10.03
CA ASP D 134 52.90 -0.68 -11.16
C ASP D 134 52.09 0.50 -10.62
N LYS D 135 52.18 1.64 -11.33
CA LYS D 135 51.55 2.85 -10.83
C LYS D 135 50.03 2.72 -10.78
N ARG D 136 49.44 1.93 -11.67
CA ARG D 136 47.99 1.75 -11.72
C ARG D 136 47.53 0.51 -10.97
N ALA D 137 48.34 0.00 -10.05
CA ALA D 137 47.93 -1.13 -9.23
C ALA D 137 46.78 -0.71 -8.31
N HIS D 138 45.83 -1.63 -8.11
CA HIS D 138 44.69 -1.32 -7.27
C HIS D 138 45.15 -0.97 -5.86
N PHE D 139 44.40 -0.07 -5.22
CA PHE D 139 44.81 0.48 -3.94
C PHE D 139 44.84 -0.55 -2.81
N CYS D 140 44.15 -1.69 -2.95
CA CYS D 140 44.28 -2.73 -1.95
C CYS D 140 45.69 -3.29 -1.89
N MET D 141 46.45 -3.15 -2.96
CA MET D 141 47.86 -3.52 -2.99
C MET D 141 48.80 -2.32 -2.83
N ALA D 142 48.48 -1.21 -3.50
CA ALA D 142 49.37 -0.05 -3.48
C ALA D 142 49.41 0.61 -2.11
N SER D 143 48.35 0.49 -1.32
CA SER D 143 48.34 1.05 0.03
C SER D 143 49.17 0.23 1.02
N LEU D 144 49.78 -0.87 0.57
CA LEU D 144 50.60 -1.71 1.42
C LEU D 144 52.08 -1.60 1.09
N LYS D 145 52.48 -0.53 0.39
CA LYS D 145 53.89 -0.33 0.09
C LYS D 145 54.70 -0.15 1.37
N SER D 146 54.15 0.58 2.34
CA SER D 146 54.86 0.81 3.60
C SER D 146 55.07 -0.50 4.36
N LEU D 147 54.11 -1.41 4.29
CA LEU D 147 54.29 -2.73 4.88
C LEU D 147 55.43 -3.48 4.19
N CYS D 148 55.52 -3.37 2.87
CA CYS D 148 56.61 -4.01 2.15
C CYS D 148 57.93 -3.28 2.37
N ALA D 149 57.88 -1.96 2.56
CA ALA D 149 59.11 -1.19 2.75
C ALA D 149 59.82 -1.59 4.04
N ASP D 150 59.13 -2.28 4.94
CA ASP D 150 59.77 -2.76 6.17
C ASP D 150 60.47 -4.09 5.97
N GLU D 151 60.42 -4.65 4.76
CA GLU D 151 61.02 -5.95 4.49
C GLU D 151 62.05 -5.93 3.37
N THR D 152 61.93 -5.02 2.43
CA THR D 152 62.81 -4.96 1.26
C THR D 152 62.70 -3.56 0.65
N ARG D 153 63.29 -3.38 -0.52
CA ARG D 153 63.20 -2.12 -1.26
C ARG D 153 61.95 -2.12 -2.13
N VAL D 154 61.21 -1.01 -2.11
CA VAL D 154 59.96 -0.88 -2.85
C VAL D 154 60.15 0.20 -3.91
N GLU D 155 59.85 -0.13 -5.16
CA GLU D 155 59.97 0.78 -6.27
C GLU D 155 58.65 0.88 -7.01
N THR D 156 58.32 2.07 -7.49
CA THR D 156 57.11 2.31 -8.29
C THR D 156 57.52 2.79 -9.67
N ILE D 157 57.01 2.13 -10.70
CA ILE D 157 57.33 2.47 -12.08
C ILE D 157 56.07 2.99 -12.77
N ARG D 158 56.26 3.51 -13.99
CA ARG D 158 55.15 3.98 -14.78
C ARG D 158 54.31 2.80 -15.28
N HIS D 159 53.13 3.11 -15.79
CA HIS D 159 52.18 2.07 -16.18
C HIS D 159 52.73 1.23 -17.33
N ASN D 160 52.83 -0.08 -17.10
CA ASN D 160 53.27 -1.05 -18.09
C ASN D 160 54.63 -0.69 -18.70
N ASP D 161 55.51 -0.09 -17.90
CA ASP D 161 56.84 0.29 -18.36
C ASP D 161 57.75 -0.93 -18.24
N VAL D 162 57.66 -1.80 -19.25
CA VAL D 162 58.40 -3.06 -19.22
C VAL D 162 59.91 -2.83 -19.32
N ASP D 163 60.34 -1.67 -19.84
CA ASP D 163 61.76 -1.40 -19.99
C ASP D 163 62.40 -1.02 -18.65
N ALA D 164 61.71 -0.21 -17.84
CA ALA D 164 62.20 0.07 -16.50
C ALA D 164 62.17 -1.18 -15.64
N LEU D 165 61.16 -2.04 -15.85
CA LEU D 165 61.12 -3.32 -15.14
C LEU D 165 62.29 -4.20 -15.54
N ALA D 166 62.69 -4.14 -16.82
CA ALA D 166 63.83 -4.92 -17.27
C ALA D 166 65.11 -4.47 -16.58
N ASP D 167 65.30 -3.16 -16.42
CA ASP D 167 66.51 -2.64 -15.80
C ASP D 167 66.61 -3.06 -14.34
N ILE D 168 65.49 -2.97 -13.60
CA ILE D 168 65.51 -3.37 -12.19
C ILE D 168 65.86 -4.84 -12.06
N CYS D 169 65.49 -5.66 -13.05
CA CYS D 169 65.85 -7.07 -13.03
C CYS D 169 67.36 -7.26 -13.19
N ARG D 170 67.98 -6.49 -14.08
CA ARG D 170 69.42 -6.65 -14.30
C ARG D 170 70.24 -6.09 -13.15
N LYS D 171 69.66 -5.26 -12.30
CA LYS D 171 70.39 -4.64 -11.20
C LYS D 171 70.21 -5.37 -9.87
N ASN D 172 69.28 -6.29 -9.76
CA ASN D 172 68.99 -6.96 -8.50
C ASN D 172 68.91 -8.47 -8.71
N LYS D 173 69.11 -9.19 -7.60
CA LYS D 173 69.11 -10.65 -7.66
C LYS D 173 67.71 -11.19 -7.87
N ARG D 174 66.73 -10.66 -7.16
CA ARG D 174 65.35 -11.13 -7.25
C ARG D 174 64.43 -9.93 -7.29
N VAL D 175 63.46 -9.96 -8.20
CA VAL D 175 62.51 -8.87 -8.38
C VAL D 175 61.11 -9.46 -8.41
N ALA D 176 60.13 -8.68 -7.92
CA ALA D 176 58.73 -9.03 -7.99
C ALA D 176 57.96 -7.86 -8.60
N TYR D 177 57.00 -8.18 -9.47
CA TYR D 177 56.18 -7.17 -10.13
C TYR D 177 54.74 -7.32 -9.69
N VAL D 178 54.18 -6.27 -9.10
CA VAL D 178 52.82 -6.26 -8.58
C VAL D 178 51.98 -5.37 -9.48
N CYS D 179 50.90 -5.94 -10.04
CA CYS D 179 50.12 -5.24 -11.06
C CYS D 179 48.71 -5.82 -11.09
N ASP D 180 47.87 -5.21 -11.93
CA ASP D 180 46.55 -5.74 -12.24
C ASP D 180 46.61 -6.53 -13.54
N SER D 181 45.77 -7.56 -13.64
CA SER D 181 45.63 -8.26 -14.91
C SER D 181 44.79 -7.43 -15.89
N VAL D 182 43.69 -6.87 -15.40
CA VAL D 182 42.83 -5.98 -16.18
C VAL D 182 42.63 -4.72 -15.36
N TYR D 183 43.03 -3.58 -15.92
CA TYR D 183 42.92 -2.31 -15.24
C TYR D 183 41.55 -1.70 -15.51
N SER D 184 40.80 -1.44 -14.44
CA SER D 184 39.42 -0.98 -14.58
C SER D 184 39.34 0.36 -15.30
N THR D 185 40.30 1.24 -15.06
CA THR D 185 40.35 2.51 -15.78
C THR D 185 41.38 2.41 -16.90
N GLY D 186 41.05 2.97 -18.07
CA GLY D 186 41.99 3.03 -19.17
C GLY D 186 41.89 1.89 -20.16
N GLY D 187 41.27 0.78 -19.77
CA GLY D 187 41.06 -0.42 -20.57
C GLY D 187 42.31 -1.22 -20.82
N THR D 188 43.44 -0.77 -20.29
CA THR D 188 44.72 -1.40 -20.57
C THR D 188 44.83 -2.76 -19.87
N LEU D 189 45.75 -3.57 -20.38
CA LEU D 189 46.00 -4.91 -19.89
C LEU D 189 47.47 -5.03 -19.51
N ALA D 190 47.76 -5.93 -18.58
CA ALA D 190 49.13 -6.20 -18.22
C ALA D 190 49.85 -6.85 -19.41
N PRO D 191 51.04 -6.38 -19.77
CA PRO D 191 51.73 -6.94 -20.94
C PRO D 191 52.28 -8.32 -20.70
N LEU D 192 51.44 -9.35 -20.91
CA LEU D 192 51.80 -10.71 -20.48
C LEU D 192 53.03 -11.23 -21.21
N GLU D 193 53.15 -10.96 -22.51
CA GLU D 193 54.27 -11.51 -23.27
C GLU D 193 55.60 -10.95 -22.80
N GLU D 194 55.65 -9.65 -22.51
CA GLU D 194 56.89 -9.04 -22.03
C GLU D 194 57.23 -9.54 -20.62
N LEU D 195 56.22 -9.75 -19.78
CA LEU D 195 56.46 -10.19 -18.41
C LEU D 195 56.93 -11.64 -18.37
N PHE D 196 56.32 -12.50 -19.19
CA PHE D 196 56.73 -13.91 -19.22
C PHE D 196 58.15 -14.07 -19.74
N ALA D 197 58.57 -13.18 -20.64
CA ALA D 197 59.95 -13.22 -21.12
C ALA D 197 60.93 -12.81 -20.03
N LEU D 198 60.59 -11.77 -19.26
CA LEU D 198 61.43 -11.39 -18.12
C LEU D 198 61.39 -12.45 -17.03
N GLN D 199 60.26 -13.14 -16.87
CA GLN D 199 60.19 -14.23 -15.91
C GLN D 199 61.08 -15.40 -16.33
N LYS D 200 61.15 -15.66 -17.65
CA LYS D 200 62.05 -16.70 -18.14
C LYS D 200 63.51 -16.30 -17.91
N GLU D 201 63.89 -15.10 -18.33
CA GLU D 201 65.29 -14.71 -18.36
C GLU D 201 65.83 -14.38 -16.97
N PHE D 202 65.00 -13.81 -16.09
CA PHE D 202 65.45 -13.32 -14.80
C PHE D 202 64.85 -14.05 -13.61
N GLY D 203 63.85 -14.90 -13.82
CA GLY D 203 63.13 -15.47 -12.68
C GLY D 203 62.27 -14.44 -11.99
N LEU D 204 61.68 -13.52 -12.75
CA LEU D 204 60.86 -12.46 -12.17
C LEU D 204 59.59 -13.03 -11.56
N PHE D 205 59.33 -12.67 -10.31
CA PHE D 205 58.09 -13.08 -9.65
C PHE D 205 56.96 -12.17 -10.13
N LEU D 206 55.84 -12.77 -10.48
CA LEU D 206 54.69 -12.05 -11.01
C LEU D 206 53.53 -12.13 -10.03
N TYR D 207 52.92 -10.97 -9.76
CA TYR D 207 51.84 -10.85 -8.77
C TYR D 207 50.69 -10.10 -9.45
N PHE D 208 49.65 -10.83 -9.81
CA PHE D 208 48.54 -10.28 -10.58
C PHE D 208 47.29 -10.15 -9.72
N ASP D 209 46.59 -9.03 -9.87
CA ASP D 209 45.26 -8.85 -9.33
C ASP D 209 44.27 -9.19 -10.44
N GLU D 210 43.60 -10.33 -10.32
CA GLU D 210 42.71 -10.86 -11.35
C GLU D 210 41.25 -10.56 -11.08
N ALA D 211 40.95 -9.51 -10.31
CA ALA D 211 39.57 -9.25 -9.90
C ALA D 211 38.67 -8.97 -11.10
N HIS D 212 39.19 -8.27 -12.10
CA HIS D 212 38.40 -7.90 -13.27
C HIS D 212 38.60 -8.84 -14.45
N SER D 213 39.32 -9.95 -14.26
CA SER D 213 39.56 -10.90 -15.33
C SER D 213 39.11 -12.32 -15.01
N THR D 214 38.71 -12.60 -13.77
CA THR D 214 38.47 -13.97 -13.36
C THR D 214 37.41 -14.65 -14.23
N SER D 215 36.18 -14.14 -14.19
CA SER D 215 35.09 -14.83 -14.87
C SER D 215 34.91 -14.44 -16.32
N VAL D 216 35.39 -13.25 -16.73
CA VAL D 216 35.07 -12.74 -18.06
C VAL D 216 36.10 -13.15 -19.11
N ILE D 217 37.32 -13.51 -18.71
CA ILE D 217 38.38 -13.87 -19.65
C ILE D 217 38.76 -15.33 -19.44
N GLY D 218 39.00 -16.03 -20.55
CA GLY D 218 39.66 -17.32 -20.52
C GLY D 218 38.69 -18.47 -20.66
N ASP D 219 39.24 -19.61 -21.10
CA ASP D 219 38.48 -20.84 -21.14
C ASP D 219 38.14 -21.26 -19.71
N MET D 220 36.87 -21.60 -19.48
CA MET D 220 36.34 -21.91 -18.15
C MET D 220 36.52 -20.77 -17.16
N GLY D 221 36.83 -19.57 -17.65
CA GLY D 221 36.94 -18.40 -16.80
C GLY D 221 38.07 -18.52 -15.80
N ARG D 222 39.25 -18.92 -16.26
CA ARG D 222 40.43 -19.02 -15.41
C ARG D 222 41.18 -17.71 -15.32
N GLY D 223 40.78 -16.70 -16.07
CA GLY D 223 41.39 -15.39 -16.01
C GLY D 223 42.27 -15.10 -17.22
N TYR D 224 42.76 -13.86 -17.25
CA TYR D 224 43.59 -13.41 -18.36
C TYR D 224 44.96 -14.06 -18.30
N VAL D 225 45.59 -14.08 -17.12
CA VAL D 225 46.92 -14.64 -16.99
C VAL D 225 46.90 -16.14 -17.25
N LEU D 226 46.00 -16.86 -16.57
CA LEU D 226 46.02 -18.32 -16.63
C LEU D 226 45.74 -18.86 -18.03
N ASP D 227 44.94 -18.15 -18.82
CA ASP D 227 44.63 -18.65 -20.17
C ASP D 227 45.87 -18.60 -21.06
N ARG D 228 46.54 -17.44 -21.10
CA ARG D 228 47.77 -17.34 -21.88
C ARG D 228 48.87 -18.19 -21.28
N MET D 229 48.89 -18.34 -19.95
CA MET D 229 49.96 -19.08 -19.29
C MET D 229 49.77 -20.58 -19.38
N GLY D 230 48.52 -21.05 -19.44
CA GLY D 230 48.25 -22.47 -19.46
C GLY D 230 48.27 -23.09 -18.07
N ALA D 231 49.47 -23.31 -17.54
CA ALA D 231 49.64 -23.88 -16.21
C ALA D 231 50.50 -22.97 -15.36
N ILE D 232 50.01 -22.63 -14.18
CA ILE D 232 50.72 -21.70 -13.31
C ILE D 232 52.01 -22.35 -12.79
N ASN D 233 53.04 -21.53 -12.59
CA ASN D 233 54.33 -21.99 -12.11
C ASN D 233 54.60 -21.44 -10.71
N ASP D 234 55.78 -21.78 -10.18
CA ASP D 234 56.18 -21.40 -8.84
C ASP D 234 56.71 -19.97 -8.75
N SER D 235 56.59 -19.18 -9.81
CA SER D 235 57.01 -17.79 -9.80
C SER D 235 55.86 -16.84 -10.12
N THR D 236 54.63 -17.30 -10.01
CA THR D 236 53.45 -16.50 -10.34
C THR D 236 52.39 -16.71 -9.28
N MET D 237 51.84 -15.61 -8.78
CA MET D 237 50.84 -15.63 -7.72
C MET D 237 49.67 -14.74 -8.13
N LEU D 238 48.46 -15.21 -7.85
CA LEU D 238 47.25 -14.49 -8.23
C LEU D 238 46.38 -14.25 -6.99
N ILE D 239 45.85 -13.04 -6.90
CA ILE D 239 44.77 -12.72 -5.97
C ILE D 239 43.60 -12.20 -6.79
N THR D 240 42.38 -12.45 -6.31
CA THR D 240 41.20 -12.05 -7.07
C THR D 240 40.01 -11.96 -6.13
N SER D 241 38.98 -11.28 -6.61
CA SER D 241 37.70 -11.16 -5.92
C SER D 241 36.71 -12.16 -6.52
N LEU D 242 35.93 -12.81 -5.65
CA LEU D 242 34.98 -13.82 -6.07
C LEU D 242 33.54 -13.33 -6.06
N ASN D 243 33.31 -12.02 -5.94
CA ASN D 243 31.96 -11.48 -5.95
C ASN D 243 31.70 -10.53 -7.11
N LYS D 244 32.67 -10.33 -8.01
CA LYS D 244 32.44 -9.64 -9.27
C LYS D 244 32.57 -10.65 -10.39
N GLY D 245 31.47 -10.94 -11.07
CA GLY D 245 31.52 -11.84 -12.21
C GLY D 245 31.51 -13.30 -11.82
N PHE D 246 32.14 -13.64 -10.70
CA PHE D 246 32.12 -15.02 -10.22
C PHE D 246 30.82 -15.35 -9.50
N GLY D 247 30.06 -14.34 -9.08
CA GLY D 247 28.75 -14.57 -8.51
C GLY D 247 28.76 -15.23 -7.14
N ALA D 248 29.75 -14.95 -6.32
CA ALA D 248 29.83 -15.54 -4.99
C ALA D 248 30.20 -14.49 -3.94
N SER D 249 31.15 -14.81 -3.06
CA SER D 249 31.55 -13.90 -2.01
C SER D 249 33.03 -14.08 -1.70
N GLY D 250 33.64 -13.02 -1.17
CA GLY D 250 35.02 -13.09 -0.72
C GLY D 250 36.03 -13.01 -1.84
N GLY D 251 37.28 -13.30 -1.47
CA GLY D 251 38.38 -13.36 -2.41
C GLY D 251 39.19 -14.62 -2.21
N ALA D 252 40.20 -14.77 -3.07
CA ALA D 252 41.02 -15.99 -3.06
C ALA D 252 42.47 -15.65 -3.36
N ILE D 253 43.36 -16.54 -2.92
CA ILE D 253 44.78 -16.50 -3.25
C ILE D 253 45.10 -17.73 -4.08
N VAL D 254 45.75 -17.52 -5.22
CA VAL D 254 46.24 -18.61 -6.06
C VAL D 254 47.74 -18.67 -5.82
N PHE D 255 48.18 -19.63 -4.99
CA PHE D 255 49.57 -19.67 -4.57
C PHE D 255 50.48 -20.09 -5.72
N GLY D 256 50.18 -21.21 -6.36
CA GLY D 256 51.01 -21.74 -7.42
C GLY D 256 50.61 -23.15 -7.79
N PRO D 257 51.60 -23.98 -8.13
CA PRO D 257 51.30 -25.35 -8.57
C PRO D 257 50.43 -26.11 -7.57
N ARG D 258 49.56 -26.96 -8.12
CA ARG D 258 48.59 -27.67 -7.28
C ARG D 258 49.28 -28.61 -6.29
N ASP D 259 50.30 -29.34 -6.76
CA ASP D 259 50.99 -30.28 -5.88
C ASP D 259 51.78 -29.57 -4.79
N ASP D 260 52.32 -28.39 -5.09
CA ASP D 260 53.16 -27.69 -4.14
C ASP D 260 52.32 -27.09 -3.01
N ASP D 261 52.68 -27.40 -1.77
CA ASP D 261 52.03 -26.83 -0.60
C ASP D 261 52.92 -25.87 0.16
N ARG D 262 54.13 -25.59 -0.35
CA ARG D 262 55.08 -24.77 0.39
C ARG D 262 54.60 -23.33 0.51
N LYS D 263 54.17 -22.74 -0.60
CA LYS D 263 53.74 -21.34 -0.58
C LYS D 263 52.52 -21.15 0.32
N ARG D 264 51.59 -22.12 0.31
CA ARG D 264 50.44 -22.03 1.20
C ARG D 264 50.89 -22.12 2.66
N LYS D 265 51.75 -23.10 2.98
CA LYS D 265 52.21 -23.27 4.35
C LYS D 265 52.87 -22.01 4.88
N ILE D 266 53.76 -21.41 4.09
CA ILE D 266 54.50 -20.23 4.53
C ILE D 266 53.55 -19.08 4.85
N ILE D 267 52.50 -18.91 4.03
CA ILE D 267 51.57 -17.82 4.26
C ILE D 267 50.58 -18.16 5.38
N GLN D 268 50.17 -19.43 5.50
CA GLN D 268 49.32 -19.82 6.61
C GLN D 268 50.03 -19.62 7.95
N ARG D 269 51.32 -19.94 8.01
CA ARG D 269 52.08 -19.87 9.24
C ARG D 269 52.74 -18.52 9.47
N SER D 270 52.70 -17.63 8.50
CA SER D 270 53.17 -16.27 8.70
C SER D 270 52.12 -15.47 9.47
N SER D 271 52.47 -14.23 9.82
CA SER D 271 51.58 -13.37 10.59
C SER D 271 50.77 -12.53 9.61
N GLY D 272 49.58 -13.02 9.26
CA GLY D 272 48.71 -12.34 8.34
C GLY D 272 47.24 -12.64 8.58
N PRO D 273 46.36 -11.96 7.85
CA PRO D 273 44.92 -12.21 8.01
C PRO D 273 44.50 -13.63 7.68
N LEU D 274 45.30 -14.37 6.90
CA LEU D 274 44.98 -15.77 6.65
C LEU D 274 44.99 -16.59 7.93
N MET D 275 45.61 -16.08 9.00
CA MET D 275 45.71 -16.77 10.28
C MET D 275 44.69 -16.29 11.31
N TRP D 276 44.49 -14.98 11.44
CA TRP D 276 43.62 -14.45 12.48
C TRP D 276 42.30 -13.86 11.98
N SER D 277 42.19 -13.55 10.69
CA SER D 277 40.94 -13.01 10.18
C SER D 277 39.96 -14.14 9.88
N GLN D 278 38.67 -13.84 10.02
CA GLN D 278 37.64 -14.86 9.89
C GLN D 278 37.55 -15.37 8.47
N ARG D 279 37.28 -16.67 8.34
CA ARG D 279 37.09 -17.29 7.05
C ARG D 279 35.66 -17.04 6.56
N LEU D 280 35.40 -17.43 5.32
CA LEU D 280 34.09 -17.20 4.72
C LEU D 280 33.02 -18.01 5.43
N ASN D 281 31.81 -17.44 5.50
CA ASN D 281 30.70 -18.17 6.08
C ASN D 281 30.20 -19.25 5.13
N THR D 282 29.41 -20.18 5.67
CA THR D 282 28.99 -21.33 4.87
C THR D 282 28.17 -20.98 3.63
N PRO D 283 27.28 -19.97 3.63
CA PRO D 283 26.60 -19.65 2.36
C PRO D 283 27.56 -19.17 1.28
N ALA D 284 28.58 -18.39 1.64
CA ALA D 284 29.58 -17.99 0.67
C ALA D 284 30.30 -19.21 0.09
N LEU D 285 30.63 -20.19 0.94
CA LEU D 285 31.34 -21.37 0.46
C LEU D 285 30.44 -22.24 -0.41
N GLY D 286 29.15 -22.32 -0.08
CA GLY D 286 28.23 -23.06 -0.92
C GLY D 286 28.10 -22.46 -2.30
N ALA D 287 28.09 -21.12 -2.37
CA ALA D 287 28.01 -20.44 -3.66
C ALA D 287 29.27 -20.66 -4.48
N ILE D 288 30.43 -20.67 -3.83
CA ILE D 288 31.70 -20.85 -4.53
C ILE D 288 31.77 -22.23 -5.18
N ILE D 289 31.29 -23.26 -4.46
CA ILE D 289 31.35 -24.61 -5.00
C ILE D 289 30.47 -24.74 -6.23
N GLU D 290 29.25 -24.19 -6.16
CA GLU D 290 28.35 -24.28 -7.31
C GLU D 290 28.85 -23.44 -8.48
N SER D 291 29.35 -22.23 -8.20
CA SER D 291 29.90 -21.42 -9.28
C SER D 291 31.13 -22.07 -9.89
N ALA D 292 31.89 -22.82 -9.10
CA ALA D 292 33.03 -23.56 -9.66
C ALA D 292 32.56 -24.63 -10.62
N LYS D 293 31.54 -25.40 -10.24
CA LYS D 293 30.96 -26.37 -11.15
C LYS D 293 30.40 -25.69 -12.39
N LEU D 294 29.84 -24.49 -12.22
CA LEU D 294 29.27 -23.77 -13.34
C LEU D 294 30.36 -23.28 -14.30
N HIS D 295 31.49 -22.80 -13.74
CA HIS D 295 32.57 -22.33 -14.59
C HIS D 295 33.18 -23.45 -15.42
N ARG D 296 33.09 -24.69 -14.94
CA ARG D 296 33.59 -25.84 -15.69
C ARG D 296 32.58 -26.41 -16.67
N SER D 297 31.33 -25.96 -16.60
CA SER D 297 30.30 -26.45 -17.50
C SER D 297 30.30 -25.65 -18.80
N GLU D 298 29.41 -26.04 -19.72
CA GLU D 298 29.26 -25.30 -20.97
C GLU D 298 28.55 -23.97 -20.78
N ALA D 299 27.97 -23.73 -19.60
CA ALA D 299 27.23 -22.49 -19.38
C ALA D 299 28.13 -21.27 -19.36
N LEU D 300 29.42 -21.45 -19.08
CA LEU D 300 30.30 -20.29 -18.98
C LEU D 300 30.73 -19.77 -20.37
N PRO D 301 31.15 -20.63 -21.30
CA PRO D 301 31.37 -20.12 -22.67
C PRO D 301 30.12 -19.58 -23.31
N GLU D 302 28.94 -19.96 -22.83
CA GLU D 302 27.69 -19.35 -23.28
C GLU D 302 27.53 -17.95 -22.70
N LEU D 303 27.78 -17.81 -21.39
CA LEU D 303 27.70 -16.49 -20.77
C LEU D 303 28.78 -15.56 -21.30
N GLN D 304 29.97 -16.08 -21.60
CA GLN D 304 30.99 -15.26 -22.23
C GLN D 304 30.59 -14.85 -23.64
N ALA D 305 29.85 -15.71 -24.35
CA ALA D 305 29.40 -15.38 -25.69
C ALA D 305 28.39 -14.24 -25.67
N LYS D 306 27.43 -14.31 -24.74
CA LYS D 306 26.45 -13.23 -24.63
C LYS D 306 27.09 -11.94 -24.15
N LEU D 307 28.15 -12.04 -23.33
CA LEU D 307 28.85 -10.84 -22.88
C LEU D 307 29.53 -10.13 -24.04
N HIS D 308 30.32 -10.86 -24.82
CA HIS D 308 30.95 -10.26 -26.00
C HIS D 308 29.91 -9.78 -27.01
N SER D 309 28.75 -10.43 -27.04
CA SER D 309 27.65 -9.95 -27.87
C SER D 309 27.16 -8.59 -27.39
N ASN D 310 26.96 -8.46 -26.08
CA ASN D 310 26.49 -7.19 -25.54
C ASN D 310 27.54 -6.09 -25.64
N ILE D 311 28.83 -6.46 -25.60
CA ILE D 311 29.88 -5.47 -25.79
C ILE D 311 29.83 -4.90 -27.21
N ALA D 312 29.59 -5.76 -28.20
CA ALA D 312 29.52 -5.32 -29.58
C ALA D 312 28.30 -4.43 -29.81
N LEU D 313 27.15 -4.80 -29.23
CA LEU D 313 25.95 -3.98 -29.37
C LEU D 313 26.16 -2.60 -28.77
N PHE D 314 26.72 -2.54 -27.57
CA PHE D 314 26.97 -1.26 -26.91
C PHE D 314 27.94 -0.41 -27.71
N ASP D 315 29.09 -0.99 -28.09
CA ASP D 315 30.09 -0.22 -28.83
C ASP D 315 29.57 0.20 -30.20
N GLY D 316 28.63 -0.55 -30.76
CA GLY D 316 28.03 -0.14 -32.01
C GLY D 316 27.00 0.96 -31.90
N LEU D 317 26.55 1.27 -30.69
CA LEU D 317 25.53 2.29 -30.46
C LEU D 317 26.03 3.48 -29.66
N VAL D 318 27.02 3.31 -28.78
CA VAL D 318 27.47 4.37 -27.88
C VAL D 318 28.97 4.47 -27.97
N ARG D 319 29.48 5.66 -28.32
CA ARG D 319 30.92 5.90 -28.36
C ARG D 319 31.41 6.24 -26.95
N ALA D 320 32.26 5.39 -26.39
CA ALA D 320 32.81 5.60 -25.06
C ALA D 320 34.28 5.20 -25.07
N ALA D 321 34.97 5.54 -24.00
CA ALA D 321 36.36 5.12 -23.86
C ALA D 321 36.42 3.61 -23.75
N GLY D 322 37.41 3.02 -24.42
CA GLY D 322 37.51 1.58 -24.50
C GLY D 322 36.69 0.94 -25.59
N GLN D 323 35.98 1.74 -26.39
CA GLN D 323 35.19 1.23 -27.50
C GLN D 323 36.04 0.34 -28.40
N GLY D 324 35.60 -0.91 -28.55
CA GLY D 324 36.34 -1.90 -29.30
C GLY D 324 37.09 -2.91 -28.45
N ASN D 325 37.13 -2.71 -27.13
CA ASN D 325 37.78 -3.66 -26.24
C ASN D 325 37.01 -4.96 -26.17
N SER D 326 37.63 -5.94 -25.53
CA SER D 326 36.93 -7.13 -25.07
C SER D 326 36.68 -7.09 -23.56
N VAL D 327 37.25 -6.11 -22.86
CA VAL D 327 37.00 -5.89 -21.44
C VAL D 327 35.68 -5.12 -21.29
N PRO D 328 34.70 -5.65 -20.55
CA PRO D 328 33.37 -5.03 -20.47
C PRO D 328 33.29 -3.82 -19.54
N ILE D 329 34.17 -2.86 -19.75
CA ILE D 329 34.19 -1.62 -18.98
C ILE D 329 34.27 -0.46 -19.95
N ARG D 330 33.29 0.44 -19.89
CA ARG D 330 33.22 1.59 -20.78
C ARG D 330 33.11 2.86 -19.95
N TYR D 331 33.79 3.91 -20.39
CA TYR D 331 33.82 5.19 -19.69
C TYR D 331 33.27 6.29 -20.59
N LEU D 332 32.26 7.00 -20.09
CA LEU D 332 31.59 8.08 -20.83
C LEU D 332 32.15 9.41 -20.33
N GLU D 333 33.25 9.85 -20.95
CA GLU D 333 33.91 11.09 -20.54
C GLU D 333 32.99 12.29 -20.73
N LEU D 334 32.76 13.04 -19.65
CA LEU D 334 32.07 14.32 -19.72
C LEU D 334 32.92 15.49 -19.27
N GLY D 335 34.00 15.25 -18.51
CA GLY D 335 34.90 16.31 -18.11
C GLY D 335 34.52 16.99 -16.81
N SER D 336 33.43 17.74 -16.83
CA SER D 336 33.00 18.49 -15.66
C SER D 336 32.35 17.56 -14.64
N GLU D 337 32.69 17.76 -13.36
CA GLU D 337 32.05 17.00 -12.30
C GLU D 337 30.55 17.29 -12.23
N VAL D 338 30.17 18.55 -12.46
CA VAL D 338 28.74 18.90 -12.42
C VAL D 338 28.01 18.28 -13.60
N ASP D 339 28.62 18.30 -14.79
CA ASP D 339 27.99 17.69 -15.96
C ASP D 339 27.82 16.18 -15.75
N THR D 340 28.83 15.53 -15.20
CA THR D 340 28.75 14.09 -14.95
C THR D 340 27.68 13.78 -13.90
N LEU D 341 27.60 14.59 -12.85
CA LEU D 341 26.63 14.34 -11.79
C LEU D 341 25.20 14.52 -12.30
N GLU D 342 24.93 15.57 -13.05
CA GLU D 342 23.58 15.81 -13.53
C GLU D 342 23.21 14.85 -14.66
N ALA D 343 24.20 14.35 -15.41
CA ALA D 343 23.92 13.32 -16.40
C ALA D 343 23.56 12.00 -15.72
N SER D 344 24.23 11.69 -14.61
CA SER D 344 23.88 10.47 -13.88
C SER D 344 22.49 10.58 -13.26
N ALA D 345 22.11 11.78 -12.82
CA ALA D 345 20.78 11.97 -12.27
C ALA D 345 19.71 11.90 -13.37
N TYR D 346 20.02 12.43 -14.56
CA TYR D 346 19.06 12.40 -15.65
C TYR D 346 18.80 10.97 -16.11
N LEU D 347 19.87 10.19 -16.28
CA LEU D 347 19.71 8.82 -16.76
C LEU D 347 18.95 7.96 -15.77
N PHE D 348 19.16 8.19 -14.47
CA PHE D 348 18.42 7.44 -13.46
C PHE D 348 16.94 7.78 -13.49
N ASP D 349 16.62 9.06 -13.73
CA ASP D 349 15.22 9.45 -13.84
C ASP D 349 14.55 8.80 -15.05
N ASN D 350 15.34 8.43 -16.06
CA ASN D 350 14.83 7.76 -17.24
C ASN D 350 15.09 6.26 -17.23
N GLY D 351 15.48 5.71 -16.08
CA GLY D 351 15.52 4.27 -15.91
C GLY D 351 16.85 3.60 -16.18
N PHE D 352 17.97 4.29 -15.97
CA PHE D 352 19.29 3.71 -16.19
C PHE D 352 20.27 4.33 -15.21
N TYR D 353 20.84 3.52 -14.33
CA TYR D 353 21.84 3.99 -13.38
C TYR D 353 23.23 3.71 -13.94
N VAL D 354 24.03 4.77 -14.07
CA VAL D 354 25.45 4.66 -14.36
C VAL D 354 26.20 5.40 -13.26
N GLU D 355 27.13 4.73 -12.61
CA GLU D 355 27.83 5.36 -11.50
C GLU D 355 28.70 6.51 -12.01
N PRO D 356 28.67 7.67 -11.36
CA PRO D 356 29.53 8.78 -11.78
C PRO D 356 30.89 8.73 -11.09
N ASP D 357 31.93 9.00 -11.87
CA ASP D 357 33.29 9.13 -11.36
C ASP D 357 33.68 10.60 -11.35
N PHE D 358 34.29 11.02 -10.25
CA PHE D 358 34.68 12.41 -10.07
C PHE D 358 35.84 12.46 -9.08
N PHE D 359 36.54 13.59 -9.08
CA PHE D 359 37.63 13.78 -8.15
C PHE D 359 37.13 13.58 -6.72
N PRO D 360 37.87 12.86 -5.86
CA PRO D 360 39.21 12.31 -6.09
C PRO D 360 39.27 10.92 -6.74
N ILE D 361 38.13 10.34 -7.12
CA ILE D 361 38.16 9.02 -7.75
C ILE D 361 38.96 9.06 -9.05
N VAL D 362 38.88 10.17 -9.78
CA VAL D 362 39.59 10.37 -11.04
C VAL D 362 40.11 11.80 -11.05
N SER D 363 40.99 12.08 -12.02
CA SER D 363 41.59 13.41 -12.13
C SER D 363 40.53 14.48 -12.34
N ARG D 364 40.83 15.68 -11.87
CA ARG D 364 39.91 16.80 -12.09
C ARG D 364 39.81 17.12 -13.57
N GLY D 365 38.62 17.53 -14.00
CA GLY D 365 38.38 17.79 -15.40
C GLY D 365 38.32 16.55 -16.27
N ALA D 366 38.20 15.36 -15.68
CA ALA D 366 38.08 14.12 -16.42
C ALA D 366 36.99 13.24 -15.85
N ALA D 367 35.95 13.85 -15.28
CA ALA D 367 34.83 13.10 -14.74
C ALA D 367 34.05 12.40 -15.85
N GLY D 368 33.31 11.37 -15.47
CA GLY D 368 32.55 10.62 -16.46
C GLY D 368 31.77 9.51 -15.80
N LEU D 369 31.01 8.80 -16.64
CA LEU D 369 30.15 7.72 -16.21
C LEU D 369 30.83 6.38 -16.48
N ARG D 370 30.85 5.52 -15.47
CA ARG D 370 31.53 4.23 -15.55
C ARG D 370 30.49 3.15 -15.78
N ALA D 371 30.35 2.73 -17.03
CA ALA D 371 29.41 1.67 -17.40
C ALA D 371 30.14 0.34 -17.50
N ARG D 372 29.43 -0.73 -17.12
CA ARG D 372 29.99 -2.08 -17.18
C ARG D 372 28.98 -3.00 -17.86
N ILE D 373 29.44 -3.69 -18.90
CA ILE D 373 28.61 -4.59 -19.68
C ILE D 373 28.55 -5.95 -19.01
N ARG D 374 27.37 -6.56 -19.01
CA ARG D 374 27.16 -7.85 -18.36
C ARG D 374 26.31 -8.74 -19.25
N SER D 375 26.46 -10.05 -19.04
CA SER D 375 25.68 -11.02 -19.82
C SER D 375 24.19 -10.89 -19.56
N SER D 376 23.81 -10.55 -18.34
CA SER D 376 22.41 -10.38 -17.97
C SER D 376 21.75 -9.14 -18.58
N MET D 377 22.40 -8.47 -19.54
CA MET D 377 21.79 -7.34 -20.25
C MET D 377 21.12 -7.85 -21.52
N SER D 378 19.85 -7.49 -21.70
CA SER D 378 19.15 -7.84 -22.93
C SER D 378 19.50 -6.86 -24.04
N THR D 379 19.21 -7.27 -25.27
CA THR D 379 19.36 -6.36 -26.40
C THR D 379 18.50 -5.12 -26.22
N ALA D 380 17.31 -5.28 -25.63
CA ALA D 380 16.44 -4.13 -25.37
C ALA D 380 17.07 -3.18 -24.36
N ASP D 381 17.69 -3.72 -23.31
CA ASP D 381 18.31 -2.87 -22.29
C ASP D 381 19.36 -1.95 -22.90
N ILE D 382 20.26 -2.51 -23.71
CA ILE D 382 21.33 -1.71 -24.31
C ILE D 382 20.75 -0.72 -25.32
N GLU D 383 19.85 -1.19 -26.19
CA GLU D 383 19.28 -0.32 -27.21
C GLU D 383 18.49 0.83 -26.60
N GLN D 384 17.79 0.56 -25.51
CA GLN D 384 17.01 1.62 -24.86
C GLN D 384 17.93 2.63 -24.18
N PHE D 385 19.00 2.17 -23.55
CA PHE D 385 19.96 3.08 -22.93
C PHE D 385 20.61 3.97 -23.98
N ALA D 386 20.95 3.41 -25.14
CA ALA D 386 21.56 4.22 -26.19
C ALA D 386 20.62 5.31 -26.68
N HIS D 387 19.32 5.04 -26.69
CA HIS D 387 18.36 6.06 -27.09
C HIS D 387 18.29 7.19 -26.07
N VAL D 388 18.28 6.85 -24.77
CA VAL D 388 18.21 7.88 -23.74
C VAL D 388 19.53 8.65 -23.66
N TRP D 389 20.66 7.97 -23.90
CA TRP D 389 21.95 8.65 -23.86
C TRP D 389 22.09 9.68 -24.97
N HIS D 390 21.58 9.35 -26.16
CA HIS D 390 21.58 10.31 -27.26
C HIS D 390 20.50 11.36 -27.11
N LYS D 391 19.45 11.08 -26.32
CA LYS D 391 18.44 12.08 -26.04
C LYS D 391 19.02 13.25 -25.25
N LEU D 392 19.96 12.97 -24.35
CA LEU D 392 20.66 14.03 -23.63
C LEU D 392 21.50 14.89 -24.58
N GLY D 393 21.84 14.36 -25.75
CA GLY D 393 22.63 15.09 -26.72
C GLY D 393 21.88 16.19 -27.45
N VAL D 394 20.67 16.54 -26.96
CA VAL D 394 19.95 17.66 -27.54
C VAL D 394 20.71 18.96 -27.30
N ASP D 395 21.08 19.22 -26.05
CA ASP D 395 21.93 20.35 -25.68
C ASP D 395 22.29 20.28 -24.20
N LEU E 4 2.65 -31.20 28.28
CA LEU E 4 1.60 -31.77 29.14
C LEU E 4 0.45 -32.30 28.31
N ARG E 5 0.48 -32.02 27.01
CA ARG E 5 -0.57 -32.48 26.11
C ARG E 5 -0.58 -34.00 25.98
N HIS E 6 0.54 -34.66 26.27
CA HIS E 6 0.58 -36.12 26.24
C HIS E 6 -0.20 -36.72 27.40
N LEU E 7 -0.11 -36.12 28.59
CA LEU E 7 -0.79 -36.65 29.77
C LEU E 7 -2.28 -36.39 29.73
N SER E 8 -2.71 -35.30 29.10
CA SER E 8 -4.14 -35.00 29.02
C SER E 8 -4.84 -35.93 28.04
N ASP E 9 -4.27 -36.12 26.84
CA ASP E 9 -4.87 -37.01 25.86
C ASP E 9 -4.92 -38.46 26.33
N GLY E 10 -4.04 -38.85 27.26
CA GLY E 10 -4.14 -40.17 27.84
C GLY E 10 -5.31 -40.28 28.81
N TYR E 11 -5.54 -39.22 29.58
CA TYR E 11 -6.67 -39.22 30.51
C TYR E 11 -7.99 -39.25 29.76
N TRP E 12 -8.10 -38.48 28.67
CA TRP E 12 -9.34 -38.45 27.90
C TRP E 12 -9.64 -39.81 27.28
N ASP E 13 -8.63 -40.48 26.73
CA ASP E 13 -8.86 -41.78 26.12
C ASP E 13 -9.15 -42.86 27.15
N SER E 14 -8.61 -42.72 28.37
CA SER E 14 -8.95 -43.66 29.43
C SER E 14 -10.38 -43.48 29.90
N ALA E 15 -10.85 -42.23 29.99
CA ALA E 15 -12.23 -41.99 30.36
C ALA E 15 -13.19 -42.54 29.31
N ALA E 16 -12.85 -42.39 28.03
CA ALA E 16 -13.68 -42.94 26.97
C ALA E 16 -13.57 -44.46 26.90
N ARG E 17 -12.40 -45.02 27.23
CA ARG E 17 -12.24 -46.47 27.24
C ARG E 17 -13.09 -47.09 28.35
N LEU E 18 -13.19 -46.42 29.49
CA LEU E 18 -13.94 -46.95 30.63
C LEU E 18 -15.45 -46.73 30.50
N GLY E 19 -15.91 -45.97 29.51
CA GLY E 19 -17.32 -45.73 29.32
C GLY E 19 -17.91 -44.61 30.12
N VAL E 20 -17.07 -43.80 30.79
CA VAL E 20 -17.55 -42.68 31.60
C VAL E 20 -17.39 -41.35 30.86
N HIS E 21 -17.08 -41.39 29.56
CA HIS E 21 -16.95 -40.20 28.74
C HIS E 21 -17.32 -40.54 27.31
N GLY E 22 -18.04 -39.63 26.66
CA GLY E 22 -18.31 -39.75 25.23
C GLY E 22 -19.22 -40.89 24.83
N ALA E 23 -19.76 -41.62 25.80
CA ALA E 23 -20.66 -42.72 25.51
C ALA E 23 -22.06 -42.18 25.21
N VAL E 24 -22.95 -43.08 24.82
CA VAL E 24 -24.28 -42.73 24.34
C VAL E 24 -25.30 -43.30 25.31
N LEU E 25 -25.97 -42.43 26.06
CA LEU E 25 -26.92 -42.84 27.09
C LEU E 25 -28.27 -42.17 26.85
N GLN E 26 -29.34 -42.95 27.01
CA GLN E 26 -30.69 -42.45 26.85
C GLN E 26 -31.20 -41.89 28.17
N ALA E 27 -31.88 -40.75 28.10
CA ALA E 27 -32.44 -40.13 29.30
C ALA E 27 -33.69 -40.90 29.73
N VAL E 28 -33.76 -41.23 31.02
CA VAL E 28 -34.84 -42.03 31.58
C VAL E 28 -35.47 -41.25 32.73
N PRO E 29 -36.79 -41.24 32.87
CA PRO E 29 -37.42 -40.48 33.96
C PRO E 29 -36.89 -40.89 35.32
N GLY E 30 -36.90 -39.94 36.25
CA GLY E 30 -36.29 -40.13 37.54
C GLY E 30 -34.84 -39.71 37.61
N GLY E 31 -34.40 -38.81 36.74
CA GLY E 31 -32.99 -38.43 36.69
C GLY E 31 -32.08 -39.57 36.35
N ARG E 32 -32.53 -40.50 35.51
CA ARG E 32 -31.81 -41.74 35.23
C ARG E 32 -31.27 -41.76 33.82
N LEU E 33 -30.24 -42.59 33.63
CA LEU E 33 -29.58 -42.78 32.35
C LEU E 33 -29.60 -44.26 32.01
N SER E 34 -30.02 -44.60 30.80
CA SER E 34 -30.05 -45.98 30.34
C SER E 34 -29.02 -46.17 29.24
N ALA E 35 -28.18 -47.18 29.42
CA ALA E 35 -27.16 -47.55 28.44
C ALA E 35 -27.73 -48.57 27.46
N PRO E 36 -27.08 -48.74 26.30
CA PRO E 36 -27.57 -49.78 25.37
C PRO E 36 -27.60 -51.16 25.97
N ASP E 37 -26.70 -51.47 26.91
CA ASP E 37 -26.61 -52.79 27.50
C ASP E 37 -27.55 -52.98 28.68
N GLY E 38 -28.66 -52.25 28.73
CA GLY E 38 -29.65 -52.39 29.77
C GLY E 38 -29.35 -51.68 31.06
N ARG E 39 -28.10 -51.27 31.29
CA ARG E 39 -27.73 -50.61 32.53
C ARG E 39 -28.54 -49.33 32.72
N VAL E 40 -29.04 -49.14 33.94
CA VAL E 40 -29.77 -47.94 34.32
C VAL E 40 -29.09 -47.34 35.54
N ALA E 41 -28.57 -46.13 35.40
CA ALA E 41 -27.85 -45.45 36.47
C ALA E 41 -28.56 -44.16 36.84
N VAL E 42 -28.26 -43.66 38.04
CA VAL E 42 -28.79 -42.41 38.54
C VAL E 42 -27.79 -41.31 38.26
N ASN E 43 -28.24 -40.25 37.59
CA ASN E 43 -27.37 -39.15 37.17
C ASN E 43 -27.12 -38.23 38.36
N MET E 44 -25.90 -38.28 38.91
CA MET E 44 -25.52 -37.45 40.03
C MET E 44 -24.89 -36.13 39.60
N SER E 45 -24.77 -35.88 38.29
CA SER E 45 -24.10 -34.70 37.78
C SER E 45 -25.00 -33.87 36.87
N SER E 46 -26.31 -34.08 36.94
CA SER E 46 -27.23 -33.32 36.09
C SER E 46 -27.24 -31.85 36.50
N TYR E 47 -27.30 -30.98 35.50
CA TYR E 47 -27.36 -29.54 35.75
C TYR E 47 -28.77 -29.04 36.00
N SER E 48 -29.80 -29.84 35.70
CA SER E 48 -31.18 -29.43 35.96
C SER E 48 -31.46 -29.44 37.45
N TYR E 49 -31.18 -28.33 38.12
CA TYR E 49 -31.19 -28.31 39.58
C TYR E 49 -32.58 -28.52 40.16
N LEU E 50 -33.62 -28.05 39.47
CA LEU E 50 -34.99 -28.20 39.96
C LEU E 50 -35.72 -29.38 39.32
N GLY E 51 -35.02 -30.20 38.55
CA GLY E 51 -35.66 -31.31 37.87
C GLY E 51 -36.67 -30.89 36.82
N LEU E 52 -36.62 -29.64 36.38
CA LEU E 52 -37.57 -29.13 35.40
C LEU E 52 -37.38 -29.72 34.01
N ASP E 53 -36.23 -30.35 33.74
CA ASP E 53 -36.03 -31.03 32.46
C ASP E 53 -36.97 -32.21 32.28
N GLU E 54 -37.63 -32.67 33.34
CA GLU E 54 -38.61 -33.74 33.27
C GLU E 54 -40.03 -33.24 33.47
N SER E 55 -40.22 -31.93 33.54
CA SER E 55 -41.55 -31.37 33.80
C SER E 55 -42.45 -31.59 32.59
N PRO E 56 -43.58 -32.27 32.75
CA PRO E 56 -44.48 -32.46 31.59
C PRO E 56 -45.13 -31.17 31.13
N ARG E 57 -45.37 -30.20 32.02
CA ARG E 57 -45.93 -28.92 31.61
C ARG E 57 -44.99 -28.20 30.65
N ILE E 58 -43.68 -28.22 30.93
CA ILE E 58 -42.72 -27.56 30.05
C ILE E 58 -42.63 -28.29 28.72
N ILE E 59 -42.54 -29.61 28.76
CA ILE E 59 -42.35 -30.39 27.54
C ILE E 59 -43.58 -30.32 26.64
N ASP E 60 -44.77 -30.37 27.24
CA ASP E 60 -46.00 -30.27 26.45
C ASP E 60 -46.10 -28.89 25.80
N ALA E 61 -45.70 -27.84 26.51
CA ALA E 61 -45.75 -26.49 25.94
C ALA E 61 -44.79 -26.36 24.78
N ALA E 62 -43.63 -27.02 24.86
CA ALA E 62 -42.69 -27.01 23.74
C ALA E 62 -43.30 -27.68 22.52
N ILE E 63 -44.04 -28.77 22.72
CA ILE E 63 -44.72 -29.43 21.61
C ILE E 63 -45.82 -28.54 21.06
N ALA E 64 -46.54 -27.84 21.95
CA ALA E 64 -47.64 -26.99 21.51
C ALA E 64 -47.14 -25.82 20.66
N ALA E 65 -46.07 -25.16 21.11
CA ALA E 65 -45.55 -24.00 20.40
C ALA E 65 -45.03 -24.39 19.02
N LEU E 66 -44.26 -25.48 18.95
CA LEU E 66 -43.75 -25.94 17.65
C LEU E 66 -44.89 -26.31 16.72
N ARG E 67 -45.92 -26.96 17.25
CA ARG E 67 -46.99 -27.46 16.40
C ARG E 67 -47.95 -26.35 16.00
N SER E 68 -48.23 -25.41 16.90
CA SER E 68 -49.15 -24.34 16.58
C SER E 68 -48.56 -23.38 15.55
N ASN E 69 -47.26 -23.12 15.63
CA ASN E 69 -46.62 -22.22 14.67
C ASN E 69 -46.26 -22.91 13.36
N MET E 70 -46.11 -24.24 13.36
CA MET E 70 -45.81 -25.01 12.16
C MET E 70 -44.56 -24.53 11.45
N VAL E 71 -43.62 -23.97 12.23
CA VAL E 71 -42.28 -23.62 11.74
C VAL E 71 -41.31 -23.82 12.88
N LEU E 72 -40.04 -24.06 12.53
CA LEU E 72 -39.00 -24.19 13.55
C LEU E 72 -38.40 -22.85 13.93
N ASN E 73 -38.00 -22.04 12.96
CA ASN E 73 -37.33 -20.78 13.26
C ASN E 73 -38.33 -19.74 13.77
N SER E 74 -37.94 -19.04 14.84
CA SER E 74 -38.78 -17.96 15.34
C SER E 74 -38.64 -16.72 14.46
N SER E 75 -37.45 -16.49 13.92
CA SER E 75 -37.25 -15.39 12.99
C SER E 75 -37.93 -15.74 11.67
N LEU E 76 -38.76 -14.83 11.18
CA LEU E 76 -39.58 -15.16 10.03
C LEU E 76 -38.74 -15.21 8.75
N GLY E 77 -38.31 -16.42 8.37
CA GLY E 77 -37.32 -16.55 7.31
C GLY E 77 -36.03 -15.82 7.61
N ARG E 78 -35.69 -15.65 8.90
CA ARG E 78 -34.46 -15.00 9.33
C ARG E 78 -34.38 -13.53 8.90
N VAL E 79 -35.52 -12.84 8.85
CA VAL E 79 -35.51 -11.42 8.54
C VAL E 79 -35.55 -10.64 9.85
N ARG E 80 -35.78 -9.32 9.75
CA ARG E 80 -35.85 -8.46 10.92
C ARG E 80 -37.15 -8.63 11.71
N MET E 81 -38.01 -9.55 11.31
CA MET E 81 -39.28 -9.79 11.97
C MET E 81 -39.14 -10.91 13.00
N THR E 82 -40.07 -10.91 13.97
CA THR E 82 -40.11 -11.92 15.02
C THR E 82 -41.50 -12.52 15.10
N LEU E 83 -41.57 -13.81 15.41
CA LEU E 83 -42.85 -14.44 15.69
C LEU E 83 -43.46 -13.86 16.96
N PRO E 84 -44.79 -13.88 17.09
CA PRO E 84 -45.40 -13.46 18.36
C PRO E 84 -44.96 -14.29 19.54
N LEU E 85 -44.55 -15.54 19.29
CA LEU E 85 -44.08 -16.41 20.37
C LEU E 85 -42.80 -15.87 20.99
N LEU E 86 -41.87 -15.38 20.16
CA LEU E 86 -40.63 -14.83 20.69
C LEU E 86 -40.90 -13.63 21.60
N GLU E 87 -41.81 -12.74 21.18
CA GLU E 87 -42.17 -11.61 22.03
C GLU E 87 -42.85 -12.08 23.30
N GLU E 88 -43.73 -13.10 23.18
CA GLU E 88 -44.38 -13.65 24.36
C GLU E 88 -43.36 -14.23 25.33
N ALA E 89 -42.34 -14.91 24.82
CA ALA E 89 -41.31 -15.48 25.68
C ALA E 89 -40.46 -14.38 26.31
N GLU E 90 -40.05 -13.40 25.53
CA GLU E 90 -39.27 -12.29 26.09
C GLU E 90 -40.11 -11.41 26.99
N CYS E 91 -41.43 -11.47 26.88
CA CYS E 91 -42.29 -10.76 27.82
C CYS E 91 -42.47 -11.55 29.10
N ALA E 92 -42.57 -12.88 29.00
CA ALA E 92 -42.67 -13.72 30.18
C ALA E 92 -41.39 -13.64 31.01
N LEU E 93 -40.23 -13.74 30.36
CA LEU E 93 -38.97 -13.57 31.06
C LEU E 93 -38.85 -12.18 31.66
N GLY E 94 -39.41 -11.17 30.99
CA GLY E 94 -39.45 -9.84 31.56
C GLY E 94 -40.38 -9.74 32.75
N ASP E 95 -41.48 -10.50 32.73
CA ASP E 95 -42.38 -10.54 33.89
C ASP E 95 -41.70 -11.21 35.08
N LEU E 96 -41.04 -12.34 34.84
CA LEU E 96 -40.42 -13.09 35.92
C LEU E 96 -39.28 -12.29 36.57
N PHE E 97 -38.36 -11.78 35.76
CA PHE E 97 -37.21 -11.06 36.30
C PHE E 97 -37.53 -9.62 36.67
N GLY E 98 -38.60 -9.05 36.13
CA GLY E 98 -38.88 -7.65 36.35
C GLY E 98 -37.85 -6.76 35.69
N ALA E 99 -37.52 -7.06 34.44
CA ALA E 99 -36.47 -6.35 33.71
C ALA E 99 -36.64 -6.61 32.22
N ASP E 100 -35.87 -5.87 31.42
CA ASP E 100 -35.89 -6.05 29.97
C ASP E 100 -34.98 -7.22 29.60
N VAL E 101 -35.58 -8.27 29.05
CA VAL E 101 -34.87 -9.53 28.79
C VAL E 101 -35.00 -9.88 27.31
N ALA E 102 -33.89 -10.31 26.72
CA ALA E 102 -33.87 -10.82 25.35
C ALA E 102 -33.27 -12.22 25.34
N THR E 103 -33.77 -13.07 24.44
CA THR E 103 -33.34 -14.45 24.33
C THR E 103 -32.34 -14.61 23.19
N LEU E 104 -31.34 -15.47 23.41
CA LEU E 104 -30.40 -15.88 22.38
C LEU E 104 -30.35 -17.41 22.37
N ASN E 105 -29.63 -17.95 21.38
CA ASN E 105 -29.54 -19.40 21.24
C ASN E 105 -28.66 -20.05 22.30
N SER E 106 -27.93 -19.27 23.08
CA SER E 106 -27.06 -19.81 24.12
C SER E 106 -26.60 -18.67 25.01
N CYS E 107 -26.21 -19.03 26.24
CA CYS E 107 -25.64 -18.03 27.14
C CYS E 107 -24.29 -17.53 26.62
N SER E 108 -23.52 -18.41 25.97
CA SER E 108 -22.28 -17.98 25.36
C SER E 108 -22.53 -16.90 24.31
N ALA E 109 -23.62 -17.03 23.55
CA ALA E 109 -23.98 -15.99 22.60
C ALA E 109 -24.34 -14.69 23.28
N ALA E 110 -24.94 -14.77 24.48
CA ALA E 110 -25.26 -13.55 25.22
C ALA E 110 -23.99 -12.80 25.63
N ALA E 111 -22.96 -13.55 26.03
CA ALA E 111 -21.69 -12.90 26.39
C ALA E 111 -21.01 -12.31 25.17
N TRP E 112 -21.09 -13.01 24.03
CA TRP E 112 -20.48 -12.50 22.79
C TRP E 112 -21.13 -11.20 22.35
N ALA E 113 -22.44 -11.08 22.52
CA ALA E 113 -23.19 -9.93 22.03
C ALA E 113 -23.19 -8.75 22.99
N THR E 114 -22.51 -8.87 24.14
CA THR E 114 -22.58 -7.84 25.17
C THR E 114 -21.22 -7.30 25.58
N LEU E 115 -20.26 -8.17 25.88
CA LEU E 115 -18.98 -7.69 26.40
C LEU E 115 -18.26 -6.71 25.48
N PRO E 116 -18.18 -6.92 24.16
CA PRO E 116 -17.52 -5.91 23.32
C PRO E 116 -18.18 -4.54 23.39
N VAL E 117 -19.51 -4.48 23.32
CA VAL E 117 -20.19 -3.19 23.33
C VAL E 117 -20.18 -2.55 24.71
N LEU E 118 -19.93 -3.34 25.76
CA LEU E 118 -19.77 -2.75 27.09
C LEU E 118 -18.41 -2.07 27.21
N ALA E 119 -17.38 -2.65 26.59
CA ALA E 119 -16.06 -2.03 26.58
C ALA E 119 -16.01 -0.80 25.68
N SER E 120 -16.90 -0.71 24.69
CA SER E 120 -16.91 0.42 23.78
C SER E 120 -17.49 1.69 24.42
N GLY E 121 -18.03 1.59 25.64
CA GLY E 121 -18.61 2.73 26.30
C GLY E 121 -20.04 3.05 25.91
N LEU E 122 -20.57 2.42 24.87
CA LEU E 122 -21.95 2.68 24.46
C LEU E 122 -22.94 2.40 25.58
N LEU E 123 -22.64 1.41 26.43
CA LEU E 123 -23.46 1.11 27.59
C LEU E 123 -23.14 2.00 28.78
N THR E 124 -22.02 2.74 28.74
CA THR E 124 -21.61 3.59 29.86
C THR E 124 -21.49 5.06 29.43
N ASP E 125 -22.58 5.63 28.93
CA ASP E 125 -22.70 7.04 28.57
C ASP E 125 -21.71 7.50 27.52
N GLY E 126 -20.95 6.58 26.92
CA GLY E 126 -19.93 6.90 25.94
C GLY E 126 -18.52 6.76 26.45
N VAL E 127 -18.33 6.90 27.77
CA VAL E 127 -17.01 6.71 28.36
C VAL E 127 -16.66 5.23 28.33
N ALA E 128 -15.58 4.89 27.63
CA ALA E 128 -15.11 3.52 27.55
C ALA E 128 -14.60 3.06 28.91
N PRO E 129 -15.30 2.18 29.62
CA PRO E 129 -14.90 1.85 30.98
C PRO E 129 -13.80 0.80 31.01
N VAL E 130 -13.10 0.74 32.14
CA VAL E 130 -12.03 -0.23 32.34
C VAL E 130 -12.67 -1.58 32.66
N MET E 131 -12.45 -2.56 31.78
CA MET E 131 -12.97 -3.90 31.99
C MET E 131 -12.15 -4.62 33.05
N VAL E 132 -12.82 -5.19 34.04
CA VAL E 132 -12.18 -5.93 35.11
C VAL E 132 -12.79 -7.33 35.13
N PHE E 133 -12.03 -8.32 34.67
CA PHE E 133 -12.47 -9.71 34.69
C PHE E 133 -12.05 -10.40 35.98
N ASP E 134 -12.90 -11.31 36.45
CA ASP E 134 -12.54 -12.16 37.57
C ASP E 134 -11.76 -13.37 37.06
N LYS E 135 -10.80 -13.82 37.88
CA LYS E 135 -9.93 -14.91 37.45
C LYS E 135 -10.71 -16.21 37.28
N ARG E 136 -11.76 -16.42 38.07
CA ARG E 136 -12.58 -17.61 37.97
C ARG E 136 -13.88 -17.37 37.21
N ALA E 137 -13.96 -16.29 36.44
CA ALA E 137 -15.11 -16.08 35.57
C ALA E 137 -15.16 -17.17 34.51
N HIS E 138 -16.37 -17.48 34.06
CA HIS E 138 -16.55 -18.58 33.13
C HIS E 138 -15.83 -18.30 31.81
N PHE E 139 -15.52 -19.38 31.10
CA PHE E 139 -14.71 -19.28 29.88
C PHE E 139 -15.44 -18.55 28.76
N CYS E 140 -16.77 -18.62 28.74
CA CYS E 140 -17.53 -17.93 27.69
C CYS E 140 -17.34 -16.43 27.74
N MET E 141 -16.96 -15.89 28.89
CA MET E 141 -16.63 -14.47 29.04
C MET E 141 -15.13 -14.22 29.09
N ALA E 142 -14.37 -15.14 29.68
CA ALA E 142 -12.93 -14.94 29.80
C ALA E 142 -12.22 -15.11 28.45
N SER E 143 -12.79 -15.88 27.54
CA SER E 143 -12.20 -16.07 26.22
C SER E 143 -12.41 -14.87 25.30
N LEU E 144 -13.15 -13.86 25.75
CA LEU E 144 -13.41 -12.67 24.96
C LEU E 144 -12.67 -11.44 25.48
N LYS E 145 -11.59 -11.64 26.24
CA LYS E 145 -10.81 -10.51 26.72
C LYS E 145 -10.12 -9.77 25.59
N SER E 146 -9.69 -10.49 24.55
CA SER E 146 -9.02 -9.85 23.42
C SER E 146 -9.96 -8.90 22.70
N LEU E 147 -11.24 -9.27 22.57
CA LEU E 147 -12.20 -8.39 21.94
C LEU E 147 -12.43 -7.14 22.76
N CYS E 148 -12.48 -7.27 24.09
CA CYS E 148 -12.60 -6.09 24.94
C CYS E 148 -11.31 -5.29 24.96
N ALA E 149 -10.16 -5.95 24.73
CA ALA E 149 -8.88 -5.25 24.74
C ALA E 149 -8.76 -4.29 23.56
N ASP E 150 -9.44 -4.58 22.46
CA ASP E 150 -9.48 -3.71 21.29
C ASP E 150 -10.48 -2.56 21.42
N GLU E 151 -11.01 -2.36 22.63
CA GLU E 151 -11.90 -1.23 22.91
C GLU E 151 -11.52 -0.43 24.15
N THR E 152 -10.82 -1.02 25.13
CA THR E 152 -10.46 -0.35 26.37
C THR E 152 -9.37 -1.16 27.05
N ARG E 153 -8.93 -0.71 28.21
CA ARG E 153 -7.94 -1.47 28.98
C ARG E 153 -8.62 -2.62 29.70
N VAL E 154 -8.15 -3.84 29.47
CA VAL E 154 -8.64 -5.02 30.15
C VAL E 154 -7.69 -5.34 31.30
N GLU E 155 -8.24 -5.57 32.48
CA GLU E 155 -7.46 -5.92 33.66
C GLU E 155 -8.11 -7.11 34.35
N THR E 156 -7.30 -8.07 34.77
CA THR E 156 -7.77 -9.27 35.47
C THR E 156 -7.27 -9.22 36.90
N ILE E 157 -8.16 -9.48 37.85
CA ILE E 157 -7.83 -9.49 39.26
C ILE E 157 -8.09 -10.88 39.83
N ARG E 158 -7.57 -11.12 41.02
CA ARG E 158 -7.71 -12.41 41.67
C ARG E 158 -9.15 -12.58 42.17
N HIS E 159 -9.48 -13.82 42.52
CA HIS E 159 -10.87 -14.19 42.78
C HIS E 159 -11.42 -13.44 43.99
N ASN E 160 -12.56 -12.75 43.77
CA ASN E 160 -13.27 -12.03 44.82
C ASN E 160 -12.36 -10.99 45.50
N ASP E 161 -11.33 -10.53 44.79
CA ASP E 161 -10.41 -9.53 45.30
C ASP E 161 -11.12 -8.18 45.29
N VAL E 162 -11.97 -7.97 46.29
CA VAL E 162 -12.82 -6.79 46.33
C VAL E 162 -11.99 -5.52 46.47
N ASP E 163 -11.06 -5.51 47.45
CA ASP E 163 -10.29 -4.31 47.71
C ASP E 163 -9.49 -3.86 46.50
N ALA E 164 -9.00 -4.81 45.70
CA ALA E 164 -8.29 -4.44 44.48
C ALA E 164 -9.21 -3.75 43.48
N LEU E 165 -10.49 -4.14 43.44
CA LEU E 165 -11.43 -3.50 42.53
C LEU E 165 -11.74 -2.07 42.94
N ALA E 166 -11.73 -1.78 44.24
CA ALA E 166 -11.98 -0.43 44.71
C ALA E 166 -10.85 0.51 44.28
N ASP E 167 -9.61 0.03 44.30
CA ASP E 167 -8.48 0.85 43.86
C ASP E 167 -8.65 1.28 42.41
N ILE E 168 -9.12 0.37 41.54
CA ILE E 168 -9.32 0.71 40.14
C ILE E 168 -10.43 1.75 40.00
N CYS E 169 -11.44 1.70 40.87
CA CYS E 169 -12.54 2.66 40.78
C CYS E 169 -12.08 4.08 41.07
N ARG E 170 -11.07 4.25 41.94
CA ARG E 170 -10.63 5.59 42.29
C ARG E 170 -9.82 6.22 41.18
N LYS E 171 -8.95 5.45 40.53
CA LYS E 171 -8.06 6.01 39.51
C LYS E 171 -8.76 6.26 38.19
N ASN E 172 -9.72 5.42 37.81
CA ASN E 172 -10.37 5.49 36.52
C ASN E 172 -11.78 6.07 36.66
N LYS E 173 -12.24 6.73 35.60
CA LYS E 173 -13.53 7.43 35.64
C LYS E 173 -14.71 6.45 35.64
N ARG E 174 -14.64 5.42 34.79
CA ARG E 174 -15.72 4.42 34.69
C ARG E 174 -15.13 3.02 34.71
N VAL E 175 -15.70 2.15 35.54
CA VAL E 175 -15.19 0.79 35.72
C VAL E 175 -16.36 -0.19 35.67
N ALA E 176 -16.08 -1.39 35.16
CA ALA E 176 -17.03 -2.49 35.14
C ALA E 176 -16.37 -3.76 35.62
N TYR E 177 -17.16 -4.63 36.25
CA TYR E 177 -16.67 -5.88 36.83
C TYR E 177 -17.43 -7.04 36.22
N VAL E 178 -16.70 -7.96 35.60
CA VAL E 178 -17.27 -9.15 34.98
C VAL E 178 -16.99 -10.35 35.87
N CYS E 179 -18.04 -11.11 36.18
CA CYS E 179 -17.90 -12.21 37.13
C CYS E 179 -19.11 -13.12 37.02
N ASP E 180 -18.99 -14.28 37.66
CA ASP E 180 -20.12 -15.17 37.89
C ASP E 180 -20.76 -14.83 39.23
N SER E 181 -22.08 -14.97 39.30
CA SER E 181 -22.76 -14.80 40.58
C SER E 181 -22.62 -16.06 41.44
N VAL E 182 -22.48 -17.22 40.81
CA VAL E 182 -22.28 -18.49 41.50
C VAL E 182 -21.20 -19.26 40.75
N TYR E 183 -20.13 -19.62 41.43
CA TYR E 183 -19.00 -20.31 40.82
C TYR E 183 -19.11 -21.81 41.05
N SER E 184 -19.02 -22.57 39.96
CA SER E 184 -19.22 -24.02 40.02
C SER E 184 -18.04 -24.77 40.62
N THR E 185 -16.88 -24.12 40.76
CA THR E 185 -15.70 -24.73 41.37
C THR E 185 -15.30 -23.90 42.58
N GLY E 186 -15.29 -24.53 43.75
CA GLY E 186 -15.01 -23.86 45.00
C GLY E 186 -16.24 -23.41 45.77
N GLY E 187 -17.42 -23.46 45.15
CA GLY E 187 -18.64 -23.03 45.81
C GLY E 187 -18.68 -21.57 46.20
N THR E 188 -17.72 -20.75 45.76
CA THR E 188 -17.68 -19.36 46.16
C THR E 188 -18.81 -18.58 45.49
N LEU E 189 -19.22 -17.49 46.13
CA LEU E 189 -20.28 -16.62 45.64
C LEU E 189 -19.74 -15.23 45.33
N ALA E 190 -20.48 -14.50 44.51
CA ALA E 190 -20.09 -13.13 44.21
C ALA E 190 -20.32 -12.26 45.44
N PRO E 191 -19.31 -11.50 45.88
CA PRO E 191 -19.49 -10.64 47.05
C PRO E 191 -20.46 -9.50 46.78
N LEU E 192 -21.76 -9.75 46.97
CA LEU E 192 -22.76 -8.77 46.56
C LEU E 192 -22.76 -7.52 47.43
N GLU E 193 -22.57 -7.69 48.74
CA GLU E 193 -22.58 -6.54 49.64
C GLU E 193 -21.41 -5.61 49.34
N GLU E 194 -20.28 -6.15 48.90
CA GLU E 194 -19.12 -5.32 48.58
C GLU E 194 -19.24 -4.70 47.20
N LEU E 195 -19.84 -5.41 46.24
CA LEU E 195 -20.00 -4.88 44.89
C LEU E 195 -21.08 -3.83 44.83
N PHE E 196 -22.20 -4.04 45.52
CA PHE E 196 -23.26 -3.03 45.56
C PHE E 196 -22.80 -1.75 46.21
N ALA E 197 -21.90 -1.86 47.20
CA ALA E 197 -21.35 -0.66 47.83
C ALA E 197 -20.49 0.14 46.86
N LEU E 198 -19.61 -0.55 46.14
CA LEU E 198 -18.79 0.12 45.14
C LEU E 198 -19.64 0.73 44.03
N GLN E 199 -20.79 0.12 43.72
CA GLN E 199 -21.66 0.65 42.70
C GLN E 199 -22.34 1.93 43.18
N LYS E 200 -22.81 1.94 44.43
CA LYS E 200 -23.44 3.13 44.97
C LYS E 200 -22.47 4.29 45.16
N GLU E 201 -21.17 4.00 45.28
CA GLU E 201 -20.16 5.01 45.55
C GLU E 201 -19.44 5.47 44.29
N PHE E 202 -18.88 4.54 43.51
CA PHE E 202 -18.09 4.87 42.34
C PHE E 202 -18.84 4.66 41.03
N GLY E 203 -20.07 4.17 41.08
CA GLY E 203 -20.82 3.91 39.86
C GLY E 203 -20.23 2.76 39.07
N LEU E 204 -19.93 1.66 39.76
CA LEU E 204 -19.33 0.50 39.12
C LEU E 204 -20.39 -0.29 38.35
N PHE E 205 -20.05 -0.67 37.12
CA PHE E 205 -20.94 -1.49 36.32
C PHE E 205 -20.79 -2.96 36.70
N LEU E 206 -21.91 -3.62 36.93
CA LEU E 206 -21.93 -5.00 37.41
C LEU E 206 -22.41 -5.92 36.30
N TYR E 207 -21.61 -6.94 36.00
CA TYR E 207 -21.88 -7.90 34.93
C TYR E 207 -21.82 -9.29 35.54
N PHE E 208 -22.96 -9.98 35.60
CA PHE E 208 -23.07 -11.25 36.29
C PHE E 208 -23.44 -12.37 35.34
N ASP E 209 -22.74 -13.49 35.46
CA ASP E 209 -23.15 -14.75 34.82
C ASP E 209 -23.95 -15.54 35.83
N GLU E 210 -25.25 -15.67 35.59
CA GLU E 210 -26.17 -16.31 36.53
C GLU E 210 -26.59 -17.70 36.08
N ALA E 211 -25.70 -18.44 35.41
CA ALA E 211 -26.06 -19.77 34.91
C ALA E 211 -26.39 -20.71 36.06
N HIS E 212 -25.50 -20.81 37.04
CA HIS E 212 -25.71 -21.65 38.21
C HIS E 212 -26.44 -20.90 39.33
N SER E 213 -27.21 -19.87 38.97
CA SER E 213 -27.92 -19.07 39.96
C SER E 213 -29.37 -18.80 39.63
N THR E 214 -29.80 -18.96 38.37
CA THR E 214 -31.11 -18.53 37.93
C THR E 214 -32.23 -19.21 38.71
N SER E 215 -32.43 -20.51 38.51
CA SER E 215 -33.57 -21.19 39.10
C SER E 215 -33.31 -21.74 40.50
N VAL E 216 -32.05 -21.79 40.93
CA VAL E 216 -31.75 -22.42 42.21
C VAL E 216 -31.93 -21.44 43.37
N ILE E 217 -31.64 -20.16 43.17
CA ILE E 217 -31.59 -19.18 44.24
C ILE E 217 -32.69 -18.15 44.05
N GLY E 218 -33.29 -17.73 45.15
CA GLY E 218 -34.12 -16.55 45.17
C GLY E 218 -35.61 -16.87 45.12
N ASP E 219 -36.40 -15.92 45.60
CA ASP E 219 -37.85 -16.00 45.46
C ASP E 219 -38.22 -15.96 43.98
N MET E 220 -39.11 -16.88 43.58
CA MET E 220 -39.51 -17.09 42.19
C MET E 220 -38.35 -17.47 41.28
N GLY E 221 -37.18 -17.77 41.85
CA GLY E 221 -36.01 -18.15 41.07
C GLY E 221 -35.53 -17.04 40.18
N ARG E 222 -35.42 -15.83 40.71
CA ARG E 222 -34.96 -14.68 39.95
C ARG E 222 -33.45 -14.55 39.94
N GLY E 223 -32.74 -15.33 40.74
CA GLY E 223 -31.30 -15.32 40.74
C GLY E 223 -30.73 -14.80 42.05
N TYR E 224 -29.43 -15.06 42.24
CA TYR E 224 -28.75 -14.62 43.45
C TYR E 224 -28.63 -13.10 43.52
N VAL E 225 -28.34 -12.47 42.38
CA VAL E 225 -28.21 -11.01 42.37
C VAL E 225 -29.56 -10.34 42.53
N LEU E 226 -30.56 -10.78 41.76
CA LEU E 226 -31.84 -10.08 41.73
C LEU E 226 -32.59 -10.19 43.05
N ASP E 227 -32.49 -11.33 43.75
CA ASP E 227 -33.18 -11.46 45.02
C ASP E 227 -32.57 -10.52 46.07
N ARG E 228 -31.25 -10.43 46.12
CA ARG E 228 -30.59 -9.45 46.98
C ARG E 228 -30.88 -8.04 46.50
N MET E 229 -30.75 -7.80 45.19
CA MET E 229 -30.88 -6.45 44.66
C MET E 229 -32.32 -5.97 44.68
N GLY E 230 -33.29 -6.88 44.58
CA GLY E 230 -34.69 -6.50 44.56
C GLY E 230 -35.18 -6.09 43.20
N ALA E 231 -34.61 -5.02 42.65
CA ALA E 231 -34.96 -4.53 41.33
C ALA E 231 -33.70 -4.01 40.65
N ILE E 232 -33.48 -4.43 39.41
CA ILE E 232 -32.25 -4.08 38.71
C ILE E 232 -32.24 -2.60 38.35
N ASN E 233 -31.05 -2.04 38.21
CA ASN E 233 -30.87 -0.64 37.83
C ASN E 233 -30.23 -0.54 36.45
N ASP E 234 -29.82 0.67 36.07
CA ASP E 234 -29.21 0.93 34.78
C ASP E 234 -27.70 0.73 34.79
N SER E 235 -27.14 0.23 35.89
CA SER E 235 -25.71 -0.02 35.98
C SER E 235 -25.39 -1.48 36.26
N THR E 236 -26.37 -2.37 36.12
CA THR E 236 -26.18 -3.80 36.32
C THR E 236 -26.76 -4.55 35.13
N MET E 237 -26.02 -5.53 34.63
CA MET E 237 -26.47 -6.36 33.53
C MET E 237 -26.21 -7.82 33.86
N LEU E 238 -27.12 -8.69 33.42
CA LEU E 238 -27.07 -10.11 33.73
C LEU E 238 -27.16 -10.93 32.45
N ILE E 239 -26.36 -11.99 32.39
CA ILE E 239 -26.49 -13.03 31.37
C ILE E 239 -26.64 -14.36 32.08
N THR E 240 -27.39 -15.27 31.46
CA THR E 240 -27.65 -16.56 32.09
C THR E 240 -28.03 -17.57 31.02
N SER E 241 -28.03 -18.84 31.41
CA SER E 241 -28.49 -19.94 30.58
C SER E 241 -29.86 -20.39 31.06
N LEU E 242 -30.67 -20.87 30.13
CA LEU E 242 -32.04 -21.30 30.43
C LEU E 242 -32.23 -22.80 30.32
N ASN E 243 -31.14 -23.57 30.27
CA ASN E 243 -31.23 -25.03 30.23
C ASN E 243 -30.59 -25.69 31.45
N LYS E 244 -30.18 -24.91 32.44
CA LYS E 244 -29.59 -25.42 33.68
C LYS E 244 -30.48 -25.00 34.84
N GLY E 245 -31.50 -25.80 35.12
CA GLY E 245 -32.44 -25.51 36.19
C GLY E 245 -33.69 -24.79 35.74
N PHE E 246 -33.59 -23.91 34.74
CA PHE E 246 -34.78 -23.30 34.18
C PHE E 246 -35.59 -24.29 33.36
N GLY E 247 -34.97 -25.37 32.90
CA GLY E 247 -35.71 -26.43 32.22
C GLY E 247 -36.10 -26.11 30.79
N ALA E 248 -35.34 -25.26 30.11
CA ALA E 248 -35.67 -24.88 28.74
C ALA E 248 -34.42 -24.95 27.85
N SER E 249 -34.23 -23.94 27.00
CA SER E 249 -33.11 -23.91 26.09
C SER E 249 -32.61 -22.48 25.95
N GLY E 250 -31.36 -22.35 25.49
CA GLY E 250 -30.81 -21.05 25.16
C GLY E 250 -30.41 -20.22 26.36
N GLY E 251 -30.03 -18.98 26.05
CA GLY E 251 -29.59 -18.03 27.05
C GLY E 251 -30.43 -16.76 27.03
N ALA E 252 -30.03 -15.81 27.87
CA ALA E 252 -30.80 -14.58 28.03
C ALA E 252 -29.89 -13.45 28.46
N ILE E 253 -30.26 -12.23 28.06
CA ILE E 253 -29.61 -11.00 28.49
C ILE E 253 -30.60 -10.23 29.36
N VAL E 254 -30.17 -9.81 30.53
CA VAL E 254 -30.96 -8.91 31.37
C VAL E 254 -30.35 -7.52 31.28
N PHE E 255 -30.87 -6.70 30.37
CA PHE E 255 -30.26 -5.41 30.09
C PHE E 255 -30.29 -4.50 31.32
N GLY E 256 -31.49 -4.15 31.78
CA GLY E 256 -31.64 -3.25 32.90
C GLY E 256 -33.10 -3.14 33.29
N PRO E 257 -33.52 -1.94 33.72
CA PRO E 257 -34.92 -1.75 34.08
C PRO E 257 -35.85 -2.07 32.91
N ARG E 258 -37.07 -2.49 33.26
CA ARG E 258 -38.03 -2.95 32.26
C ARG E 258 -38.44 -1.82 31.32
N ASP E 259 -38.64 -0.61 31.85
CA ASP E 259 -39.11 0.49 31.03
C ASP E 259 -38.03 1.00 30.09
N ASP E 260 -36.76 0.88 30.47
CA ASP E 260 -35.66 1.36 29.64
C ASP E 260 -35.49 0.46 28.42
N ASP E 261 -35.57 1.05 27.24
CA ASP E 261 -35.33 0.33 25.99
C ASP E 261 -33.98 0.65 25.38
N ARG E 262 -33.23 1.59 25.97
CA ARG E 262 -32.01 2.07 25.34
C ARG E 262 -30.94 0.99 25.27
N LYS E 263 -30.72 0.27 26.38
CA LYS E 263 -29.66 -0.73 26.39
C LYS E 263 -29.98 -1.89 25.45
N ARG E 264 -31.27 -2.19 25.24
CA ARG E 264 -31.62 -3.23 24.27
C ARG E 264 -31.37 -2.76 22.85
N LYS E 265 -31.68 -1.49 22.55
CA LYS E 265 -31.48 -0.96 21.20
C LYS E 265 -29.99 -0.95 20.83
N ILE E 266 -29.15 -0.47 21.74
CA ILE E 266 -27.73 -0.34 21.45
C ILE E 266 -27.12 -1.68 21.07
N ILE E 267 -27.52 -2.74 21.78
CA ILE E 267 -26.93 -4.06 21.55
C ILE E 267 -27.53 -4.72 20.33
N GLN E 268 -28.85 -4.59 20.13
CA GLN E 268 -29.48 -5.21 18.98
C GLN E 268 -29.04 -4.56 17.67
N ARG E 269 -28.78 -3.25 17.68
CA ARG E 269 -28.27 -2.56 16.51
C ARG E 269 -26.75 -2.63 16.40
N SER E 270 -26.07 -3.17 17.40
CA SER E 270 -24.64 -3.43 17.29
C SER E 270 -24.40 -4.72 16.52
N SER E 271 -23.24 -4.80 15.88
CA SER E 271 -22.88 -5.96 15.07
C SER E 271 -22.48 -7.09 16.01
N GLY E 272 -23.46 -7.89 16.41
CA GLY E 272 -23.24 -9.00 17.30
C GLY E 272 -24.16 -10.17 17.04
N PRO E 273 -23.99 -11.26 17.78
CA PRO E 273 -24.86 -12.43 17.59
C PRO E 273 -26.33 -12.14 17.79
N LEU E 274 -26.68 -11.12 18.57
CA LEU E 274 -28.09 -10.74 18.70
C LEU E 274 -28.67 -10.25 17.38
N MET E 275 -27.82 -9.79 16.46
CA MET E 275 -28.27 -9.35 15.15
C MET E 275 -28.16 -10.46 14.10
N TRP E 276 -26.98 -11.06 13.95
CA TRP E 276 -26.74 -11.96 12.82
C TRP E 276 -27.02 -13.42 13.13
N SER E 277 -26.99 -13.83 14.39
CA SER E 277 -27.13 -15.24 14.72
C SER E 277 -28.60 -15.61 14.92
N GLN E 278 -28.89 -16.90 14.69
CA GLN E 278 -30.27 -17.37 14.69
C GLN E 278 -30.87 -17.32 16.09
N ARG E 279 -32.17 -17.05 16.14
CA ARG E 279 -32.90 -17.01 17.39
C ARG E 279 -33.35 -18.42 17.79
N LEU E 280 -33.87 -18.53 19.01
CA LEU E 280 -34.31 -19.82 19.51
C LEU E 280 -35.46 -20.36 18.66
N ASN E 281 -35.48 -21.68 18.49
CA ASN E 281 -36.57 -22.30 17.75
C ASN E 281 -37.86 -22.24 18.56
N THR E 282 -38.98 -22.52 17.88
CA THR E 282 -40.28 -22.40 18.52
C THR E 282 -40.47 -23.29 19.75
N PRO E 283 -40.00 -24.55 19.78
CA PRO E 283 -40.18 -25.33 21.02
C PRO E 283 -39.44 -24.75 22.22
N ALA E 284 -38.26 -24.16 22.00
CA ALA E 284 -37.55 -23.53 23.11
C ALA E 284 -38.35 -22.38 23.69
N LEU E 285 -39.02 -21.59 22.83
CA LEU E 285 -39.77 -20.45 23.32
C LEU E 285 -41.01 -20.88 24.10
N GLY E 286 -41.70 -21.91 23.61
CA GLY E 286 -42.84 -22.44 24.36
C GLY E 286 -42.43 -22.99 25.71
N ALA E 287 -41.26 -23.63 25.77
CA ALA E 287 -40.75 -24.13 27.05
C ALA E 287 -40.39 -22.98 27.98
N ILE E 288 -39.76 -21.93 27.43
CA ILE E 288 -39.41 -20.76 28.23
C ILE E 288 -40.65 -20.14 28.86
N ILE E 289 -41.72 -20.02 28.07
CA ILE E 289 -42.95 -19.39 28.57
C ILE E 289 -43.52 -20.19 29.72
N GLU E 290 -43.71 -21.50 29.51
CA GLU E 290 -44.30 -22.34 30.55
C GLU E 290 -43.40 -22.40 31.78
N SER E 291 -42.08 -22.47 31.57
CA SER E 291 -41.16 -22.43 32.70
C SER E 291 -41.21 -21.09 33.42
N ALA E 292 -41.50 -20.00 32.69
CA ALA E 292 -41.66 -18.71 33.35
C ALA E 292 -42.94 -18.66 34.17
N LYS E 293 -44.05 -19.15 33.60
CA LYS E 293 -45.29 -19.24 34.37
C LYS E 293 -45.11 -20.14 35.57
N LEU E 294 -44.37 -21.24 35.41
CA LEU E 294 -44.12 -22.14 36.52
C LEU E 294 -43.25 -21.47 37.59
N HIS E 295 -42.27 -20.67 37.16
CA HIS E 295 -41.39 -19.98 38.11
C HIS E 295 -42.16 -18.98 38.98
N ARG E 296 -43.33 -18.53 38.55
CA ARG E 296 -44.13 -17.58 39.31
C ARG E 296 -45.21 -18.27 40.15
N SER E 297 -45.33 -19.58 40.07
CA SER E 297 -46.38 -20.30 40.78
C SER E 297 -45.87 -20.81 42.12
N GLU E 298 -46.75 -21.51 42.84
CA GLU E 298 -46.38 -22.12 44.12
C GLU E 298 -45.47 -23.33 43.95
N ALA E 299 -45.27 -23.81 42.73
CA ALA E 299 -44.48 -25.00 42.51
C ALA E 299 -42.99 -24.76 42.62
N LEU E 300 -42.53 -23.52 42.45
CA LEU E 300 -41.09 -23.26 42.51
C LEU E 300 -40.59 -23.12 43.94
N PRO E 301 -41.30 -22.44 44.85
CA PRO E 301 -40.89 -22.52 46.26
C PRO E 301 -40.88 -23.93 46.80
N GLU E 302 -41.70 -24.82 46.24
CA GLU E 302 -41.70 -26.21 46.68
C GLU E 302 -40.46 -26.94 46.18
N LEU E 303 -40.07 -26.73 44.92
CA LEU E 303 -38.88 -27.38 44.39
C LEU E 303 -37.61 -26.85 45.05
N GLN E 304 -37.58 -25.55 45.38
CA GLN E 304 -36.43 -25.02 46.11
C GLN E 304 -36.36 -25.59 47.52
N ALA E 305 -37.51 -25.92 48.12
CA ALA E 305 -37.50 -26.57 49.42
C ALA E 305 -37.02 -28.01 49.33
N LYS E 306 -37.46 -28.73 48.29
CA LYS E 306 -36.99 -30.10 48.07
C LYS E 306 -35.50 -30.12 47.75
N LEU E 307 -34.98 -29.06 47.12
CA LEU E 307 -33.56 -29.01 46.82
C LEU E 307 -32.72 -28.88 48.08
N HIS E 308 -33.07 -27.90 48.94
CA HIS E 308 -32.36 -27.75 50.21
C HIS E 308 -32.48 -29.01 51.07
N SER E 309 -33.61 -29.71 50.97
CA SER E 309 -33.76 -30.99 51.65
C SER E 309 -32.73 -31.99 51.17
N ASN E 310 -32.57 -32.11 49.84
CA ASN E 310 -31.62 -33.07 49.30
C ASN E 310 -30.18 -32.64 49.53
N ILE E 311 -29.94 -31.33 49.66
CA ILE E 311 -28.59 -30.86 49.97
C ILE E 311 -28.22 -31.22 51.41
N ALA E 312 -29.17 -31.04 52.33
CA ALA E 312 -28.92 -31.41 53.73
C ALA E 312 -28.71 -32.92 53.86
N LEU E 313 -29.54 -33.71 53.19
CA LEU E 313 -29.39 -35.16 53.26
C LEU E 313 -28.04 -35.61 52.71
N PHE E 314 -27.64 -35.05 51.56
CA PHE E 314 -26.36 -35.40 50.98
C PHE E 314 -25.21 -34.96 51.87
N ASP E 315 -25.29 -33.74 52.42
CA ASP E 315 -24.21 -33.21 53.26
C ASP E 315 -24.14 -33.88 54.63
N GLY E 316 -25.09 -34.75 54.96
CA GLY E 316 -25.03 -35.47 56.22
C GLY E 316 -24.55 -36.89 56.05
N LEU E 317 -24.65 -37.42 54.83
CA LEU E 317 -24.21 -38.76 54.52
C LEU E 317 -22.85 -38.82 53.83
N VAL E 318 -22.50 -37.78 53.07
CA VAL E 318 -21.28 -37.76 52.27
C VAL E 318 -20.49 -36.50 52.60
N ARG E 319 -19.18 -36.67 52.82
CA ARG E 319 -18.27 -35.55 53.00
C ARG E 319 -17.64 -35.22 51.66
N ALA E 320 -17.79 -33.97 51.21
CA ALA E 320 -17.23 -33.53 49.96
C ALA E 320 -16.97 -32.03 50.03
N ALA E 321 -16.16 -31.55 49.09
CA ALA E 321 -15.84 -30.14 49.05
C ALA E 321 -17.11 -29.31 48.82
N GLY E 322 -17.20 -28.19 49.53
CA GLY E 322 -18.40 -27.37 49.48
C GLY E 322 -19.48 -27.75 50.45
N GLN E 323 -19.22 -28.71 51.35
CA GLN E 323 -20.22 -29.14 52.31
C GLN E 323 -20.63 -27.99 53.21
N GLY E 324 -21.90 -27.60 53.12
CA GLY E 324 -22.44 -26.49 53.90
C GLY E 324 -23.01 -25.37 53.05
N ASN E 325 -22.68 -25.30 51.76
CA ASN E 325 -23.23 -24.27 50.90
C ASN E 325 -24.70 -24.51 50.61
N SER E 326 -25.38 -23.46 50.20
CA SER E 326 -26.69 -23.57 49.57
C SER E 326 -26.57 -23.84 48.07
N VAL E 327 -25.35 -23.83 47.54
CA VAL E 327 -25.08 -24.15 46.14
C VAL E 327 -25.02 -25.66 45.99
N PRO E 328 -25.87 -26.26 45.16
CA PRO E 328 -25.94 -27.72 45.02
C PRO E 328 -24.84 -28.31 44.12
N ILE E 329 -23.60 -27.90 44.36
CA ILE E 329 -22.44 -28.39 43.61
C ILE E 329 -21.42 -28.92 44.60
N ARG E 330 -21.11 -30.20 44.51
CA ARG E 330 -20.16 -30.86 45.38
C ARG E 330 -19.03 -31.46 44.57
N TYR E 331 -17.88 -31.64 45.21
CA TYR E 331 -16.69 -32.18 44.56
C TYR E 331 -16.07 -33.21 45.50
N LEU E 332 -16.17 -34.48 45.11
CA LEU E 332 -15.59 -35.58 45.90
C LEU E 332 -14.18 -35.82 45.38
N GLU E 333 -13.22 -35.12 45.98
CA GLU E 333 -11.85 -35.13 45.48
C GLU E 333 -11.14 -36.43 45.83
N LEU E 334 -10.40 -36.97 44.85
CA LEU E 334 -9.60 -38.16 45.05
C LEU E 334 -8.11 -37.94 44.77
N GLY E 335 -7.75 -36.81 44.17
CA GLY E 335 -6.36 -36.54 43.85
C GLY E 335 -5.88 -37.26 42.61
N SER E 336 -5.83 -38.60 42.68
CA SER E 336 -5.38 -39.38 41.55
C SER E 336 -6.36 -39.28 40.39
N GLU E 337 -5.82 -39.28 39.17
CA GLU E 337 -6.66 -39.31 37.99
C GLU E 337 -7.14 -40.71 37.67
N VAL E 338 -6.28 -41.71 37.87
CA VAL E 338 -6.66 -43.09 37.60
C VAL E 338 -7.69 -43.57 38.62
N ASP E 339 -7.56 -43.15 39.88
CA ASP E 339 -8.56 -43.49 40.88
C ASP E 339 -9.89 -42.81 40.55
N THR E 340 -9.84 -41.57 40.07
CA THR E 340 -11.08 -40.87 39.73
C THR E 340 -11.79 -41.52 38.56
N LEU E 341 -11.04 -41.99 37.57
CA LEU E 341 -11.64 -42.63 36.40
C LEU E 341 -12.33 -43.94 36.79
N GLU E 342 -11.68 -44.75 37.62
CA GLU E 342 -12.24 -46.03 38.01
C GLU E 342 -13.25 -45.91 39.14
N ALA E 343 -13.22 -44.82 39.90
CA ALA E 343 -14.27 -44.57 40.87
C ALA E 343 -15.62 -44.38 40.18
N SER E 344 -15.67 -43.47 39.21
CA SER E 344 -16.90 -43.25 38.47
C SER E 344 -17.30 -44.48 37.67
N ALA E 345 -16.31 -45.22 37.17
CA ALA E 345 -16.62 -46.48 36.47
C ALA E 345 -17.22 -47.50 37.44
N TYR E 346 -16.66 -47.60 38.65
CA TYR E 346 -17.22 -48.50 39.64
C TYR E 346 -18.59 -48.04 40.10
N LEU E 347 -18.76 -46.72 40.30
CA LEU E 347 -20.07 -46.21 40.69
C LEU E 347 -21.11 -46.43 39.60
N PHE E 348 -20.70 -46.37 38.33
CA PHE E 348 -21.65 -46.56 37.24
C PHE E 348 -22.14 -48.01 37.19
N ASP E 349 -21.27 -48.97 37.49
CA ASP E 349 -21.70 -50.36 37.55
C ASP E 349 -22.67 -50.62 38.69
N ASN E 350 -22.68 -49.78 39.71
CA ASN E 350 -23.62 -49.89 40.82
C ASN E 350 -24.81 -48.94 40.69
N GLY E 351 -24.95 -48.28 39.54
CA GLY E 351 -26.15 -47.51 39.28
C GLY E 351 -26.08 -46.03 39.59
N PHE E 352 -24.89 -45.42 39.49
CA PHE E 352 -24.73 -44.01 39.80
C PHE E 352 -23.63 -43.43 38.93
N TYR E 353 -23.97 -42.42 38.13
CA TYR E 353 -23.00 -41.72 37.30
C TYR E 353 -22.64 -40.39 37.93
N VAL E 354 -21.34 -40.17 38.14
CA VAL E 354 -20.82 -38.89 38.59
C VAL E 354 -19.69 -38.52 37.63
N GLU E 355 -19.80 -37.33 37.02
CA GLU E 355 -18.85 -36.96 35.98
C GLU E 355 -17.45 -36.78 36.58
N PRO E 356 -16.42 -37.36 35.97
CA PRO E 356 -15.06 -37.15 36.48
C PRO E 356 -14.42 -35.90 35.91
N ASP E 357 -13.81 -35.09 36.77
CA ASP E 357 -13.10 -33.90 36.37
C ASP E 357 -11.60 -34.15 36.56
N PHE E 358 -10.89 -34.31 35.45
CA PHE E 358 -9.44 -34.52 35.46
C PHE E 358 -8.76 -33.45 34.63
N PHE E 359 -7.44 -33.44 34.70
CA PHE E 359 -6.66 -32.51 33.89
C PHE E 359 -6.99 -32.72 32.41
N PRO E 360 -7.15 -31.64 31.62
CA PRO E 360 -6.93 -30.22 31.95
C PRO E 360 -8.11 -29.48 32.59
N ILE E 361 -9.23 -30.17 32.84
CA ILE E 361 -10.38 -29.50 33.45
C ILE E 361 -10.02 -28.96 34.83
N VAL E 362 -9.41 -29.81 35.66
CA VAL E 362 -8.88 -29.38 36.95
C VAL E 362 -7.38 -29.56 36.94
N SER E 363 -6.72 -29.18 38.03
CA SER E 363 -5.26 -29.26 38.09
C SER E 363 -4.80 -30.72 38.21
N ARG E 364 -3.51 -30.93 37.97
CA ARG E 364 -2.92 -32.25 38.16
C ARG E 364 -2.91 -32.59 39.64
N GLY E 365 -3.36 -33.81 39.96
CA GLY E 365 -3.43 -34.23 41.35
C GLY E 365 -4.60 -33.70 42.13
N ALA E 366 -5.54 -33.02 41.48
CA ALA E 366 -6.74 -32.50 42.11
C ALA E 366 -8.00 -33.03 41.44
N ALA E 367 -7.90 -34.20 40.82
CA ALA E 367 -9.02 -34.80 40.13
C ALA E 367 -10.05 -35.36 41.10
N GLY E 368 -11.31 -35.30 40.71
CA GLY E 368 -12.37 -35.81 41.54
C GLY E 368 -13.67 -35.93 40.76
N LEU E 369 -14.74 -36.18 41.51
CA LEU E 369 -16.06 -36.35 40.93
C LEU E 369 -16.92 -35.12 41.23
N ARG E 370 -17.53 -34.56 40.18
CA ARG E 370 -18.36 -33.36 40.31
C ARG E 370 -19.82 -33.80 40.36
N ALA E 371 -20.41 -33.78 41.55
CA ALA E 371 -21.81 -34.11 41.74
C ALA E 371 -22.63 -32.85 41.91
N ARG E 372 -23.88 -32.91 41.46
CA ARG E 372 -24.79 -31.77 41.50
C ARG E 372 -26.13 -32.23 42.08
N ILE E 373 -26.56 -31.58 43.15
CA ILE E 373 -27.80 -31.94 43.83
C ILE E 373 -28.98 -31.33 43.08
N ARG E 374 -30.00 -32.14 42.83
CA ARG E 374 -31.18 -31.70 42.10
C ARG E 374 -32.43 -32.11 42.87
N SER E 375 -33.50 -31.30 42.72
CA SER E 375 -34.74 -31.56 43.43
C SER E 375 -35.40 -32.87 43.01
N SER E 376 -35.10 -33.37 41.82
CA SER E 376 -35.70 -34.62 41.35
C SER E 376 -35.09 -35.85 42.01
N MET E 377 -34.04 -35.70 42.81
CA MET E 377 -33.47 -36.84 43.52
C MET E 377 -34.38 -37.25 44.66
N SER E 378 -34.61 -38.56 44.79
CA SER E 378 -35.39 -39.10 45.90
C SER E 378 -34.47 -39.38 47.08
N THR E 379 -35.09 -39.53 48.26
CA THR E 379 -34.31 -39.86 49.45
C THR E 379 -33.58 -41.18 49.27
N ALA E 380 -34.23 -42.16 48.62
CA ALA E 380 -33.58 -43.44 48.37
C ALA E 380 -32.37 -43.28 47.47
N ASP E 381 -32.44 -42.39 46.48
CA ASP E 381 -31.32 -42.18 45.57
C ASP E 381 -30.09 -41.69 46.32
N ILE E 382 -30.27 -40.73 47.23
CA ILE E 382 -29.13 -40.16 47.95
C ILE E 382 -28.61 -41.15 48.98
N GLU E 383 -29.51 -41.86 49.67
CA GLU E 383 -29.07 -42.86 50.64
C GLU E 383 -28.35 -44.02 49.96
N GLN E 384 -28.91 -44.52 48.86
CA GLN E 384 -28.29 -45.63 48.16
C GLN E 384 -26.94 -45.24 47.58
N PHE E 385 -26.78 -43.98 47.17
CA PHE E 385 -25.50 -43.53 46.65
C PHE E 385 -24.44 -43.48 47.75
N ALA E 386 -24.81 -42.96 48.92
CA ALA E 386 -23.85 -42.88 50.03
C ALA E 386 -23.37 -44.26 50.46
N HIS E 387 -24.22 -45.28 50.33
CA HIS E 387 -23.80 -46.64 50.65
C HIS E 387 -22.79 -47.16 49.63
N VAL E 388 -22.94 -46.78 48.36
CA VAL E 388 -21.99 -47.22 47.35
C VAL E 388 -20.69 -46.43 47.43
N TRP E 389 -20.79 -45.13 47.74
CA TRP E 389 -19.59 -44.32 47.88
C TRP E 389 -18.76 -44.75 49.08
N HIS E 390 -19.41 -45.24 50.14
CA HIS E 390 -18.70 -45.67 51.33
C HIS E 390 -18.20 -47.11 51.22
N LYS E 391 -18.95 -47.98 50.52
CA LYS E 391 -18.44 -49.33 50.28
C LYS E 391 -17.16 -49.31 49.48
N LEU E 392 -16.97 -48.28 48.65
CA LEU E 392 -15.70 -48.09 47.97
C LEU E 392 -14.60 -47.66 48.92
N GLY E 393 -14.95 -47.20 50.13
CA GLY E 393 -13.94 -46.80 51.10
C GLY E 393 -13.07 -47.96 51.53
N VAL E 394 -13.67 -49.13 51.74
CA VAL E 394 -12.92 -50.33 52.11
C VAL E 394 -12.53 -51.10 50.86
N HIS F 6 62.76 -22.99 11.28
CA HIS F 6 63.00 -24.42 11.29
C HIS F 6 62.44 -25.05 12.56
N LEU F 7 62.70 -24.41 13.71
CA LEU F 7 62.19 -24.93 14.98
C LEU F 7 60.68 -24.78 15.07
N SER F 8 60.16 -23.61 14.67
CA SER F 8 58.71 -23.41 14.66
C SER F 8 58.03 -24.33 13.66
N ASP F 9 58.64 -24.51 12.49
CA ASP F 9 58.08 -25.39 11.47
C ASP F 9 58.02 -26.85 11.94
N GLY F 10 58.90 -27.23 12.87
CA GLY F 10 58.78 -28.55 13.47
C GLY F 10 57.57 -28.65 14.38
N TYR F 11 57.23 -27.55 15.07
CA TYR F 11 56.05 -27.55 15.93
C TYR F 11 54.77 -27.56 15.10
N TRP F 12 54.75 -26.82 13.99
CA TRP F 12 53.56 -26.76 13.16
C TRP F 12 53.24 -28.11 12.52
N ASP F 13 54.26 -28.90 12.18
CA ASP F 13 54.04 -30.16 11.48
C ASP F 13 53.59 -31.26 12.43
N SER F 14 54.23 -31.38 13.60
CA SER F 14 53.79 -32.36 14.58
C SER F 14 52.34 -32.11 14.99
N ALA F 15 51.95 -30.84 15.09
CA ALA F 15 50.56 -30.53 15.40
C ALA F 15 49.63 -31.00 14.30
N ALA F 16 50.08 -30.90 13.04
CA ALA F 16 49.28 -31.44 11.93
C ALA F 16 49.34 -32.95 11.90
N ARG F 17 50.46 -33.54 12.30
CA ARG F 17 50.56 -35.00 12.35
C ARG F 17 49.66 -35.59 13.43
N LEU F 18 49.66 -34.97 14.62
CA LEU F 18 48.87 -35.47 15.74
C LEU F 18 47.38 -35.23 15.56
N GLY F 19 46.96 -34.45 14.57
CA GLY F 19 45.56 -34.21 14.32
C GLY F 19 44.93 -33.11 15.14
N VAL F 20 45.72 -32.30 15.83
CA VAL F 20 45.19 -31.20 16.64
C VAL F 20 45.37 -29.85 15.95
N HIS F 21 45.68 -29.86 14.64
CA HIS F 21 45.91 -28.62 13.92
C HIS F 21 45.75 -28.87 12.43
N GLY F 22 44.92 -28.06 11.78
CA GLY F 22 44.76 -28.14 10.34
C GLY F 22 43.98 -29.32 9.82
N ALA F 23 43.27 -30.04 10.67
CA ALA F 23 42.46 -31.16 10.23
C ALA F 23 41.06 -30.68 9.85
N VAL F 24 40.17 -31.61 9.54
CA VAL F 24 38.83 -31.29 9.07
C VAL F 24 37.82 -31.95 10.00
N LEU F 25 36.93 -31.14 10.57
CA LEU F 25 35.89 -31.62 11.47
C LEU F 25 34.57 -30.94 11.10
N GLN F 26 33.47 -31.63 11.40
CA GLN F 26 32.13 -31.11 11.12
C GLN F 26 31.48 -30.65 12.41
N ALA F 27 30.86 -29.47 12.37
CA ALA F 27 30.21 -28.92 13.55
C ALA F 27 28.98 -29.75 13.91
N VAL F 28 28.97 -30.27 15.13
CA VAL F 28 27.88 -31.11 15.63
C VAL F 28 27.11 -30.29 16.68
N PRO F 29 25.78 -30.40 16.72
CA PRO F 29 25.02 -29.72 17.78
C PRO F 29 25.55 -30.07 19.16
N GLY F 30 25.54 -29.08 20.05
CA GLY F 30 26.07 -29.24 21.38
C GLY F 30 27.49 -28.78 21.58
N GLY F 31 27.98 -27.86 20.74
CA GLY F 31 29.37 -27.45 20.81
C GLY F 31 30.35 -28.57 20.55
N ARG F 32 30.03 -29.46 19.62
CA ARG F 32 30.80 -30.66 19.38
C ARG F 32 31.31 -30.69 17.95
N LEU F 33 32.31 -31.55 17.72
CA LEU F 33 32.94 -31.73 16.43
C LEU F 33 33.03 -33.21 16.12
N SER F 34 32.78 -33.57 14.86
CA SER F 34 32.84 -34.96 14.42
C SER F 34 34.00 -35.15 13.46
N ALA F 35 34.90 -36.08 13.78
CA ALA F 35 36.00 -36.42 12.91
C ALA F 35 35.50 -37.25 11.75
N PRO F 36 36.30 -37.43 10.70
CA PRO F 36 35.89 -38.34 9.61
C PRO F 36 35.67 -39.77 10.08
N ASP F 37 36.35 -40.20 11.15
CA ASP F 37 36.24 -41.55 11.67
C ASP F 37 35.19 -41.69 12.76
N GLY F 38 34.29 -40.72 12.88
CA GLY F 38 33.19 -40.80 13.83
C GLY F 38 33.52 -40.39 15.24
N ARG F 39 34.78 -40.07 15.54
CA ARG F 39 35.17 -39.64 16.88
C ARG F 39 34.58 -38.26 17.17
N VAL F 40 33.67 -38.19 18.13
CA VAL F 40 32.99 -36.95 18.49
C VAL F 40 33.64 -36.39 19.75
N ALA F 41 33.94 -35.09 19.73
CA ALA F 41 34.59 -34.43 20.85
C ALA F 41 33.92 -33.09 21.13
N VAL F 42 34.10 -32.60 22.34
CA VAL F 42 33.53 -31.32 22.77
C VAL F 42 34.55 -30.23 22.51
N ASN F 43 34.12 -29.16 21.83
CA ASN F 43 35.01 -28.07 21.48
C ASN F 43 35.19 -27.14 22.68
N MET F 44 36.35 -27.21 23.31
CA MET F 44 36.66 -26.39 24.47
C MET F 44 37.36 -25.08 24.09
N SER F 45 37.54 -24.80 22.80
CA SER F 45 38.25 -23.61 22.36
C SER F 45 37.40 -22.75 21.42
N SER F 46 36.10 -22.99 21.37
CA SER F 46 35.23 -22.22 20.49
C SER F 46 35.16 -20.76 20.94
N TYR F 47 35.04 -19.87 19.95
CA TYR F 47 34.95 -18.43 20.20
C TYR F 47 33.52 -17.93 20.35
N SER F 48 32.52 -18.79 20.12
CA SER F 48 31.12 -18.39 20.25
C SER F 48 30.73 -18.45 21.72
N TYR F 49 31.10 -17.39 22.44
CA TYR F 49 31.02 -17.41 23.90
C TYR F 49 29.60 -17.57 24.43
N LEU F 50 28.61 -17.06 23.71
CA LEU F 50 27.23 -17.20 24.13
C LEU F 50 26.52 -18.36 23.44
N GLY F 51 27.26 -19.19 22.70
CA GLY F 51 26.64 -20.28 21.97
C GLY F 51 25.72 -19.84 20.86
N LEU F 52 25.81 -18.58 20.42
CA LEU F 52 24.90 -18.07 19.41
C LEU F 52 25.20 -18.61 18.02
N ASP F 53 26.31 -19.33 17.83
CA ASP F 53 26.57 -19.97 16.55
C ASP F 53 25.63 -21.14 16.28
N GLU F 54 24.89 -21.59 17.29
CA GLU F 54 23.89 -22.63 17.16
C GLU F 54 22.48 -22.12 17.37
N SER F 55 22.30 -20.81 17.41
CA SER F 55 20.98 -20.21 17.60
C SER F 55 20.13 -20.42 16.35
N PRO F 56 19.07 -21.21 16.41
CA PRO F 56 18.23 -21.39 15.21
C PRO F 56 17.51 -20.11 14.80
N ARG F 57 17.24 -19.21 15.75
CA ARG F 57 16.65 -17.91 15.41
C ARG F 57 17.55 -17.13 14.46
N ILE F 58 18.86 -17.16 14.71
CA ILE F 58 19.81 -16.46 13.86
C ILE F 58 20.01 -17.20 12.54
N ILE F 59 20.14 -18.53 12.61
CA ILE F 59 20.37 -19.30 11.39
C ILE F 59 19.17 -19.19 10.45
N ASP F 60 17.96 -19.25 10.99
CA ASP F 60 16.77 -19.10 10.15
C ASP F 60 16.69 -17.70 9.55
N ALA F 61 17.06 -16.68 10.34
CA ALA F 61 17.02 -15.31 9.83
C ALA F 61 18.02 -15.10 8.71
N ALA F 62 19.16 -15.80 8.75
CA ALA F 62 20.14 -15.68 7.67
C ALA F 62 19.60 -16.28 6.38
N ILE F 63 18.97 -17.45 6.47
CA ILE F 63 18.38 -18.07 5.29
C ILE F 63 17.22 -17.22 4.77
N ALA F 64 16.47 -16.58 5.67
CA ALA F 64 15.35 -15.76 5.25
C ALA F 64 15.81 -14.55 4.44
N ALA F 65 16.88 -13.89 4.90
CA ALA F 65 17.39 -12.72 4.18
C ALA F 65 17.90 -13.10 2.80
N LEU F 66 18.54 -14.27 2.68
CA LEU F 66 19.03 -14.71 1.37
C LEU F 66 17.89 -15.14 0.46
N ARG F 67 16.83 -15.72 1.02
CA ARG F 67 15.69 -16.13 0.20
C ARG F 67 14.89 -14.93 -0.27
N SER F 68 14.73 -13.92 0.58
CA SER F 68 13.90 -12.77 0.22
C SER F 68 14.62 -11.87 -0.79
N ASN F 69 15.91 -11.63 -0.59
CA ASN F 69 16.64 -10.73 -1.48
C ASN F 69 17.08 -11.42 -2.76
N MET F 70 17.28 -12.73 -2.73
CA MET F 70 17.69 -13.52 -3.89
C MET F 70 18.99 -12.99 -4.51
N VAL F 71 19.85 -12.40 -3.68
CA VAL F 71 21.18 -11.96 -4.10
C VAL F 71 22.13 -12.13 -2.93
N LEU F 72 23.39 -12.38 -3.24
CA LEU F 72 24.41 -12.45 -2.19
C LEU F 72 24.94 -11.07 -1.84
N ASN F 73 25.44 -10.34 -2.84
CA ASN F 73 26.11 -9.07 -2.59
C ASN F 73 25.11 -8.00 -2.18
N SER F 74 25.38 -7.36 -1.06
CA SER F 74 24.52 -6.33 -0.49
C SER F 74 24.82 -4.93 -1.03
N SER F 75 25.79 -4.81 -1.95
CA SER F 75 26.18 -3.52 -2.50
C SER F 75 25.57 -3.28 -3.88
N LEU F 76 24.63 -4.12 -4.31
CA LEU F 76 23.88 -3.93 -5.55
C LEU F 76 24.82 -3.85 -6.76
N GLY F 77 25.58 -4.94 -6.96
CA GLY F 77 26.63 -4.92 -7.95
C GLY F 77 27.83 -4.07 -7.59
N ARG F 78 27.96 -3.68 -6.31
CA ARG F 78 29.10 -2.89 -5.81
C ARG F 78 29.14 -1.48 -6.40
N VAL F 79 28.00 -0.81 -6.44
CA VAL F 79 27.93 0.48 -7.12
C VAL F 79 27.44 1.60 -6.19
N ARG F 80 27.86 1.55 -4.93
CA ARG F 80 27.60 2.60 -3.92
C ARG F 80 26.11 2.92 -3.82
N MET F 81 25.36 1.98 -3.25
CA MET F 81 23.91 2.09 -3.32
C MET F 81 23.14 1.22 -2.32
N THR F 82 23.81 0.30 -1.62
CA THR F 82 23.32 -0.32 -0.40
C THR F 82 21.91 -0.92 -0.45
N LEU F 83 21.80 -2.24 -0.27
CA LEU F 83 20.51 -2.88 -0.11
C LEU F 83 19.80 -2.38 1.16
N PRO F 84 18.46 -2.44 1.19
CA PRO F 84 17.75 -2.10 2.43
C PRO F 84 18.12 -2.99 3.59
N LEU F 85 18.52 -4.24 3.32
CA LEU F 85 18.93 -5.14 4.39
C LEU F 85 20.17 -4.61 5.11
N LEU F 86 21.10 -3.99 4.36
CA LEU F 86 22.32 -3.48 4.97
C LEU F 86 22.01 -2.30 5.89
N GLU F 87 21.21 -1.35 5.41
CA GLU F 87 20.84 -0.21 6.24
C GLU F 87 20.07 -0.66 7.47
N GLU F 88 19.23 -1.68 7.32
CA GLU F 88 18.53 -2.25 8.47
C GLU F 88 19.52 -2.86 9.46
N ALA F 89 20.57 -3.50 8.95
CA ALA F 89 21.56 -4.11 9.83
C ALA F 89 22.37 -3.05 10.56
N GLU F 90 22.90 -2.07 9.82
CA GLU F 90 23.66 -0.99 10.46
C GLU F 90 22.78 -0.15 11.38
N CYS F 91 21.47 -0.10 11.13
CA CYS F 91 20.58 0.55 12.08
C CYS F 91 20.38 -0.31 13.32
N ALA F 92 20.28 -1.63 13.14
CA ALA F 92 20.13 -2.53 14.29
C ALA F 92 21.35 -2.47 15.20
N LEU F 93 22.55 -2.49 14.62
CA LEU F 93 23.75 -2.28 15.42
C LEU F 93 23.81 -0.88 16.00
N GLY F 94 23.17 0.08 15.33
CA GLY F 94 23.11 1.43 15.89
C GLY F 94 22.21 1.52 17.11
N ASP F 95 21.08 0.82 17.07
CA ASP F 95 20.18 0.80 18.23
C ASP F 95 20.84 0.10 19.40
N LEU F 96 21.52 -1.02 19.15
CA LEU F 96 22.09 -1.82 20.23
C LEU F 96 23.17 -1.05 20.98
N PHE F 97 24.19 -0.57 20.25
CA PHE F 97 25.29 0.15 20.88
C PHE F 97 24.98 1.62 21.14
N GLY F 98 23.88 2.13 20.61
CA GLY F 98 23.57 3.54 20.75
C GLY F 98 24.65 4.42 20.13
N ALA F 99 24.96 4.16 18.85
CA ALA F 99 26.07 4.82 18.19
C ALA F 99 25.95 4.60 16.70
N ASP F 100 26.68 5.43 15.93
CA ASP F 100 26.76 5.23 14.49
C ASP F 100 27.66 4.05 14.19
N VAL F 101 27.09 2.99 13.62
CA VAL F 101 27.80 1.73 13.38
C VAL F 101 27.72 1.39 11.89
N ALA F 102 28.86 1.06 11.30
CA ALA F 102 28.93 0.53 9.94
C ALA F 102 29.55 -0.86 9.97
N THR F 103 29.10 -1.71 9.04
CA THR F 103 29.55 -3.09 8.96
C THR F 103 30.62 -3.25 7.88
N LEU F 104 31.53 -4.18 8.12
CA LEU F 104 32.54 -4.60 7.15
C LEU F 104 32.58 -6.12 7.12
N ASN F 105 33.38 -6.66 6.21
CA ASN F 105 33.50 -8.10 6.08
C ASN F 105 34.39 -8.73 7.15
N SER F 106 35.14 -7.92 7.90
CA SER F 106 36.01 -8.44 8.96
C SER F 106 36.43 -7.30 9.86
N CYS F 107 36.72 -7.64 11.13
CA CYS F 107 37.24 -6.64 12.06
C CYS F 107 38.63 -6.17 11.65
N SER F 108 39.43 -7.05 11.02
CA SER F 108 40.72 -6.63 10.49
C SER F 108 40.54 -5.55 9.43
N ALA F 109 39.50 -5.67 8.59
CA ALA F 109 39.20 -4.61 7.63
C ALA F 109 38.79 -3.33 8.32
N ALA F 110 38.12 -3.44 9.47
CA ALA F 110 37.76 -2.25 10.23
C ALA F 110 39.00 -1.49 10.68
N ALA F 111 40.00 -2.20 11.19
CA ALA F 111 41.25 -1.57 11.58
C ALA F 111 41.95 -0.95 10.38
N TRP F 112 41.89 -1.63 9.23
CA TRP F 112 42.54 -1.12 8.02
C TRP F 112 41.90 0.17 7.56
N ALA F 113 40.58 0.28 7.69
CA ALA F 113 39.86 1.45 7.22
C ALA F 113 39.85 2.60 8.21
N THR F 114 40.30 2.39 9.45
CA THR F 114 40.18 3.40 10.50
C THR F 114 41.54 3.95 10.93
N LEU F 115 42.45 3.11 11.38
CA LEU F 115 43.72 3.58 11.94
C LEU F 115 44.50 4.52 11.05
N PRO F 116 44.60 4.32 9.73
CA PRO F 116 45.33 5.32 8.91
C PRO F 116 44.69 6.70 8.95
N VAL F 117 43.36 6.79 8.82
CA VAL F 117 42.71 8.09 8.83
C VAL F 117 42.70 8.72 10.21
N LEU F 118 42.85 7.91 11.26
CA LEU F 118 43.02 8.48 12.60
C LEU F 118 44.39 9.11 12.76
N ALA F 119 45.41 8.48 12.17
CA ALA F 119 46.77 9.01 12.25
C ALA F 119 46.92 10.30 11.44
N SER F 120 46.12 10.45 10.39
CA SER F 120 46.20 11.65 9.55
C SER F 120 45.61 12.89 10.21
N GLY F 121 44.88 12.72 11.31
CA GLY F 121 44.25 13.85 11.98
C GLY F 121 42.90 14.24 11.42
N LEU F 122 42.41 13.56 10.38
CA LEU F 122 41.10 13.86 9.84
C LEU F 122 39.98 13.60 10.84
N LEU F 123 40.25 12.81 11.89
CA LEU F 123 39.29 12.55 12.94
C LEU F 123 39.56 13.38 14.19
N THR F 124 40.63 14.15 14.22
CA THR F 124 41.03 14.95 15.38
C THR F 124 41.27 16.39 14.97
N ASP F 125 40.32 16.97 14.23
CA ASP F 125 40.31 18.38 13.89
C ASP F 125 41.58 18.80 13.13
N GLY F 126 42.03 17.94 12.22
CA GLY F 126 43.18 18.23 11.39
C GLY F 126 44.53 18.11 12.08
N VAL F 127 44.57 17.99 13.40
CA VAL F 127 45.82 17.82 14.14
C VAL F 127 46.16 16.34 14.17
N ALA F 128 47.20 15.95 13.44
CA ALA F 128 47.66 14.56 13.41
C ALA F 128 48.11 14.13 14.80
N PRO F 129 47.38 13.24 15.45
CA PRO F 129 47.70 12.87 16.83
C PRO F 129 48.88 11.91 16.90
N VAL F 130 49.40 11.77 18.12
CA VAL F 130 50.48 10.82 18.38
C VAL F 130 49.83 9.45 18.58
N MET F 131 50.10 8.53 17.67
CA MET F 131 49.50 7.19 17.72
C MET F 131 50.28 6.34 18.72
N VAL F 132 49.66 6.06 19.87
CA VAL F 132 50.27 5.26 20.92
C VAL F 132 49.61 3.88 20.90
N PHE F 133 50.39 2.87 20.54
CA PHE F 133 49.92 1.49 20.50
C PHE F 133 50.31 0.76 21.77
N ASP F 134 49.36 0.02 22.34
CA ASP F 134 49.69 -0.85 23.46
C ASP F 134 50.56 -1.99 22.98
N LYS F 135 51.40 -2.50 23.88
CA LYS F 135 52.32 -3.57 23.52
C LYS F 135 51.56 -4.82 23.07
N ARG F 136 50.51 -5.18 23.81
CA ARG F 136 49.73 -6.38 23.51
C ARG F 136 48.53 -6.09 22.61
N ALA F 137 48.54 -4.97 21.91
CA ALA F 137 47.48 -4.69 20.94
C ALA F 137 47.46 -5.75 19.86
N HIS F 138 46.26 -6.10 19.41
CA HIS F 138 46.10 -7.22 18.49
C HIS F 138 46.86 -6.97 17.19
N PHE F 139 47.20 -8.07 16.51
CA PHE F 139 48.04 -7.98 15.32
C PHE F 139 47.33 -7.31 14.16
N CYS F 140 45.98 -7.35 14.13
CA CYS F 140 45.26 -6.67 13.06
C CYS F 140 45.42 -5.17 13.12
N MET F 141 45.86 -4.63 14.26
CA MET F 141 46.17 -3.21 14.41
C MET F 141 47.66 -2.94 14.47
N ALA F 142 48.43 -3.81 15.13
CA ALA F 142 49.87 -3.60 15.26
C ALA F 142 50.58 -3.72 13.91
N SER F 143 50.04 -4.52 13.00
CA SER F 143 50.65 -4.65 11.68
C SER F 143 50.52 -3.37 10.86
N LEU F 144 49.58 -2.49 11.21
CA LEU F 144 49.35 -1.26 10.48
C LEU F 144 50.10 -0.07 11.07
N LYS F 145 51.15 -0.33 11.87
CA LYS F 145 51.92 0.78 12.44
C LYS F 145 52.65 1.55 11.35
N SER F 146 53.21 0.86 10.37
CA SER F 146 53.93 1.55 9.30
C SER F 146 53.01 2.45 8.50
N LEU F 147 51.75 2.07 8.34
CA LEU F 147 50.78 2.94 7.67
C LEU F 147 50.59 4.24 8.45
N CYS F 148 50.54 4.14 9.78
CA CYS F 148 50.40 5.33 10.60
C CYS F 148 51.70 6.12 10.68
N ALA F 149 52.84 5.44 10.54
CA ALA F 149 54.13 6.12 10.61
C ALA F 149 54.31 7.10 9.46
N ASP F 150 53.66 6.85 8.32
CA ASP F 150 53.73 7.78 7.20
C ASP F 150 52.88 9.03 7.41
N GLU F 151 52.09 9.08 8.48
CA GLU F 151 51.20 10.21 8.73
C GLU F 151 51.58 11.02 9.96
N THR F 152 52.13 10.39 11.00
CA THR F 152 52.41 11.07 12.26
C THR F 152 53.46 10.27 13.01
N ARG F 153 53.65 10.60 14.29
CA ARG F 153 54.60 9.89 15.13
C ARG F 153 53.91 8.71 15.79
N VAL F 154 54.55 7.54 15.70
CA VAL F 154 54.01 6.29 16.24
C VAL F 154 54.83 5.90 17.46
N GLU F 155 54.16 5.68 18.58
CA GLU F 155 54.79 5.22 19.81
C GLU F 155 54.17 3.90 20.24
N THR F 156 54.96 3.07 20.89
CA THR F 156 54.51 1.77 21.38
C THR F 156 54.94 1.65 22.85
N ILE F 157 54.02 1.94 23.76
CA ILE F 157 54.32 1.90 25.19
C ILE F 157 54.02 0.51 25.73
N ARG F 158 54.50 0.22 26.94
CA ARG F 158 54.30 -1.08 27.56
C ARG F 158 52.83 -1.27 27.94
N HIS F 159 52.50 -2.50 28.29
CA HIS F 159 51.11 -2.89 28.48
C HIS F 159 50.50 -2.19 29.69
N ASN F 160 49.37 -1.50 29.46
CA ASN F 160 48.56 -0.85 30.48
C ASN F 160 49.35 0.15 31.33
N ASP F 161 50.42 0.72 30.80
CA ASP F 161 51.21 1.71 31.53
C ASP F 161 50.50 3.06 31.39
N VAL F 162 49.54 3.30 32.28
CA VAL F 162 48.75 4.53 32.22
C VAL F 162 49.59 5.75 32.56
N ASP F 163 50.74 5.58 33.21
CA ASP F 163 51.59 6.72 33.52
C ASP F 163 52.45 7.11 32.33
N ALA F 164 52.99 6.13 31.60
CA ALA F 164 53.71 6.44 30.37
C ALA F 164 52.79 7.06 29.34
N LEU F 165 51.51 6.69 29.35
CA LEU F 165 50.54 7.34 28.47
C LEU F 165 50.29 8.77 28.92
N ALA F 166 50.30 9.02 30.23
CA ALA F 166 50.05 10.37 30.73
C ALA F 166 51.20 11.32 30.39
N ASP F 167 52.44 10.81 30.41
CA ASP F 167 53.58 11.64 30.04
C ASP F 167 53.48 12.12 28.60
N ILE F 168 52.96 11.27 27.72
CA ILE F 168 52.82 11.64 26.31
C ILE F 168 51.67 12.63 26.12
N CYS F 169 50.64 12.57 26.97
CA CYS F 169 49.51 13.47 26.82
C CYS F 169 49.89 14.92 27.11
N ARG F 170 50.88 15.15 27.99
CA ARG F 170 51.28 16.50 28.32
C ARG F 170 52.17 17.11 27.24
N LYS F 171 53.08 16.32 26.69
CA LYS F 171 54.08 16.82 25.76
C LYS F 171 53.55 17.00 24.35
N ASN F 172 52.32 16.59 24.07
CA ASN F 172 51.74 16.71 22.74
C ASN F 172 50.31 17.24 22.84
N LYS F 173 49.90 17.97 21.81
CA LYS F 173 48.57 18.60 21.83
C LYS F 173 47.47 17.56 21.67
N ARG F 174 47.67 16.57 20.79
CA ARG F 174 46.66 15.57 20.48
C ARG F 174 47.30 14.19 20.49
N VAL F 175 46.73 13.28 21.27
CA VAL F 175 47.24 11.91 21.38
C VAL F 175 46.07 10.95 21.17
N ALA F 176 46.41 9.74 20.72
CA ALA F 176 45.44 8.67 20.57
C ALA F 176 46.06 7.37 21.06
N TYR F 177 45.25 6.55 21.73
CA TYR F 177 45.71 5.29 22.32
C TYR F 177 44.95 4.14 21.70
N VAL F 178 45.68 3.20 21.10
CA VAL F 178 45.11 2.02 20.46
C VAL F 178 45.36 0.82 21.36
N CYS F 179 44.32 0.02 21.59
CA CYS F 179 44.42 -1.09 22.53
C CYS F 179 43.24 -2.03 22.32
N ASP F 180 43.22 -3.09 23.13
CA ASP F 180 42.08 -4.00 23.22
C ASP F 180 41.29 -3.67 24.48
N SER F 181 39.98 -3.92 24.43
CA SER F 181 39.17 -3.82 25.64
C SER F 181 39.40 -5.03 26.53
N VAL F 182 39.54 -6.20 25.93
CA VAL F 182 39.82 -7.45 26.65
C VAL F 182 40.92 -8.17 25.89
N TYR F 183 41.96 -8.58 26.61
CA TYR F 183 43.10 -9.26 26.02
C TYR F 183 42.98 -10.76 26.27
N SER F 184 43.06 -11.54 25.19
CA SER F 184 42.94 -12.99 25.33
C SER F 184 44.19 -13.60 25.94
N THR F 185 45.35 -13.07 25.62
CA THR F 185 46.61 -13.53 26.22
C THR F 185 46.91 -12.68 27.44
N GLY F 186 46.91 -13.31 28.61
CA GLY F 186 47.11 -12.63 29.87
C GLY F 186 45.83 -12.31 30.61
N GLY F 187 44.68 -12.31 29.92
CA GLY F 187 43.41 -12.07 30.56
C GLY F 187 43.19 -10.68 31.12
N THR F 188 44.16 -9.79 30.97
CA THR F 188 44.05 -8.45 31.52
C THR F 188 42.97 -7.66 30.79
N LEU F 189 42.56 -6.54 31.41
CA LEU F 189 41.55 -5.66 30.87
C LEU F 189 42.10 -4.26 30.72
N ALA F 190 41.48 -3.49 29.83
CA ALA F 190 41.89 -2.11 29.64
C ALA F 190 41.51 -1.28 30.86
N PRO F 191 42.43 -0.51 31.43
CA PRO F 191 42.10 0.31 32.60
C PRO F 191 41.21 1.50 32.26
N LEU F 192 39.90 1.27 32.15
CA LEU F 192 39.00 2.32 31.69
C LEU F 192 38.95 3.48 32.68
N GLU F 193 39.04 3.18 33.98
CA GLU F 193 38.95 4.23 35.00
C GLU F 193 40.07 5.25 34.82
N GLU F 194 41.27 4.79 34.45
CA GLU F 194 42.36 5.72 34.16
C GLU F 194 42.23 6.31 32.77
N LEU F 195 41.87 5.49 31.78
CA LEU F 195 41.84 5.95 30.39
C LEU F 195 40.83 7.07 30.21
N PHE F 196 39.66 6.97 30.85
CA PHE F 196 38.66 8.02 30.74
C PHE F 196 39.11 9.31 31.43
N ALA F 197 39.85 9.19 32.54
CA ALA F 197 40.34 10.38 33.23
C ALA F 197 41.31 11.16 32.36
N LEU F 198 42.19 10.45 31.64
CA LEU F 198 43.08 11.12 30.69
C LEU F 198 42.31 11.78 29.57
N GLN F 199 41.18 11.18 29.16
CA GLN F 199 40.38 11.76 28.08
C GLN F 199 39.69 13.03 28.55
N LYS F 200 39.22 13.07 29.79
CA LYS F 200 38.58 14.27 30.32
C LYS F 200 39.59 15.40 30.50
N GLU F 201 40.85 15.06 30.75
CA GLU F 201 41.88 16.05 31.07
C GLU F 201 42.59 16.56 29.82
N PHE F 202 43.12 15.65 28.99
CA PHE F 202 43.92 16.03 27.84
C PHE F 202 43.20 15.88 26.51
N GLY F 203 41.98 15.33 26.51
CA GLY F 203 41.30 15.08 25.26
C GLY F 203 41.89 13.92 24.48
N LEU F 204 42.22 12.83 25.17
CA LEU F 204 42.87 11.69 24.53
C LEU F 204 41.86 10.85 23.76
N PHE F 205 42.18 10.54 22.52
CA PHE F 205 41.34 9.68 21.71
C PHE F 205 41.55 8.22 22.11
N LEU F 206 40.47 7.49 22.30
CA LEU F 206 40.52 6.10 22.74
C LEU F 206 40.00 5.19 21.62
N TYR F 207 40.88 4.32 21.14
CA TYR F 207 40.58 3.39 20.05
C TYR F 207 40.62 1.97 20.63
N PHE F 208 39.44 1.39 20.86
CA PHE F 208 39.32 0.10 21.52
C PHE F 208 39.02 -1.00 20.52
N ASP F 209 39.57 -2.19 20.77
CA ASP F 209 39.23 -3.40 20.04
C ASP F 209 38.32 -4.24 20.94
N GLU F 210 37.03 -4.27 20.61
CA GLU F 210 36.01 -4.90 21.43
C GLU F 210 35.71 -6.33 20.98
N ALA F 211 36.65 -6.99 20.32
CA ALA F 211 36.36 -8.29 19.71
C ALA F 211 36.02 -9.33 20.77
N HIS F 212 36.83 -9.43 21.82
CA HIS F 212 36.61 -10.38 22.89
C HIS F 212 35.76 -9.83 24.02
N SER F 213 34.95 -8.80 23.75
CA SER F 213 34.11 -8.21 24.79
C SER F 213 32.74 -7.79 24.28
N THR F 214 32.42 -8.00 23.00
CA THR F 214 31.19 -7.47 22.43
C THR F 214 29.97 -8.06 23.12
N SER F 215 29.82 -9.38 23.08
CA SER F 215 28.60 -10.00 23.57
C SER F 215 28.72 -10.58 24.98
N VAL F 216 29.92 -10.59 25.55
CA VAL F 216 30.13 -11.24 26.84
C VAL F 216 30.08 -10.28 28.03
N ILE F 217 30.29 -8.98 27.81
CA ILE F 217 30.35 -8.01 28.89
C ILE F 217 29.29 -6.95 28.66
N GLY F 218 28.58 -6.60 29.73
CA GLY F 218 27.74 -5.42 29.74
C GLY F 218 26.26 -5.74 29.58
N ASP F 219 25.43 -4.79 29.99
CA ASP F 219 24.00 -4.88 29.78
C ASP F 219 23.71 -4.91 28.29
N MET F 220 22.83 -5.83 27.88
CA MET F 220 22.49 -6.07 26.48
C MET F 220 23.70 -6.49 25.64
N GLY F 221 24.84 -6.74 26.27
CA GLY F 221 26.04 -7.09 25.55
C GLY F 221 26.53 -5.97 24.65
N ARG F 222 26.74 -4.79 25.24
CA ARG F 222 27.22 -3.63 24.49
C ARG F 222 28.74 -3.47 24.59
N GLY F 223 29.42 -4.34 25.30
CA GLY F 223 30.86 -4.31 25.38
C GLY F 223 31.35 -3.79 26.72
N TYR F 224 32.62 -4.08 27.01
CA TYR F 224 33.23 -3.61 28.25
C TYR F 224 33.31 -2.08 28.28
N VAL F 225 33.62 -1.46 27.14
CA VAL F 225 33.75 0.00 27.10
C VAL F 225 32.39 0.67 27.26
N LEU F 226 31.43 0.30 26.40
CA LEU F 226 30.14 0.98 26.40
C LEU F 226 29.35 0.75 27.68
N ASP F 227 29.66 -0.31 28.44
CA ASP F 227 28.92 -0.56 29.67
C ASP F 227 29.35 0.39 30.78
N ARG F 228 30.66 0.54 30.98
CA ARG F 228 31.17 1.45 32.00
C ARG F 228 31.13 2.91 31.56
N MET F 229 31.18 3.16 30.26
CA MET F 229 31.18 4.53 29.73
C MET F 229 29.78 5.11 29.58
N GLY F 230 28.79 4.26 29.28
CA GLY F 230 27.42 4.73 29.15
C GLY F 230 27.04 5.12 27.74
N ALA F 231 27.51 6.28 27.29
CA ALA F 231 27.24 6.78 25.96
C ALA F 231 28.55 7.21 25.31
N ILE F 232 28.79 6.73 24.09
CA ILE F 232 30.04 7.02 23.40
C ILE F 232 30.10 8.50 23.04
N ASN F 233 31.31 9.06 23.04
CA ASN F 233 31.53 10.46 22.72
C ASN F 233 32.26 10.57 21.38
N ASP F 234 32.69 11.79 21.05
CA ASP F 234 33.40 12.06 19.80
C ASP F 234 34.91 11.95 19.95
N SER F 235 35.39 11.29 21.01
CA SER F 235 36.81 11.00 21.17
C SER F 235 37.04 9.54 21.53
N THR F 236 36.09 8.67 21.19
CA THR F 236 36.18 7.24 21.48
C THR F 236 35.62 6.47 20.29
N MET F 237 36.38 5.47 19.84
CA MET F 237 36.01 4.68 18.69
C MET F 237 36.24 3.20 19.00
N LEU F 238 35.36 2.34 18.48
CA LEU F 238 35.42 0.90 18.73
C LEU F 238 35.42 0.15 17.42
N ILE F 239 36.25 -0.88 17.34
CA ILE F 239 36.18 -1.87 16.28
C ILE F 239 35.97 -3.23 16.94
N THR F 240 35.22 -4.10 16.26
CA THR F 240 34.88 -5.39 16.85
C THR F 240 34.58 -6.39 15.75
N SER F 241 34.60 -7.66 16.14
CA SER F 241 34.19 -8.77 15.29
C SER F 241 32.79 -9.22 15.69
N LEU F 242 32.02 -9.68 14.69
CA LEU F 242 30.62 -10.04 14.91
C LEU F 242 30.38 -11.54 14.79
N ASN F 243 31.42 -12.36 14.81
CA ASN F 243 31.26 -13.81 14.72
C ASN F 243 31.85 -14.54 15.91
N LYS F 244 32.09 -13.84 17.02
CA LYS F 244 32.54 -14.44 18.28
C LYS F 244 31.57 -14.02 19.37
N GLY F 245 30.62 -14.89 19.71
CA GLY F 245 29.64 -14.60 20.72
C GLY F 245 28.48 -13.75 20.23
N PHE F 246 28.72 -12.90 19.22
CA PHE F 246 27.62 -12.21 18.58
C PHE F 246 26.83 -13.14 17.67
N GLY F 247 27.45 -14.23 17.22
CA GLY F 247 26.75 -15.23 16.44
C GLY F 247 26.41 -14.83 15.03
N ALA F 248 27.24 -14.00 14.39
CA ALA F 248 26.96 -13.56 13.03
C ALA F 248 28.19 -13.67 12.15
N SER F 249 28.48 -12.63 11.36
CA SER F 249 29.62 -12.64 10.46
C SER F 249 30.14 -11.22 10.30
N GLY F 250 31.43 -11.13 9.98
CA GLY F 250 32.04 -9.84 9.67
C GLY F 250 32.39 -9.05 10.91
N GLY F 251 32.60 -7.74 10.70
CA GLY F 251 32.96 -6.83 11.77
C GLY F 251 32.20 -5.53 11.69
N ALA F 252 32.53 -4.59 12.58
CA ALA F 252 31.81 -3.32 12.60
C ALA F 252 32.70 -2.22 13.15
N ILE F 253 32.46 -0.99 12.69
CA ILE F 253 33.12 0.19 13.21
C ILE F 253 32.10 0.97 14.03
N VAL F 254 32.49 1.34 15.25
CA VAL F 254 31.66 2.22 16.06
C VAL F 254 32.26 3.62 16.02
N PHE F 255 31.82 4.45 15.07
CA PHE F 255 32.43 5.75 14.86
C PHE F 255 32.32 6.63 16.09
N GLY F 256 31.10 6.80 16.60
CA GLY F 256 30.85 7.67 17.73
C GLY F 256 29.36 7.89 17.92
N PRO F 257 28.99 9.09 18.34
CA PRO F 257 27.57 9.36 18.60
C PRO F 257 26.69 9.09 17.39
N ARG F 258 25.42 8.78 17.66
CA ARG F 258 24.49 8.36 16.62
C ARG F 258 24.07 9.53 15.74
N ASP F 259 23.99 10.74 16.29
CA ASP F 259 23.52 11.90 15.55
C ASP F 259 24.62 12.60 14.78
N ASP F 260 25.83 12.04 14.76
CA ASP F 260 26.99 12.68 14.14
C ASP F 260 27.48 11.77 13.00
N ASP F 261 27.28 12.22 11.77
CA ASP F 261 27.71 11.47 10.60
C ASP F 261 29.04 11.97 10.04
N ARG F 262 29.77 12.80 10.80
CA ARG F 262 31.03 13.35 10.30
C ARG F 262 32.09 12.27 10.17
N LYS F 263 32.39 11.56 11.26
CA LYS F 263 33.42 10.54 11.22
C LYS F 263 33.11 9.44 10.20
N ARG F 264 31.83 9.10 10.04
CA ARG F 264 31.45 8.09 9.05
C ARG F 264 31.80 8.58 7.65
N LYS F 265 31.44 9.83 7.33
CA LYS F 265 31.70 10.35 5.99
C LYS F 265 33.19 10.50 5.72
N ILE F 266 33.97 10.88 6.74
CA ILE F 266 35.41 11.02 6.54
C ILE F 266 36.04 9.70 6.14
N ILE F 267 35.61 8.61 6.77
CA ILE F 267 36.22 7.31 6.50
C ILE F 267 35.71 6.73 5.18
N GLN F 268 34.42 6.94 4.87
CA GLN F 268 33.88 6.46 3.60
C GLN F 268 34.60 7.11 2.42
N ARG F 269 34.81 8.42 2.48
CA ARG F 269 35.43 9.15 1.38
C ARG F 269 36.95 9.00 1.36
N SER F 270 37.54 8.38 2.38
CA SER F 270 38.96 8.10 2.37
C SER F 270 39.25 6.81 1.63
N SER F 271 40.46 6.71 1.07
CA SER F 271 40.85 5.55 0.29
C SER F 271 41.16 4.40 1.25
N GLY F 272 40.13 3.60 1.55
CA GLY F 272 40.26 2.49 2.45
C GLY F 272 39.33 1.35 2.11
N PRO F 273 39.41 0.25 2.88
CA PRO F 273 38.53 -0.90 2.62
C PRO F 273 37.05 -0.59 2.76
N LEU F 274 36.68 0.46 3.51
CA LEU F 274 35.27 0.82 3.59
C LEU F 274 34.72 1.31 2.26
N MET F 275 35.60 1.73 1.34
CA MET F 275 35.19 2.20 0.02
C MET F 275 35.28 1.12 -1.04
N TRP F 276 36.46 0.52 -1.22
CA TRP F 276 36.69 -0.37 -2.35
C TRP F 276 36.44 -1.85 -2.02
N SER F 277 36.42 -2.23 -0.76
CA SER F 277 36.26 -3.64 -0.42
C SER F 277 34.79 -3.99 -0.25
N GLN F 278 34.46 -5.25 -0.54
CA GLN F 278 33.09 -5.70 -0.59
C GLN F 278 32.44 -5.68 0.79
N ARG F 279 31.11 -5.57 0.78
CA ARG F 279 30.32 -5.56 1.99
C ARG F 279 29.82 -6.98 2.29
N LEU F 280 29.23 -7.14 3.48
CA LEU F 280 28.76 -8.45 3.90
C LEU F 280 27.65 -8.95 2.99
N ASN F 281 27.59 -10.27 2.82
CA ASN F 281 26.53 -10.85 2.00
C ASN F 281 25.22 -10.84 2.78
N THR F 282 24.12 -11.16 2.08
CA THR F 282 22.81 -11.07 2.69
C THR F 282 22.60 -12.02 3.87
N PRO F 283 23.11 -13.25 3.89
CA PRO F 283 22.92 -14.07 5.10
C PRO F 283 23.55 -13.46 6.34
N ALA F 284 24.75 -12.88 6.21
CA ALA F 284 25.42 -12.27 7.35
C ALA F 284 24.60 -11.12 7.92
N LEU F 285 24.12 -10.22 7.05
CA LEU F 285 23.35 -9.07 7.52
C LEU F 285 22.07 -9.52 8.23
N GLY F 286 21.35 -10.47 7.63
CA GLY F 286 20.15 -10.98 8.28
C GLY F 286 20.43 -11.56 9.66
N ALA F 287 21.58 -12.23 9.80
CA ALA F 287 22.00 -12.73 11.11
C ALA F 287 22.30 -11.60 12.07
N ILE F 288 22.93 -10.53 11.57
CA ILE F 288 23.26 -9.38 12.41
C ILE F 288 21.99 -8.76 12.98
N ILE F 289 20.95 -8.61 12.15
CA ILE F 289 19.72 -7.99 12.61
C ILE F 289 19.06 -8.87 13.67
N GLU F 290 19.05 -10.18 13.47
CA GLU F 290 18.40 -11.07 14.43
C GLU F 290 19.20 -11.15 15.73
N SER F 291 20.52 -11.21 15.63
CA SER F 291 21.34 -11.20 16.85
C SER F 291 21.20 -9.88 17.59
N ALA F 292 21.06 -8.77 16.86
CA ALA F 292 20.82 -7.49 17.51
C ALA F 292 19.46 -7.48 18.21
N LYS F 293 18.42 -8.01 17.54
CA LYS F 293 17.13 -8.14 18.19
C LYS F 293 17.21 -9.08 19.39
N LEU F 294 18.03 -10.13 19.28
CA LEU F 294 18.19 -11.07 20.38
C LEU F 294 19.02 -10.48 21.51
N HIS F 295 19.96 -9.59 21.19
CA HIS F 295 20.78 -8.97 22.21
C HIS F 295 19.98 -8.03 23.10
N ARG F 296 18.90 -7.45 22.58
CA ARG F 296 18.08 -6.53 23.36
C ARG F 296 16.97 -7.22 24.14
N SER F 297 16.66 -8.48 23.81
CA SER F 297 15.68 -9.25 24.56
C SER F 297 16.29 -9.73 25.87
N GLU F 298 15.49 -10.42 26.68
CA GLU F 298 15.96 -10.98 27.93
C GLU F 298 16.71 -12.30 27.75
N ALA F 299 16.84 -12.79 26.51
CA ALA F 299 17.57 -14.03 26.30
C ALA F 299 19.07 -13.85 26.50
N LEU F 300 19.57 -12.63 26.32
CA LEU F 300 21.00 -12.40 26.40
C LEU F 300 21.52 -12.39 27.85
N PRO F 301 20.89 -11.65 28.78
CA PRO F 301 21.35 -11.74 30.17
C PRO F 301 21.21 -13.14 30.76
N GLU F 302 20.30 -13.96 30.21
CA GLU F 302 20.24 -15.36 30.62
C GLU F 302 21.46 -16.13 30.14
N LEU F 303 21.88 -15.91 28.88
CA LEU F 303 23.09 -16.54 28.39
C LEU F 303 24.33 -16.02 29.11
N GLN F 304 24.31 -14.76 29.54
CA GLN F 304 25.42 -14.25 30.35
C GLN F 304 25.45 -14.91 31.71
N ALA F 305 24.28 -15.22 32.27
CA ALA F 305 24.23 -15.97 33.52
C ALA F 305 24.74 -17.40 33.32
N LYS F 306 24.35 -18.04 32.20
CA LYS F 306 24.85 -19.37 31.91
C LYS F 306 26.36 -19.35 31.68
N LEU F 307 26.90 -18.23 31.18
CA LEU F 307 28.33 -18.13 30.93
C LEU F 307 29.11 -18.04 32.24
N HIS F 308 28.75 -17.09 33.11
CA HIS F 308 29.45 -16.96 34.38
C HIS F 308 29.28 -18.18 35.25
N SER F 309 28.14 -18.88 35.12
CA SER F 309 27.94 -20.14 35.82
C SER F 309 28.98 -21.18 35.38
N ASN F 310 29.19 -21.30 34.07
CA ASN F 310 30.16 -22.26 33.58
C ASN F 310 31.59 -21.83 33.88
N ILE F 311 31.83 -20.52 33.99
CA ILE F 311 33.16 -20.04 34.36
C ILE F 311 33.50 -20.44 35.78
N ALA F 312 32.55 -20.25 36.71
CA ALA F 312 32.79 -20.60 38.11
C ALA F 312 32.98 -22.11 38.28
N LEU F 313 32.19 -22.91 37.55
CA LEU F 313 32.37 -24.36 37.59
C LEU F 313 33.74 -24.77 37.08
N PHE F 314 34.21 -24.10 36.02
CA PHE F 314 35.52 -24.40 35.46
C PHE F 314 36.63 -24.00 36.42
N ASP F 315 36.55 -22.78 36.96
CA ASP F 315 37.59 -22.29 37.87
C ASP F 315 37.68 -23.13 39.13
N GLY F 316 36.55 -23.70 39.58
CA GLY F 316 36.56 -24.54 40.76
C GLY F 316 37.05 -25.95 40.53
N LEU F 317 37.19 -26.36 39.29
CA LEU F 317 37.64 -27.71 38.95
C LEU F 317 39.00 -27.76 38.30
N VAL F 318 39.41 -26.72 37.58
CA VAL F 318 40.63 -26.74 36.78
C VAL F 318 41.46 -25.51 37.12
N ARG F 319 42.74 -25.73 37.44
CA ARG F 319 43.67 -24.65 37.75
C ARG F 319 44.27 -24.16 36.44
N ALA F 320 43.81 -23.01 35.97
CA ALA F 320 44.24 -22.46 34.70
C ALA F 320 44.62 -21.00 34.85
N ALA F 321 45.44 -20.52 33.93
CA ALA F 321 45.84 -19.12 33.93
C ALA F 321 44.61 -18.23 33.68
N GLY F 322 44.54 -17.13 34.41
CA GLY F 322 43.36 -16.29 34.39
C GLY F 322 42.25 -16.73 35.32
N GLN F 323 42.53 -17.65 36.23
CA GLN F 323 41.52 -18.13 37.16
C GLN F 323 40.99 -16.99 38.02
N GLY F 324 39.67 -16.95 38.19
CA GLY F 324 39.02 -15.86 38.89
C GLY F 324 38.57 -14.72 38.00
N ASN F 325 38.77 -14.82 36.69
CA ASN F 325 38.38 -13.76 35.78
C ASN F 325 36.86 -13.75 35.58
N SER F 326 36.38 -12.65 35.01
CA SER F 326 35.08 -12.61 34.37
C SER F 326 35.18 -12.90 32.88
N VAL F 327 36.39 -12.90 32.34
CA VAL F 327 36.62 -13.19 30.92
C VAL F 327 36.63 -14.70 30.72
N PRO F 328 35.88 -15.24 29.75
CA PRO F 328 35.82 -16.68 29.53
C PRO F 328 36.99 -17.23 28.71
N ILE F 329 38.20 -16.82 29.06
CA ILE F 329 39.41 -17.25 28.38
C ILE F 329 40.38 -17.79 29.43
N ARG F 330 40.71 -19.07 29.33
CA ARG F 330 41.64 -19.71 30.24
C ARG F 330 42.81 -20.30 29.46
N TYR F 331 43.96 -20.42 30.13
CA TYR F 331 45.18 -20.91 29.50
C TYR F 331 45.79 -22.00 30.39
N LEU F 332 45.73 -23.24 29.93
CA LEU F 332 46.34 -24.37 30.63
C LEU F 332 47.82 -24.41 30.29
N GLU F 333 48.64 -23.85 31.17
CA GLU F 333 50.08 -23.77 30.90
C GLU F 333 50.72 -25.15 31.03
N LEU F 334 51.44 -25.55 29.98
CA LEU F 334 52.29 -26.74 30.02
C LEU F 334 53.75 -26.44 29.74
N GLY F 335 54.05 -25.32 29.07
CA GLY F 335 55.42 -24.92 28.82
C GLY F 335 56.04 -25.58 27.61
N SER F 336 56.37 -26.87 27.74
CA SER F 336 56.99 -27.60 26.64
C SER F 336 55.99 -27.73 25.49
N GLU F 337 56.47 -27.46 24.26
CA GLU F 337 55.61 -27.58 23.10
C GLU F 337 55.23 -29.03 22.85
N VAL F 338 56.15 -29.97 23.11
CA VAL F 338 55.85 -31.38 22.90
C VAL F 338 54.79 -31.86 23.88
N ASP F 339 54.86 -31.41 25.14
CA ASP F 339 53.84 -31.77 26.10
C ASP F 339 52.50 -31.15 25.76
N THR F 340 52.51 -29.94 25.19
CA THR F 340 51.26 -29.30 24.78
C THR F 340 50.61 -30.05 23.63
N LEU F 341 51.40 -30.44 22.62
CA LEU F 341 50.83 -31.14 21.47
C LEU F 341 50.37 -32.55 21.85
N GLU F 342 51.09 -33.21 22.76
CA GLU F 342 50.70 -34.55 23.18
C GLU F 342 49.50 -34.52 24.11
N ALA F 343 49.38 -33.49 24.95
CA ALA F 343 48.19 -33.36 25.79
C ALA F 343 46.96 -33.02 24.95
N SER F 344 47.12 -32.14 23.96
CA SER F 344 46.02 -31.84 23.06
C SER F 344 45.59 -33.07 22.26
N ALA F 345 46.55 -33.92 21.90
CA ALA F 345 46.21 -35.15 21.21
C ALA F 345 45.54 -36.15 22.15
N TYR F 346 46.00 -36.19 23.41
CA TYR F 346 45.38 -37.10 24.38
C TYR F 346 43.95 -36.68 24.71
N LEU F 347 43.72 -35.38 24.86
CA LEU F 347 42.39 -34.90 25.21
C LEU F 347 41.39 -35.16 24.08
N PHE F 348 41.84 -35.04 22.83
CA PHE F 348 40.93 -35.24 21.71
C PHE F 348 40.46 -36.69 21.63
N ASP F 349 41.35 -37.65 21.88
CA ASP F 349 40.95 -39.05 21.89
C ASP F 349 39.93 -39.33 22.98
N ASN F 350 39.97 -38.58 24.08
CA ASN F 350 39.02 -38.73 25.17
C ASN F 350 37.83 -37.79 25.06
N GLY F 351 37.65 -37.15 23.91
CA GLY F 351 36.44 -36.40 23.65
C GLY F 351 36.48 -34.93 23.98
N PHE F 352 37.64 -34.29 23.95
CA PHE F 352 37.74 -32.87 24.28
C PHE F 352 38.85 -32.24 23.45
N TYR F 353 38.50 -31.24 22.65
CA TYR F 353 39.49 -30.53 21.84
C TYR F 353 39.81 -29.19 22.50
N VAL F 354 41.10 -28.96 22.76
CA VAL F 354 41.62 -27.67 23.20
C VAL F 354 42.75 -27.28 22.25
N GLU F 355 42.69 -26.07 21.72
CA GLU F 355 43.67 -25.69 20.70
C GLU F 355 45.03 -25.44 21.37
N PRO F 356 46.12 -25.97 20.81
CA PRO F 356 47.44 -25.73 21.39
C PRO F 356 48.10 -24.47 20.86
N ASP F 357 48.53 -23.60 21.76
CA ASP F 357 49.27 -22.39 21.39
C ASP F 357 50.76 -22.62 21.65
N PHE F 358 51.55 -22.61 20.58
CA PHE F 358 52.98 -22.86 20.67
C PHE F 358 53.71 -21.78 19.87
N PHE F 359 55.04 -21.77 19.99
CA PHE F 359 55.84 -20.84 19.21
C PHE F 359 55.59 -21.06 17.72
N PRO F 360 55.40 -19.98 16.93
CA PRO F 360 55.53 -18.57 17.31
C PRO F 360 54.24 -17.89 17.78
N ILE F 361 53.16 -18.63 18.04
CA ILE F 361 51.95 -18.01 18.57
C ILE F 361 52.23 -17.41 19.94
N VAL F 362 52.90 -18.17 20.81
CA VAL F 362 53.37 -17.68 22.10
C VAL F 362 54.87 -17.90 22.19
N SER F 363 55.48 -17.43 23.27
CA SER F 363 56.92 -17.57 23.43
C SER F 363 57.30 -19.02 23.72
N ARG F 364 58.58 -19.33 23.51
CA ARG F 364 59.08 -20.65 23.86
C ARG F 364 59.03 -20.85 25.37
N GLY F 365 58.78 -22.09 25.78
CA GLY F 365 58.60 -22.41 27.18
C GLY F 365 57.33 -21.86 27.79
N ALA F 366 56.40 -21.36 26.96
CA ALA F 366 55.13 -20.85 27.43
C ALA F 366 53.97 -21.44 26.64
N ALA F 367 54.17 -22.60 26.03
CA ALA F 367 53.11 -23.25 25.28
C ALA F 367 52.04 -23.79 26.22
N GLY F 368 50.81 -23.79 25.75
CA GLY F 368 49.71 -24.26 26.57
C GLY F 368 48.44 -24.39 25.76
N LEU F 369 47.39 -24.86 26.44
CA LEU F 369 46.09 -25.07 25.83
C LEU F 369 45.19 -23.88 26.13
N ARG F 370 44.65 -23.26 25.09
CA ARG F 370 43.80 -22.08 25.21
C ARG F 370 42.35 -22.54 25.21
N ALA F 371 41.74 -22.58 26.39
CA ALA F 371 40.35 -22.96 26.55
C ALA F 371 39.46 -21.72 26.63
N ARG F 372 38.25 -21.85 26.10
CA ARG F 372 37.29 -20.75 26.08
C ARG F 372 35.94 -21.26 26.55
N ILE F 373 35.41 -20.65 27.60
CA ILE F 373 34.13 -21.04 28.18
C ILE F 373 33.00 -20.45 27.36
N ARG F 374 31.95 -21.24 27.15
CA ARG F 374 30.79 -20.78 26.38
C ARG F 374 29.51 -21.25 27.08
N SER F 375 28.42 -20.53 26.80
CA SER F 375 27.15 -20.84 27.43
C SER F 375 26.61 -22.19 26.98
N SER F 376 26.90 -22.59 25.74
CA SER F 376 26.41 -23.86 25.22
C SER F 376 27.02 -25.07 25.91
N MET F 377 27.99 -24.88 26.80
CA MET F 377 28.52 -25.98 27.59
C MET F 377 27.55 -26.35 28.71
N SER F 378 27.37 -27.65 28.91
CA SER F 378 26.58 -28.14 30.04
C SER F 378 27.48 -28.39 31.24
N THR F 379 26.85 -28.58 32.41
CA THR F 379 27.60 -28.95 33.60
C THR F 379 28.32 -30.28 33.40
N ALA F 380 27.68 -31.22 32.71
CA ALA F 380 28.33 -32.50 32.42
C ALA F 380 29.53 -32.30 31.49
N ASP F 381 29.45 -31.36 30.56
CA ASP F 381 30.57 -31.11 29.65
C ASP F 381 31.82 -30.71 30.43
N ILE F 382 31.68 -29.78 31.37
CA ILE F 382 32.84 -29.24 32.07
C ILE F 382 33.36 -30.23 33.11
N GLU F 383 32.45 -30.89 33.84
CA GLU F 383 32.89 -31.87 34.83
C GLU F 383 33.66 -33.01 34.20
N GLN F 384 33.17 -33.51 33.05
CA GLN F 384 33.86 -34.61 32.39
C GLN F 384 35.22 -34.18 31.85
N PHE F 385 35.35 -32.92 31.43
CA PHE F 385 36.66 -32.43 31.00
C PHE F 385 37.64 -32.38 32.16
N ALA F 386 37.20 -31.88 33.30
CA ALA F 386 38.09 -31.78 34.46
C ALA F 386 38.59 -33.15 34.89
N HIS F 387 37.73 -34.17 34.79
CA HIS F 387 38.16 -35.52 35.13
C HIS F 387 39.21 -36.02 34.15
N VAL F 388 38.95 -35.90 32.85
CA VAL F 388 39.92 -36.32 31.86
C VAL F 388 41.21 -35.50 31.99
N TRP F 389 41.09 -34.22 32.33
CA TRP F 389 42.27 -33.38 32.50
C TRP F 389 43.07 -33.80 33.72
N HIS F 390 42.39 -34.11 34.82
CA HIS F 390 43.11 -34.50 36.04
C HIS F 390 43.73 -35.88 35.89
N LYS F 391 43.02 -36.82 35.24
CA LYS F 391 43.59 -38.14 35.02
C LYS F 391 44.86 -38.07 34.17
N LEU F 392 44.97 -37.04 33.31
CA LEU F 392 46.22 -36.82 32.59
C LEU F 392 47.36 -36.49 33.54
N GLY F 393 47.04 -35.91 34.70
CA GLY F 393 48.05 -35.69 35.72
C GLY F 393 48.68 -36.96 36.24
N VAL F 394 47.98 -38.09 36.13
CA VAL F 394 48.52 -39.40 36.48
C VAL F 394 48.58 -40.33 35.29
N ASP F 395 48.12 -39.89 34.12
CA ASP F 395 48.13 -40.68 32.88
C ASP F 395 47.34 -41.98 33.04
#